data_7GA8
# 
_entry.id   7GA8 
# 
_audit_conform.dict_name       mmcif_pdbx.dic 
_audit_conform.dict_version    5.396 
_audit_conform.dict_location   http://mmcif.pdb.org/dictionaries/ascii/mmcif_pdbx.dic 
# 
loop_
_database_2.database_id 
_database_2.database_code 
_database_2.pdbx_database_accession 
_database_2.pdbx_DOI 
PDB   7GA8         pdb_00007ga8 10.2210/pdb7ga8/pdb 
WWPDB D_1001405929 ?            ?                   
# 
_pdbx_audit_revision_history.ordinal             1 
_pdbx_audit_revision_history.data_content_type   'Structure model' 
_pdbx_audit_revision_history.major_revision      1 
_pdbx_audit_revision_history.minor_revision      0 
_pdbx_audit_revision_history.revision_date       2024-09-04 
# 
_pdbx_audit_revision_details.ordinal             1 
_pdbx_audit_revision_details.revision_ordinal    1 
_pdbx_audit_revision_details.data_content_type   'Structure model' 
_pdbx_audit_revision_details.provider            repository 
_pdbx_audit_revision_details.type                'Initial release' 
_pdbx_audit_revision_details.description         ? 
_pdbx_audit_revision_details.details             ? 
# 
_pdbx_database_status.entry_id                        7GA8 
_pdbx_database_status.status_code                     REL 
_pdbx_database_status.status_code_sf                  REL 
_pdbx_database_status.status_code_mr                  ? 
_pdbx_database_status.status_code_cs                  ? 
_pdbx_database_status.recvd_initial_deposition_date   2023-08-10 
_pdbx_database_status.status_code_nmr_data            ? 
_pdbx_database_status.deposit_site                    RCSB 
_pdbx_database_status.process_site                    RCSB 
_pdbx_database_status.SG_entry                        ? 
_pdbx_database_status.pdb_format_compatible           Y 
_pdbx_database_status.methods_development_category    ? 
# 
_pdbx_contact_author.id                 1 
_pdbx_contact_author.email              knapp@pharmchem.uni-frankfurt.de 
_pdbx_contact_author.name_first         Stefan 
_pdbx_contact_author.name_last          Knapp 
_pdbx_contact_author.role               'principal investigator/group leader' 
_pdbx_contact_author.identifier_ORCID   0000-0001-5995-6494 
_pdbx_contact_author.name_mi            ? 
# 
loop_
_audit_author.name 
_audit_author.pdbx_ordinal 
_audit_author.identifier_ORCID 
'Kumar, A.'                            1 ? 
'Marples, P.G.'                        2 ? 
'Tomlinson, C.W.E.'                    3 ? 
'Fearon, D.'                           4 ? 
'von-Delft, F.'                        5 ? 
'Knapp, S.'                            6 ? 
'Structural Genomics Consortium (SGC)' 7 ? 
# 
_citation.id                        primary 
_citation.title                     'PanDDA analysis group deposition' 
_citation.journal_abbrev            'To Be Published' 
_citation.journal_volume            ? 
_citation.page_first                ? 
_citation.page_last                 ? 
_citation.year                      ? 
_citation.journal_id_ASTM           ? 
_citation.country                   ? 
_citation.journal_id_ISSN           ? 
_citation.journal_id_CSD            0353 
_citation.book_publisher            ? 
_citation.pdbx_database_id_PubMed   ? 
_citation.pdbx_database_id_DOI      ? 
# 
loop_
_citation_author.citation_id 
_citation_author.name 
_citation_author.identifier_ORCID 
_citation_author.ordinal 
primary 'Kumar, A.'                            ? 1 
primary 'Knapp, S.'                            ? 2 
primary 'Structural Genomics Consortium (SGC)' ? 3 
# 
loop_
_entity.id 
_entity.type 
_entity.src_method 
_entity.pdbx_description 
_entity.formula_weight 
_entity.pdbx_number_of_molecules 
_entity.pdbx_ec 
_entity.pdbx_mutation 
_entity.pdbx_fragment 
_entity.details 
1 polymer     man 'Microtubule-associated proteins 1A/1B light chain 3B' 14237.361 1  ? TruncationafterGly120 ? ? 
2 non-polymer syn 1H-indazole-3-carbonitrile                             143.145   1  ? ?                     ? ? 
3 non-polymer syn 1,2-ETHANEDIOL                                         62.068    8  ? ?                     ? ? 
4 non-polymer syn 'CHLORIDE ION'                                         35.453    1  ? ?                     ? ? 
5 water       nat water                                                  18.015    93 ? ?                     ? ? 
# 
_entity_name_com.entity_id   1 
_entity_name_com.name        
;Autophagy-related protein LC3 B,Autophagy-related ubiquitin-like modifier LC3 B,MAP1 light chain 3-like protein 2,MAP1A/MAP1B light chain 3 B,MAP1A/MAP1B LC3 B,Microtubule-associated protein 1 light chain 3 beta
;
# 
_entity_poly.entity_id                      1 
_entity_poly.type                           'polypeptide(L)' 
_entity_poly.nstd_linkage                   no 
_entity_poly.nstd_monomer                   no 
_entity_poly.pdbx_seq_one_letter_code       
;SMPSEKTFKQRRTFEQRVEDVRLIREQHPTKIPVIIERYKGEKQLPVLDKTKFLVPDHVNMSELIKIIRRRLQLNANQAF
FLLVNGHSMVSVSTPISEVYESEKDEDGFLYMVYASQETFG
;
_entity_poly.pdbx_seq_one_letter_code_can   
;SMPSEKTFKQRRTFEQRVEDVRLIREQHPTKIPVIIERYKGEKQLPVLDKTKFLVPDHVNMSELIKIIRRRLQLNANQAF
FLLVNGHSMVSVSTPISEVYESEKDEDGFLYMVYASQETFG
;
_entity_poly.pdbx_strand_id                 A 
_entity_poly.pdbx_target_identifier         ? 
# 
loop_
_pdbx_entity_nonpoly.entity_id 
_pdbx_entity_nonpoly.name 
_pdbx_entity_nonpoly.comp_id 
2 1H-indazole-3-carbonitrile K4R 
3 1,2-ETHANEDIOL             EDO 
4 'CHLORIDE ION'             CL  
5 water                      HOH 
# 
loop_
_entity_poly_seq.entity_id 
_entity_poly_seq.num 
_entity_poly_seq.mon_id 
_entity_poly_seq.hetero 
1 1   SER n 
1 2   MET n 
1 3   PRO n 
1 4   SER n 
1 5   GLU n 
1 6   LYS n 
1 7   THR n 
1 8   PHE n 
1 9   LYS n 
1 10  GLN n 
1 11  ARG n 
1 12  ARG n 
1 13  THR n 
1 14  PHE n 
1 15  GLU n 
1 16  GLN n 
1 17  ARG n 
1 18  VAL n 
1 19  GLU n 
1 20  ASP n 
1 21  VAL n 
1 22  ARG n 
1 23  LEU n 
1 24  ILE n 
1 25  ARG n 
1 26  GLU n 
1 27  GLN n 
1 28  HIS n 
1 29  PRO n 
1 30  THR n 
1 31  LYS n 
1 32  ILE n 
1 33  PRO n 
1 34  VAL n 
1 35  ILE n 
1 36  ILE n 
1 37  GLU n 
1 38  ARG n 
1 39  TYR n 
1 40  LYS n 
1 41  GLY n 
1 42  GLU n 
1 43  LYS n 
1 44  GLN n 
1 45  LEU n 
1 46  PRO n 
1 47  VAL n 
1 48  LEU n 
1 49  ASP n 
1 50  LYS n 
1 51  THR n 
1 52  LYS n 
1 53  PHE n 
1 54  LEU n 
1 55  VAL n 
1 56  PRO n 
1 57  ASP n 
1 58  HIS n 
1 59  VAL n 
1 60  ASN n 
1 61  MET n 
1 62  SER n 
1 63  GLU n 
1 64  LEU n 
1 65  ILE n 
1 66  LYS n 
1 67  ILE n 
1 68  ILE n 
1 69  ARG n 
1 70  ARG n 
1 71  ARG n 
1 72  LEU n 
1 73  GLN n 
1 74  LEU n 
1 75  ASN n 
1 76  ALA n 
1 77  ASN n 
1 78  GLN n 
1 79  ALA n 
1 80  PHE n 
1 81  PHE n 
1 82  LEU n 
1 83  LEU n 
1 84  VAL n 
1 85  ASN n 
1 86  GLY n 
1 87  HIS n 
1 88  SER n 
1 89  MET n 
1 90  VAL n 
1 91  SER n 
1 92  VAL n 
1 93  SER n 
1 94  THR n 
1 95  PRO n 
1 96  ILE n 
1 97  SER n 
1 98  GLU n 
1 99  VAL n 
1 100 TYR n 
1 101 GLU n 
1 102 SER n 
1 103 GLU n 
1 104 LYS n 
1 105 ASP n 
1 106 GLU n 
1 107 ASP n 
1 108 GLY n 
1 109 PHE n 
1 110 LEU n 
1 111 TYR n 
1 112 MET n 
1 113 VAL n 
1 114 TYR n 
1 115 ALA n 
1 116 SER n 
1 117 GLN n 
1 118 GLU n 
1 119 THR n 
1 120 PHE n 
1 121 GLY n 
# 
_entity_src_gen.entity_id                          1 
_entity_src_gen.pdbx_src_id                        1 
_entity_src_gen.pdbx_alt_source_flag               sample 
_entity_src_gen.pdbx_seq_type                      'Biological sequence' 
_entity_src_gen.pdbx_beg_seq_num                   1 
_entity_src_gen.pdbx_end_seq_num                   121 
_entity_src_gen.gene_src_common_name               human 
_entity_src_gen.gene_src_genus                     ? 
_entity_src_gen.pdbx_gene_src_gene                 'MAP1LC3B, MAP1ALC3' 
_entity_src_gen.gene_src_species                   ? 
_entity_src_gen.gene_src_strain                    ? 
_entity_src_gen.gene_src_tissue                    ? 
_entity_src_gen.gene_src_tissue_fraction           ? 
_entity_src_gen.gene_src_details                   ? 
_entity_src_gen.pdbx_gene_src_fragment             ? 
_entity_src_gen.pdbx_gene_src_scientific_name      'Homo sapiens' 
_entity_src_gen.pdbx_gene_src_ncbi_taxonomy_id     9606 
_entity_src_gen.pdbx_gene_src_variant              ? 
_entity_src_gen.pdbx_gene_src_cell_line            ? 
_entity_src_gen.pdbx_gene_src_atcc                 ? 
_entity_src_gen.pdbx_gene_src_organ                ? 
_entity_src_gen.pdbx_gene_src_organelle            ? 
_entity_src_gen.pdbx_gene_src_cell                 ? 
_entity_src_gen.pdbx_gene_src_cellular_location    ? 
_entity_src_gen.host_org_common_name               ? 
_entity_src_gen.pdbx_host_org_scientific_name      'Escherichia coli' 
_entity_src_gen.pdbx_host_org_ncbi_taxonomy_id     562 
_entity_src_gen.host_org_genus                     ? 
_entity_src_gen.pdbx_host_org_gene                 ? 
_entity_src_gen.pdbx_host_org_organ                ? 
_entity_src_gen.host_org_species                   ? 
_entity_src_gen.pdbx_host_org_tissue               ? 
_entity_src_gen.pdbx_host_org_tissue_fraction      ? 
_entity_src_gen.pdbx_host_org_strain               ? 
_entity_src_gen.pdbx_host_org_variant              ? 
_entity_src_gen.pdbx_host_org_cell_line            ? 
_entity_src_gen.pdbx_host_org_atcc                 ? 
_entity_src_gen.pdbx_host_org_culture_collection   ? 
_entity_src_gen.pdbx_host_org_cell                 ? 
_entity_src_gen.pdbx_host_org_organelle            ? 
_entity_src_gen.pdbx_host_org_cellular_location    ? 
_entity_src_gen.pdbx_host_org_vector_type          ? 
_entity_src_gen.pdbx_host_org_vector               ? 
_entity_src_gen.host_org_details                   ? 
_entity_src_gen.expression_system_id               ? 
_entity_src_gen.plasmid_name                       ? 
_entity_src_gen.plasmid_details                    ? 
_entity_src_gen.pdbx_description                   ? 
# 
loop_
_chem_comp.id 
_chem_comp.type 
_chem_comp.mon_nstd_flag 
_chem_comp.name 
_chem_comp.pdbx_synonyms 
_chem_comp.formula 
_chem_comp.formula_weight 
ALA 'L-peptide linking' y ALANINE                    ?                 'C3 H7 N O2'     89.093  
ARG 'L-peptide linking' y ARGININE                   ?                 'C6 H15 N4 O2 1' 175.209 
ASN 'L-peptide linking' y ASPARAGINE                 ?                 'C4 H8 N2 O3'    132.118 
ASP 'L-peptide linking' y 'ASPARTIC ACID'            ?                 'C4 H7 N O4'     133.103 
CL  non-polymer         . 'CHLORIDE ION'             ?                 'Cl -1'          35.453  
EDO non-polymer         . 1,2-ETHANEDIOL             'ETHYLENE GLYCOL' 'C2 H6 O2'       62.068  
GLN 'L-peptide linking' y GLUTAMINE                  ?                 'C5 H10 N2 O3'   146.144 
GLU 'L-peptide linking' y 'GLUTAMIC ACID'            ?                 'C5 H9 N O4'     147.129 
GLY 'peptide linking'   y GLYCINE                    ?                 'C2 H5 N O2'     75.067  
HIS 'L-peptide linking' y HISTIDINE                  ?                 'C6 H10 N3 O2 1' 156.162 
HOH non-polymer         . WATER                      ?                 'H2 O'           18.015  
ILE 'L-peptide linking' y ISOLEUCINE                 ?                 'C6 H13 N O2'    131.173 
K4R non-polymer         . 1H-indazole-3-carbonitrile ?                 'C8 H5 N3'       143.145 
LEU 'L-peptide linking' y LEUCINE                    ?                 'C6 H13 N O2'    131.173 
LYS 'L-peptide linking' y LYSINE                     ?                 'C6 H15 N2 O2 1' 147.195 
MET 'L-peptide linking' y METHIONINE                 ?                 'C5 H11 N O2 S'  149.211 
PHE 'L-peptide linking' y PHENYLALANINE              ?                 'C9 H11 N O2'    165.189 
PRO 'L-peptide linking' y PROLINE                    ?                 'C5 H9 N O2'     115.130 
SER 'L-peptide linking' y SERINE                     ?                 'C3 H7 N O3'     105.093 
THR 'L-peptide linking' y THREONINE                  ?                 'C4 H9 N O3'     119.119 
TYR 'L-peptide linking' y TYROSINE                   ?                 'C9 H11 N O3'    181.189 
VAL 'L-peptide linking' y VALINE                     ?                 'C5 H11 N O2'    117.146 
# 
loop_
_pdbx_poly_seq_scheme.asym_id 
_pdbx_poly_seq_scheme.entity_id 
_pdbx_poly_seq_scheme.seq_id 
_pdbx_poly_seq_scheme.mon_id 
_pdbx_poly_seq_scheme.ndb_seq_num 
_pdbx_poly_seq_scheme.pdb_seq_num 
_pdbx_poly_seq_scheme.auth_seq_num 
_pdbx_poly_seq_scheme.pdb_mon_id 
_pdbx_poly_seq_scheme.auth_mon_id 
_pdbx_poly_seq_scheme.pdb_strand_id 
_pdbx_poly_seq_scheme.pdb_ins_code 
_pdbx_poly_seq_scheme.hetero 
A 1 1   SER 1   0   ?   ?   ?   A . n 
A 1 2   MET 2   1   ?   ?   ?   A . n 
A 1 3   PRO 3   2   ?   ?   ?   A . n 
A 1 4   SER 4   3   ?   ?   ?   A . n 
A 1 5   GLU 5   4   ?   ?   ?   A . n 
A 1 6   LYS 6   5   5   LYS LYS A . n 
A 1 7   THR 7   6   6   THR THR A . n 
A 1 8   PHE 8   7   7   PHE PHE A . n 
A 1 9   LYS 9   8   8   LYS LYS A . n 
A 1 10  GLN 10  9   9   GLN GLN A . n 
A 1 11  ARG 11  10  10  ARG ARG A . n 
A 1 12  ARG 12  11  11  ARG ARG A . n 
A 1 13  THR 13  12  12  THR THR A . n 
A 1 14  PHE 14  13  13  PHE PHE A . n 
A 1 15  GLU 15  14  14  GLU GLU A . n 
A 1 16  GLN 16  15  15  GLN GLN A . n 
A 1 17  ARG 17  16  16  ARG ARG A . n 
A 1 18  VAL 18  17  17  VAL VAL A . n 
A 1 19  GLU 19  18  18  GLU GLU A . n 
A 1 20  ASP 20  19  19  ASP ASP A . n 
A 1 21  VAL 21  20  20  VAL VAL A . n 
A 1 22  ARG 22  21  21  ARG ARG A . n 
A 1 23  LEU 23  22  22  LEU LEU A . n 
A 1 24  ILE 24  23  23  ILE ILE A . n 
A 1 25  ARG 25  24  24  ARG ARG A . n 
A 1 26  GLU 26  25  25  GLU GLU A . n 
A 1 27  GLN 27  26  26  GLN GLN A . n 
A 1 28  HIS 28  27  27  HIS HIS A . n 
A 1 29  PRO 29  28  28  PRO PRO A . n 
A 1 30  THR 30  29  29  THR THR A . n 
A 1 31  LYS 31  30  30  LYS LYS A . n 
A 1 32  ILE 32  31  31  ILE ILE A . n 
A 1 33  PRO 33  32  32  PRO PRO A . n 
A 1 34  VAL 34  33  33  VAL VAL A . n 
A 1 35  ILE 35  34  34  ILE ILE A . n 
A 1 36  ILE 36  35  35  ILE ILE A . n 
A 1 37  GLU 37  36  36  GLU GLU A . n 
A 1 38  ARG 38  37  37  ARG ARG A . n 
A 1 39  TYR 39  38  38  TYR TYR A . n 
A 1 40  LYS 40  39  39  LYS LYS A . n 
A 1 41  GLY 41  40  40  GLY GLY A . n 
A 1 42  GLU 42  41  41  GLU GLU A . n 
A 1 43  LYS 43  42  42  LYS LYS A . n 
A 1 44  GLN 44  43  43  GLN GLN A . n 
A 1 45  LEU 45  44  44  LEU LEU A . n 
A 1 46  PRO 46  45  45  PRO PRO A . n 
A 1 47  VAL 47  46  46  VAL VAL A . n 
A 1 48  LEU 48  47  47  LEU LEU A . n 
A 1 49  ASP 49  48  48  ASP ASP A . n 
A 1 50  LYS 50  49  49  LYS LYS A . n 
A 1 51  THR 51  50  50  THR THR A . n 
A 1 52  LYS 52  51  51  LYS LYS A . n 
A 1 53  PHE 53  52  52  PHE PHE A . n 
A 1 54  LEU 54  53  53  LEU LEU A . n 
A 1 55  VAL 55  54  54  VAL VAL A . n 
A 1 56  PRO 56  55  55  PRO PRO A . n 
A 1 57  ASP 57  56  56  ASP ASP A . n 
A 1 58  HIS 58  57  57  HIS HIS A . n 
A 1 59  VAL 59  58  58  VAL VAL A . n 
A 1 60  ASN 60  59  59  ASN ASN A . n 
A 1 61  MET 61  60  60  MET MET A . n 
A 1 62  SER 62  61  61  SER SER A . n 
A 1 63  GLU 63  62  62  GLU GLU A . n 
A 1 64  LEU 64  63  63  LEU LEU A . n 
A 1 65  ILE 65  64  64  ILE ILE A . n 
A 1 66  LYS 66  65  65  LYS LYS A . n 
A 1 67  ILE 67  66  66  ILE ILE A . n 
A 1 68  ILE 68  67  67  ILE ILE A . n 
A 1 69  ARG 69  68  68  ARG ARG A . n 
A 1 70  ARG 70  69  69  ARG ARG A . n 
A 1 71  ARG 71  70  70  ARG ARG A . n 
A 1 72  LEU 72  71  71  LEU LEU A . n 
A 1 73  GLN 73  72  72  GLN GLN A . n 
A 1 74  LEU 74  73  73  LEU LEU A . n 
A 1 75  ASN 75  74  74  ASN ASN A . n 
A 1 76  ALA 76  75  75  ALA ALA A . n 
A 1 77  ASN 77  76  76  ASN ASN A . n 
A 1 78  GLN 78  77  77  GLN GLN A . n 
A 1 79  ALA 79  78  78  ALA ALA A . n 
A 1 80  PHE 80  79  79  PHE PHE A . n 
A 1 81  PHE 81  80  80  PHE PHE A . n 
A 1 82  LEU 82  81  81  LEU LEU A . n 
A 1 83  LEU 83  82  82  LEU LEU A . n 
A 1 84  VAL 84  83  83  VAL VAL A . n 
A 1 85  ASN 85  84  84  ASN ASN A . n 
A 1 86  GLY 86  85  85  GLY GLY A . n 
A 1 87  HIS 87  86  86  HIS HIS A . n 
A 1 88  SER 88  87  87  SER SER A . n 
A 1 89  MET 89  88  88  MET MET A . n 
A 1 90  VAL 90  89  89  VAL VAL A . n 
A 1 91  SER 91  90  90  SER SER A . n 
A 1 92  VAL 92  91  91  VAL VAL A . n 
A 1 93  SER 93  92  92  SER SER A . n 
A 1 94  THR 94  93  93  THR THR A . n 
A 1 95  PRO 95  94  94  PRO PRO A . n 
A 1 96  ILE 96  95  95  ILE ILE A . n 
A 1 97  SER 97  96  96  SER SER A . n 
A 1 98  GLU 98  97  97  GLU GLU A . n 
A 1 99  VAL 99  98  98  VAL VAL A . n 
A 1 100 TYR 100 99  99  TYR TYR A . n 
A 1 101 GLU 101 100 100 GLU GLU A . n 
A 1 102 SER 102 101 101 SER SER A . n 
A 1 103 GLU 103 102 102 GLU GLU A . n 
A 1 104 LYS 104 103 103 LYS LYS A . n 
A 1 105 ASP 105 104 104 ASP ASP A . n 
A 1 106 GLU 106 105 105 GLU GLU A . n 
A 1 107 ASP 107 106 106 ASP ASP A . n 
A 1 108 GLY 108 107 107 GLY GLY A . n 
A 1 109 PHE 109 108 108 PHE PHE A . n 
A 1 110 LEU 110 109 109 LEU LEU A . n 
A 1 111 TYR 111 110 110 TYR TYR A . n 
A 1 112 MET 112 111 111 MET MET A . n 
A 1 113 VAL 113 112 112 VAL VAL A . n 
A 1 114 TYR 114 113 113 TYR TYR A . n 
A 1 115 ALA 115 114 114 ALA ALA A . n 
A 1 116 SER 116 115 115 SER SER A . n 
A 1 117 GLN 117 116 116 GLN GLN A . n 
A 1 118 GLU 118 117 117 GLU GLU A . n 
A 1 119 THR 119 118 118 THR THR A . n 
A 1 120 PHE 120 119 119 PHE PHE A . n 
A 1 121 GLY 121 120 ?   ?   ?   A . n 
# 
_pdbx_entity_instance_feature.ordinal        1 
_pdbx_entity_instance_feature.comp_id        K4R 
_pdbx_entity_instance_feature.asym_id        ? 
_pdbx_entity_instance_feature.seq_num        ? 
_pdbx_entity_instance_feature.auth_comp_id   K4R 
_pdbx_entity_instance_feature.auth_asym_id   ? 
_pdbx_entity_instance_feature.auth_seq_num   ? 
_pdbx_entity_instance_feature.feature_type   'SUBJECT OF INVESTIGATION' 
_pdbx_entity_instance_feature.details        ? 
# 
loop_
_pdbx_nonpoly_scheme.asym_id 
_pdbx_nonpoly_scheme.entity_id 
_pdbx_nonpoly_scheme.mon_id 
_pdbx_nonpoly_scheme.ndb_seq_num 
_pdbx_nonpoly_scheme.pdb_seq_num 
_pdbx_nonpoly_scheme.auth_seq_num 
_pdbx_nonpoly_scheme.pdb_mon_id 
_pdbx_nonpoly_scheme.auth_mon_id 
_pdbx_nonpoly_scheme.pdb_strand_id 
_pdbx_nonpoly_scheme.pdb_ins_code 
B 2 K4R 1  201 201 K4R LIG A . 
C 3 EDO 1  202 105 EDO EDO A . 
D 3 EDO 1  203 107 EDO EDO A . 
E 3 EDO 1  204 108 EDO EDO A . 
F 3 EDO 1  205 109 EDO EDO A . 
G 3 EDO 1  206 110 EDO EDO A . 
H 3 EDO 1  207 111 EDO EDO A . 
I 3 EDO 1  208 112 EDO EDO A . 
J 3 EDO 1  209 113 EDO EDO A . 
K 4 CL  1  210 114 CL  CL  A . 
L 5 HOH 1  301 56  HOH HOH A . 
L 5 HOH 2  302 62  HOH HOH A . 
L 5 HOH 3  303 82  HOH HOH A . 
L 5 HOH 4  304 27  HOH HOH A . 
L 5 HOH 5  305 33  HOH HOH A . 
L 5 HOH 6  306 10  HOH HOH A . 
L 5 HOH 7  307 40  HOH HOH A . 
L 5 HOH 8  308 48  HOH HOH A . 
L 5 HOH 9  309 19  HOH HOH A . 
L 5 HOH 10 310 17  HOH HOH A . 
L 5 HOH 11 311 84  HOH HOH A . 
L 5 HOH 12 312 9   HOH HOH A . 
L 5 HOH 13 313 18  HOH HOH A . 
L 5 HOH 14 314 43  HOH HOH A . 
L 5 HOH 15 315 86  HOH HOH A . 
L 5 HOH 16 316 59  HOH HOH A . 
L 5 HOH 17 317 64  HOH HOH A . 
L 5 HOH 18 318 38  HOH HOH A . 
L 5 HOH 19 319 34  HOH HOH A . 
L 5 HOH 20 320 49  HOH HOH A . 
L 5 HOH 21 321 4   HOH HOH A . 
L 5 HOH 22 322 16  HOH HOH A . 
L 5 HOH 23 323 89  HOH HOH A . 
L 5 HOH 24 324 20  HOH HOH A . 
L 5 HOH 25 325 21  HOH HOH A . 
L 5 HOH 26 326 35  HOH HOH A . 
L 5 HOH 27 327 55  HOH HOH A . 
L 5 HOH 28 328 52  HOH HOH A . 
L 5 HOH 29 329 8   HOH HOH A . 
L 5 HOH 30 330 42  HOH HOH A . 
L 5 HOH 31 331 51  HOH HOH A . 
L 5 HOH 32 332 2   HOH HOH A . 
L 5 HOH 33 333 32  HOH HOH A . 
L 5 HOH 34 334 53  HOH HOH A . 
L 5 HOH 35 335 44  HOH HOH A . 
L 5 HOH 36 336 83  HOH HOH A . 
L 5 HOH 37 337 22  HOH HOH A . 
L 5 HOH 38 338 91  HOH HOH A . 
L 5 HOH 39 339 69  HOH HOH A . 
L 5 HOH 40 340 12  HOH HOH A . 
L 5 HOH 41 341 45  HOH HOH A . 
L 5 HOH 42 342 25  HOH HOH A . 
L 5 HOH 43 343 31  HOH HOH A . 
L 5 HOH 44 344 1   HOH HOH A . 
L 5 HOH 45 345 13  HOH HOH A . 
L 5 HOH 46 346 79  HOH HOH A . 
L 5 HOH 47 347 5   HOH HOH A . 
L 5 HOH 48 348 7   HOH HOH A . 
L 5 HOH 49 349 87  HOH HOH A . 
L 5 HOH 50 350 14  HOH HOH A . 
L 5 HOH 51 351 54  HOH HOH A . 
L 5 HOH 52 352 11  HOH HOH A . 
L 5 HOH 53 353 73  HOH HOH A . 
L 5 HOH 54 354 60  HOH HOH A . 
L 5 HOH 55 355 75  HOH HOH A . 
L 5 HOH 56 356 23  HOH HOH A . 
L 5 HOH 57 357 15  HOH HOH A . 
L 5 HOH 58 358 24  HOH HOH A . 
L 5 HOH 59 359 57  HOH HOH A . 
L 5 HOH 60 360 93  HOH HOH A . 
L 5 HOH 61 361 41  HOH HOH A . 
L 5 HOH 62 362 92  HOH HOH A . 
L 5 HOH 63 363 71  HOH HOH A . 
L 5 HOH 64 364 74  HOH HOH A . 
L 5 HOH 65 365 67  HOH HOH A . 
L 5 HOH 66 366 6   HOH HOH A . 
L 5 HOH 67 367 47  HOH HOH A . 
L 5 HOH 68 368 46  HOH HOH A . 
L 5 HOH 69 369 36  HOH HOH A . 
L 5 HOH 70 370 77  HOH HOH A . 
L 5 HOH 71 371 30  HOH HOH A . 
L 5 HOH 72 372 66  HOH HOH A . 
L 5 HOH 73 373 72  HOH HOH A . 
L 5 HOH 74 374 63  HOH HOH A . 
L 5 HOH 75 375 80  HOH HOH A . 
L 5 HOH 76 376 58  HOH HOH A . 
L 5 HOH 77 377 68  HOH HOH A . 
L 5 HOH 78 378 94  HOH HOH A . 
L 5 HOH 79 379 76  HOH HOH A . 
L 5 HOH 80 380 37  HOH HOH A . 
L 5 HOH 81 381 26  HOH HOH A . 
L 5 HOH 82 382 85  HOH HOH A . 
L 5 HOH 83 383 90  HOH HOH A . 
L 5 HOH 84 384 29  HOH HOH A . 
L 5 HOH 85 385 78  HOH HOH A . 
L 5 HOH 86 386 81  HOH HOH A . 
L 5 HOH 87 387 28  HOH HOH A . 
L 5 HOH 88 388 61  HOH HOH A . 
L 5 HOH 89 389 65  HOH HOH A . 
L 5 HOH 90 390 88  HOH HOH A . 
L 5 HOH 91 391 70  HOH HOH A . 
L 5 HOH 92 392 50  HOH HOH A . 
L 5 HOH 93 393 39  HOH HOH A . 
# 
loop_
_pdbx_unobs_or_zero_occ_atoms.id 
_pdbx_unobs_or_zero_occ_atoms.PDB_model_num 
_pdbx_unobs_or_zero_occ_atoms.polymer_flag 
_pdbx_unobs_or_zero_occ_atoms.occupancy_flag 
_pdbx_unobs_or_zero_occ_atoms.auth_asym_id 
_pdbx_unobs_or_zero_occ_atoms.auth_comp_id 
_pdbx_unobs_or_zero_occ_atoms.auth_seq_id 
_pdbx_unobs_or_zero_occ_atoms.PDB_ins_code 
_pdbx_unobs_or_zero_occ_atoms.auth_atom_id 
_pdbx_unobs_or_zero_occ_atoms.label_alt_id 
_pdbx_unobs_or_zero_occ_atoms.label_asym_id 
_pdbx_unobs_or_zero_occ_atoms.label_comp_id 
_pdbx_unobs_or_zero_occ_atoms.label_seq_id 
_pdbx_unobs_or_zero_occ_atoms.label_atom_id 
1 1 Y 1 A GLN 116 ? CG  ? A GLN 117 CG  
2 1 Y 1 A GLN 116 ? CD  ? A GLN 117 CD  
3 1 Y 1 A GLN 116 ? OE1 ? A GLN 117 OE1 
4 1 Y 1 A GLN 116 ? NE2 ? A GLN 117 NE2 
5 1 Y 1 A THR 118 ? OG1 ? A THR 119 OG1 
6 1 Y 1 A THR 118 ? CG2 ? A THR 119 CG2 
# 
loop_
_software.pdbx_ordinal 
_software.name 
_software.version 
_software.date 
_software.type 
_software.contact_author 
_software.contact_author_email 
_software.classification 
_software.location 
_software.language 
_software.citation_id 
1 REFMAC      5.8.0267 ?               program 'Garib N. Murshudov' garib@ysbl.york.ac.uk    refinement        
http://www.ccp4.ac.uk/dist/html/refmac5.html        Fortran_77 ? 
2 Aimless     0.7.7    23/04/21        program 'Phil Evans'         ?                        'data scaling'    
http://www.mrc-lmb.cam.ac.uk/harry/pre/aimless.html ?          ? 
3 PDB_EXTRACT 3.23     'SEP. 23, 2016' package PDB                  deposit@deposit.rcsb.org 'data extraction' 
http://sw-tools.pdb.org/apps/PDB_EXTRACT/           C++        ? 
4 XDS         .        ?               program ?                    ?                        'data reduction'  ? ?          ? 
5 REFMAC      .        ?               program ?                    ?                        phasing           ? ?          ? 
# 
_cell.entry_id           7GA8 
_cell.length_a           60.829 
_cell.length_b           60.829 
_cell.length_c           35.527 
_cell.angle_alpha        90.000 
_cell.angle_beta         90.000 
_cell.angle_gamma        90.000 
_cell.Z_PDB              4 
_cell.pdbx_unique_axis   ? 
# 
_symmetry.entry_id                         7GA8 
_symmetry.space_group_name_H-M             'P 43' 
_symmetry.pdbx_full_space_group_name_H-M   ? 
_symmetry.cell_setting                     ? 
_symmetry.Int_Tables_number                78 
# 
_exptl.crystals_number   1 
_exptl.entry_id          7GA8 
_exptl.method            'X-RAY DIFFRACTION' 
# 
_exptl_crystal.id                    1 
_exptl_crystal.pdbx_mosaicity        0.000 
_exptl_crystal.pdbx_mosaicity_esd    ? 
_exptl_crystal.density_Matthews      2.22 
_exptl_crystal.density_diffrn        ? 
_exptl_crystal.density_meas          ? 
_exptl_crystal.density_meas_temp     ? 
_exptl_crystal.density_percent_sol   44.62 
_exptl_crystal.size_max              ? 
_exptl_crystal.size_mid              ? 
_exptl_crystal.size_min              ? 
_exptl_crystal.size_rad              ? 
_exptl_crystal.description           ? 
_exptl_crystal.preparation           ? 
# 
_exptl_crystal_grow.crystal_id      1 
_exptl_crystal_grow.method          'VAPOR DIFFUSION, SITTING DROP' 
_exptl_crystal_grow.pH              4.7 
_exptl_crystal_grow.temp            293 
_exptl_crystal_grow.pdbx_details    '36% PEG 8000, 0.1M acetate pH 4.7' 
_exptl_crystal_grow.temp_details    ? 
_exptl_crystal_grow.pdbx_pH_range   ? 
# 
_diffrn.id                               1 
_diffrn.ambient_temp                     100 
_diffrn.crystal_id                       1 
_diffrn.ambient_temp_details             ? 
_diffrn.pdbx_serial_crystal_experiment   ? 
# 
_diffrn_detector.detector               PIXEL 
_diffrn_detector.type                   'DECTRIS PILATUS 6M' 
_diffrn_detector.pdbx_collection_date   2023-02-08 
_diffrn_detector.diffrn_id              1 
_diffrn_detector.details                ? 
# 
_diffrn_radiation.diffrn_id                        1 
_diffrn_radiation.wavelength_id                    1 
_diffrn_radiation.pdbx_diffrn_protocol             'SINGLE WAVELENGTH' 
_diffrn_radiation.pdbx_monochromatic_or_laue_m_l   ? 
_diffrn_radiation.monochromator                    ? 
_diffrn_radiation.pdbx_scattering_type             x-ray 
# 
_diffrn_radiation_wavelength.id           1 
_diffrn_radiation_wavelength.wavelength   0.92124 
_diffrn_radiation_wavelength.wt           1.0 
# 
_diffrn_source.diffrn_id                   1 
_diffrn_source.source                      SYNCHROTRON 
_diffrn_source.type                        'DIAMOND BEAMLINE I04-1' 
_diffrn_source.pdbx_wavelength_list        0.92124 
_diffrn_source.pdbx_synchrotron_site       Diamond 
_diffrn_source.pdbx_synchrotron_beamline   I04-1 
_diffrn_source.pdbx_wavelength             ? 
# 
_reflns.entry_id                     7GA8 
_reflns.pdbx_diffrn_id               1 
_reflns.pdbx_ordinal                 1 
_reflns.observed_criterion_sigma_I   ? 
_reflns.observed_criterion_sigma_F   ? 
_reflns.d_resolution_low             30.680 
_reflns.d_resolution_high            1.870 
_reflns.number_obs                   10871 
_reflns.number_all                   ? 
_reflns.percent_possible_obs         99.500 
_reflns.pdbx_Rmerge_I_obs            0.083 
_reflns.pdbx_Rsym_value              ? 
_reflns.pdbx_netI_over_sigmaI        14.400 
_reflns.B_iso_Wilson_estimate        ? 
_reflns.pdbx_redundancy              13.800 
_reflns.pdbx_Rrim_I_all              0.087 
_reflns.pdbx_Rpim_I_all              0.024 
_reflns.pdbx_CC_half                 0.965 
_reflns.pdbx_netI_over_av_sigmaI     ? 
_reflns.pdbx_number_measured_all     150104 
_reflns.pdbx_scaling_rejects         0 
_reflns.pdbx_chi_squared             ? 
_reflns.Rmerge_F_all                 ? 
_reflns.Rmerge_F_obs                 ? 
_reflns.observed_criterion_F_max     ? 
_reflns.observed_criterion_F_min     ? 
_reflns.observed_criterion_I_max     ? 
_reflns.observed_criterion_I_min     ? 
_reflns.pdbx_d_res_high_opt          ? 
_reflns.pdbx_d_res_low_opt           ? 
_reflns.details                      ? 
_reflns.pdbx_CC_star                 ? 
# 
loop_
_reflns_shell.pdbx_diffrn_id 
_reflns_shell.pdbx_ordinal 
_reflns_shell.d_res_high 
_reflns_shell.d_res_low 
_reflns_shell.number_measured_obs 
_reflns_shell.number_measured_all 
_reflns_shell.number_unique_obs 
_reflns_shell.pdbx_rejects 
_reflns_shell.Rmerge_I_obs 
_reflns_shell.meanI_over_sigI_obs 
_reflns_shell.pdbx_Rsym_value 
_reflns_shell.pdbx_chi_squared 
_reflns_shell.pdbx_redundancy 
_reflns_shell.percent_possible_obs 
_reflns_shell.pdbx_netI_over_sigmaI_obs 
_reflns_shell.number_possible 
_reflns_shell.number_unique_all 
_reflns_shell.Rmerge_F_all 
_reflns_shell.Rmerge_F_obs 
_reflns_shell.Rmerge_I_all 
_reflns_shell.meanI_over_sigI_all 
_reflns_shell.percent_possible_all 
_reflns_shell.pdbx_Rrim_I_all 
_reflns_shell.pdbx_Rpim_I_all 
_reflns_shell.pdbx_CC_half 
_reflns_shell.pdbx_CC_star 
1 1 1.870 1.910  ? 9935 687 ? 4.560 ? ? ? 14.500 ? 0.200  ? ? ? ? ? ? 100.000 4.725 1.235 0.275 ? 
1 2 8.970 30.680 ? 1203 112 ? 0.102 ? ? ? 10.700 ? 68.100 ? ? ? ? ? ? 98.700  0.107 0.031 0.941 ? 
# 
_refine.entry_id                                 7GA8 
_refine.pdbx_refine_id                           'X-RAY DIFFRACTION' 
_refine.ls_d_res_high                            1.8700 
_refine.ls_d_res_low                             30.7000 
_refine.pdbx_ls_sigma_F                          0.000 
_refine.pdbx_data_cutoff_high_absF               ? 
_refine.pdbx_data_cutoff_low_absF                ? 
_refine.ls_percent_reflns_obs                    96.3700 
_refine.ls_number_reflns_obs                     10093 
_refine.ls_number_reflns_all                     ? 
_refine.pdbx_ls_cross_valid_method               THROUGHOUT 
_refine.ls_matrix_type                           ? 
_refine.pdbx_R_Free_selection_details            RANDOM 
_refine.details                                  
'HYDROGENS HAVE BEEN ADDED IN THE RIDING POSITIONS U VALUES      : REFINED INDIVIDUALLY' 
_refine.ls_R_factor_all                          ? 
_refine.ls_R_factor_obs                          0.2185 
_refine.ls_R_factor_R_work                       0.2162 
_refine.ls_wR_factor_R_work                      ? 
_refine.ls_R_factor_R_free                       0.2743 
_refine.ls_wR_factor_R_free                      ? 
_refine.ls_percent_reflns_R_free                 4.0000 
_refine.ls_number_reflns_R_free                  426 
_refine.ls_number_reflns_R_work                  ? 
_refine.ls_R_factor_R_free_error                 ? 
_refine.B_iso_mean                               55.9170 
_refine.solvent_model_param_bsol                 ? 
_refine.solvent_model_param_ksol                 ? 
_refine.pdbx_isotropic_thermal_model             ? 
_refine.aniso_B[1][1]                            -0.8200 
_refine.aniso_B[2][2]                            -0.8200 
_refine.aniso_B[3][3]                            1.6300 
_refine.aniso_B[1][2]                            0.0000 
_refine.aniso_B[1][3]                            0.0000 
_refine.aniso_B[2][3]                            0.0000 
_refine.correlation_coeff_Fo_to_Fc               0.9560 
_refine.correlation_coeff_Fo_to_Fc_free          0.9280 
_refine.overall_SU_R_Cruickshank_DPI             ? 
_refine.pdbx_overall_SU_R_free_Cruickshank_DPI   ? 
_refine.pdbx_overall_SU_R_Blow_DPI               ? 
_refine.pdbx_overall_SU_R_free_Blow_DPI          ? 
_refine.overall_SU_R_free                        ? 
_refine.pdbx_overall_ESU_R                       0.2160 
_refine.pdbx_overall_ESU_R_Free                  0.1900 
_refine.overall_SU_ML                            0.2200 
_refine.overall_SU_B                             7.9730 
_refine.solvent_model_details                    MASK 
_refine.pdbx_solvent_vdw_probe_radii             1.2000 
_refine.pdbx_solvent_ion_probe_radii             0.8000 
_refine.pdbx_solvent_shrinkage_radii             0.8000 
_refine.ls_number_parameters                     ? 
_refine.ls_number_restraints                     ? 
_refine.pdbx_starting_model                      8Q53 
_refine.pdbx_method_to_determine_struct          'FOURIER SYNTHESIS' 
_refine.pdbx_stereochemistry_target_values       'MAXIMUM LIKELIHOOD' 
_refine.pdbx_stereochem_target_val_spec_case     ? 
_refine.overall_FOM_work_R_set                   ? 
_refine.B_iso_max                                132.890 
_refine.B_iso_min                                32.660 
_refine.pdbx_overall_phase_error                 ? 
_refine.occupancy_max                            ? 
_refine.occupancy_min                            ? 
_refine.pdbx_diffrn_id                           1 
_refine.pdbx_TLS_residual_ADP_flag               ? 
_refine.pdbx_ls_sigma_I                          ? 
_refine.pdbx_data_cutoff_high_rms_absF           ? 
_refine.ls_R_factor_R_free_error_details         ? 
# 
_refine_hist.cycle_id                         final 
_refine_hist.pdbx_refine_id                   'X-RAY DIFFRACTION' 
_refine_hist.d_res_high                       1.8700 
_refine_hist.d_res_low                        30.7000 
_refine_hist.pdbx_number_atoms_ligand         44 
_refine_hist.number_atoms_solvent             93 
_refine_hist.number_atoms_total               1091 
_refine_hist.pdbx_number_residues_total       113 
_refine_hist.pdbx_B_iso_mean_ligand           87.09 
_refine_hist.pdbx_B_iso_mean_solvent          67.61 
_refine_hist.pdbx_number_atoms_protein        954 
_refine_hist.pdbx_number_atoms_nucleic_acid   0 
# 
loop_
_refine_ls_restr.pdbx_refine_id 
_refine_ls_restr.type 
_refine_ls_restr.number 
_refine_ls_restr.dev_ideal 
_refine_ls_restr.dev_ideal_target 
_refine_ls_restr.weight 
_refine_ls_restr.pdbx_restraint_function 
'X-RAY DIFFRACTION' r_bond_refined_d       1401 0.006  0.014  ? ? 
'X-RAY DIFFRACTION' r_bond_other_d         1237 0.001  0.014  ? ? 
'X-RAY DIFFRACTION' r_angle_refined_deg    1699 1.428  1.673  ? ? 
'X-RAY DIFFRACTION' r_angle_other_deg      2835 1.170  1.586  ? ? 
'X-RAY DIFFRACTION' r_dihedral_angle_1_deg 162  6.261  5.000  ? ? 
'X-RAY DIFFRACTION' r_dihedral_angle_2_deg 76   26.191 18.684 ? ? 
'X-RAY DIFFRACTION' r_dihedral_angle_3_deg 233  16.169 15.000 ? ? 
'X-RAY DIFFRACTION' r_dihedral_angle_4_deg 18   24.381 15.000 ? ? 
'X-RAY DIFFRACTION' r_chiral_restr         155  0.069  0.200  ? ? 
'X-RAY DIFFRACTION' r_gen_planes_refined   1472 0.005  0.020  ? ? 
'X-RAY DIFFRACTION' r_gen_planes_other     334  0.002  0.020  ? ? 
'X-RAY DIFFRACTION' r_mcbond_it            644  3.947  5.384  ? ? 
'X-RAY DIFFRACTION' r_mcbond_other         642  3.946  5.375  ? ? 
'X-RAY DIFFRACTION' r_mcangle_it           764  5.649  8.051  ? ? 
# 
_refine_ls_shell.d_res_high                       1.8710 
_refine_ls_shell.d_res_low                        1.9200 
_refine_ls_shell.pdbx_total_number_of_bins_used   20 
_refine_ls_shell.percent_reflns_obs               57.4700 
_refine_ls_shell.number_reflns_R_work             432 
_refine_ls_shell.R_factor_all                     ? 
_refine_ls_shell.R_factor_R_work                  0.4600 
_refine_ls_shell.R_factor_R_free                  0.3310 
_refine_ls_shell.percent_reflns_R_free            ? 
_refine_ls_shell.number_reflns_R_free             22 
_refine_ls_shell.R_factor_R_free_error            ? 
_refine_ls_shell.number_reflns_all                454 
_refine_ls_shell.number_reflns_obs                ? 
_refine_ls_shell.pdbx_refine_id                   'X-RAY DIFFRACTION' 
_refine_ls_shell.R_factor_obs                     ? 
# 
_struct.entry_id                  7GA8 
_struct.title                     'PanDDA analysis group deposition -- Crystal Structure of MAP1LC3B in complex with Z1198158918' 
_struct.pdbx_model_details        ? 
_struct.pdbx_CASP_flag            ? 
_struct.pdbx_model_type_details   ? 
# 
_struct_keywords.entry_id        7GA8 
_struct_keywords.text            'SGC - Diamond I04-1 fragment screening, PanDDA, XChemExplorer, STRUCTURAL PROTEIN' 
_struct_keywords.pdbx_keywords   'STRUCTURAL PROTEIN' 
# 
loop_
_struct_asym.id 
_struct_asym.pdbx_blank_PDB_chainid_flag 
_struct_asym.pdbx_modified 
_struct_asym.entity_id 
_struct_asym.details 
A N N 1 ? 
B N N 2 ? 
C N N 3 ? 
D N N 3 ? 
E N N 3 ? 
F N N 3 ? 
G N N 3 ? 
H N N 3 ? 
I N N 3 ? 
J N N 3 ? 
K N N 4 ? 
L N N 5 ? 
# 
_struct_ref.id                         1 
_struct_ref.db_name                    UNP 
_struct_ref.db_code                    MLP3B_HUMAN 
_struct_ref.pdbx_db_accession          Q9GZQ8 
_struct_ref.pdbx_db_isoform            ? 
_struct_ref.entity_id                  1 
_struct_ref.pdbx_seq_one_letter_code   
;MPSEKTFKQRRTFEQRVEDVRLIREQHPTKIPVIIERYKGEKQLPVLDKTKFLVPDHVNMSELIKIIRRRLQLNANQAFF
LLVNGHSMVSVSTPISEVYESEKDEDGFLYMVYASQETFG
;
_struct_ref.pdbx_align_begin           1 
# 
_struct_ref_seq.align_id                      1 
_struct_ref_seq.ref_id                        1 
_struct_ref_seq.pdbx_PDB_id_code              7GA8 
_struct_ref_seq.pdbx_strand_id                A 
_struct_ref_seq.seq_align_beg                 2 
_struct_ref_seq.pdbx_seq_align_beg_ins_code   ? 
_struct_ref_seq.seq_align_end                 121 
_struct_ref_seq.pdbx_seq_align_end_ins_code   ? 
_struct_ref_seq.pdbx_db_accession             Q9GZQ8 
_struct_ref_seq.db_align_beg                  1 
_struct_ref_seq.pdbx_db_align_beg_ins_code    ? 
_struct_ref_seq.db_align_end                  120 
_struct_ref_seq.pdbx_db_align_end_ins_code    ? 
_struct_ref_seq.pdbx_auth_seq_align_beg       1 
_struct_ref_seq.pdbx_auth_seq_align_end       120 
# 
_struct_ref_seq_dif.align_id                     1 
_struct_ref_seq_dif.pdbx_pdb_id_code             7GA8 
_struct_ref_seq_dif.mon_id                       SER 
_struct_ref_seq_dif.pdbx_pdb_strand_id           A 
_struct_ref_seq_dif.seq_num                      1 
_struct_ref_seq_dif.pdbx_pdb_ins_code            ? 
_struct_ref_seq_dif.pdbx_seq_db_name             UNP 
_struct_ref_seq_dif.pdbx_seq_db_accession_code   Q9GZQ8 
_struct_ref_seq_dif.db_mon_id                    ? 
_struct_ref_seq_dif.pdbx_seq_db_seq_num          ? 
_struct_ref_seq_dif.details                      'expression tag' 
_struct_ref_seq_dif.pdbx_auth_seq_num            0 
_struct_ref_seq_dif.pdbx_ordinal                 1 
# 
_pdbx_struct_assembly.id                   1 
_pdbx_struct_assembly.details              author_and_software_defined_assembly 
_pdbx_struct_assembly.method_details       PISA 
_pdbx_struct_assembly.oligomeric_details   monomeric 
_pdbx_struct_assembly.oligomeric_count     1 
# 
_pdbx_struct_assembly_gen.assembly_id       1 
_pdbx_struct_assembly_gen.oper_expression   1 
_pdbx_struct_assembly_gen.asym_id_list      A,B,C,D,E,F,G,H,I,J,K,L 
# 
_pdbx_struct_oper_list.id                   1 
_pdbx_struct_oper_list.type                 'identity operation' 
_pdbx_struct_oper_list.name                 1_555 
_pdbx_struct_oper_list.symmetry_operation   x,y,z 
_pdbx_struct_oper_list.matrix[1][1]         1.0000000000 
_pdbx_struct_oper_list.matrix[1][2]         0.0000000000 
_pdbx_struct_oper_list.matrix[1][3]         0.0000000000 
_pdbx_struct_oper_list.vector[1]            0.0000000000 
_pdbx_struct_oper_list.matrix[2][1]         0.0000000000 
_pdbx_struct_oper_list.matrix[2][2]         1.0000000000 
_pdbx_struct_oper_list.matrix[2][3]         0.0000000000 
_pdbx_struct_oper_list.vector[2]            0.0000000000 
_pdbx_struct_oper_list.matrix[3][1]         0.0000000000 
_pdbx_struct_oper_list.matrix[3][2]         0.0000000000 
_pdbx_struct_oper_list.matrix[3][3]         1.0000000000 
_pdbx_struct_oper_list.vector[3]            0.0000000000 
# 
loop_
_struct_conf.conf_type_id 
_struct_conf.id 
_struct_conf.pdbx_PDB_helix_id 
_struct_conf.beg_label_comp_id 
_struct_conf.beg_label_asym_id 
_struct_conf.beg_label_seq_id 
_struct_conf.pdbx_beg_PDB_ins_code 
_struct_conf.end_label_comp_id 
_struct_conf.end_label_asym_id 
_struct_conf.end_label_seq_id 
_struct_conf.pdbx_end_PDB_ins_code 
_struct_conf.beg_auth_comp_id 
_struct_conf.beg_auth_asym_id 
_struct_conf.beg_auth_seq_id 
_struct_conf.end_auth_comp_id 
_struct_conf.end_auth_asym_id 
_struct_conf.end_auth_seq_id 
_struct_conf.pdbx_PDB_helix_class 
_struct_conf.details 
_struct_conf.pdbx_PDB_helix_length 
HELX_P HELX_P1 AA1 THR A 7  ? ARG A 12  ? THR A 6  ARG A 11  1 ? 6  
HELX_P HELX_P2 AA2 THR A 13 ? HIS A 28  ? THR A 12 HIS A 27  1 ? 16 
HELX_P HELX_P3 AA3 ASN A 60 ? LEU A 72  ? ASN A 59 LEU A 71  1 ? 13 
HELX_P HELX_P4 AA4 PRO A 95 ? LYS A 104 ? PRO A 94 LYS A 103 1 ? 10 
# 
_struct_conf_type.id          HELX_P 
_struct_conf_type.criteria    ? 
_struct_conf_type.reference   ? 
# 
_struct_sheet.id               AA1 
_struct_sheet.type             ? 
_struct_sheet.number_strands   5 
_struct_sheet.details          ? 
# 
loop_
_struct_sheet_order.sheet_id 
_struct_sheet_order.range_id_1 
_struct_sheet_order.range_id_2 
_struct_sheet_order.offset 
_struct_sheet_order.sense 
AA1 1 2 ? anti-parallel 
AA1 2 3 ? parallel      
AA1 3 4 ? anti-parallel 
AA1 4 5 ? anti-parallel 
# 
loop_
_struct_sheet_range.sheet_id 
_struct_sheet_range.id 
_struct_sheet_range.beg_label_comp_id 
_struct_sheet_range.beg_label_asym_id 
_struct_sheet_range.beg_label_seq_id 
_struct_sheet_range.pdbx_beg_PDB_ins_code 
_struct_sheet_range.end_label_comp_id 
_struct_sheet_range.end_label_asym_id 
_struct_sheet_range.end_label_seq_id 
_struct_sheet_range.pdbx_end_PDB_ins_code 
_struct_sheet_range.beg_auth_comp_id 
_struct_sheet_range.beg_auth_asym_id 
_struct_sheet_range.beg_auth_seq_id 
_struct_sheet_range.end_auth_comp_id 
_struct_sheet_range.end_auth_asym_id 
_struct_sheet_range.end_auth_seq_id 
AA1 1 LYS A 52  ? PRO A 56  ? LYS A 51  PRO A 55  
AA1 2 LYS A 31  ? ARG A 38  ? LYS A 30  ARG A 37  
AA1 3 LEU A 110 ? ALA A 115 ? LEU A 109 ALA A 114 
AA1 4 PHE A 81  ? VAL A 84  ? PHE A 80  VAL A 83  
AA1 5 HIS A 87  ? SER A 88  ? HIS A 86  SER A 87  
# 
loop_
_pdbx_struct_sheet_hbond.sheet_id 
_pdbx_struct_sheet_hbond.range_id_1 
_pdbx_struct_sheet_hbond.range_id_2 
_pdbx_struct_sheet_hbond.range_1_label_atom_id 
_pdbx_struct_sheet_hbond.range_1_label_comp_id 
_pdbx_struct_sheet_hbond.range_1_label_asym_id 
_pdbx_struct_sheet_hbond.range_1_label_seq_id 
_pdbx_struct_sheet_hbond.range_1_PDB_ins_code 
_pdbx_struct_sheet_hbond.range_1_auth_atom_id 
_pdbx_struct_sheet_hbond.range_1_auth_comp_id 
_pdbx_struct_sheet_hbond.range_1_auth_asym_id 
_pdbx_struct_sheet_hbond.range_1_auth_seq_id 
_pdbx_struct_sheet_hbond.range_2_label_atom_id 
_pdbx_struct_sheet_hbond.range_2_label_comp_id 
_pdbx_struct_sheet_hbond.range_2_label_asym_id 
_pdbx_struct_sheet_hbond.range_2_label_seq_id 
_pdbx_struct_sheet_hbond.range_2_PDB_ins_code 
_pdbx_struct_sheet_hbond.range_2_auth_atom_id 
_pdbx_struct_sheet_hbond.range_2_auth_comp_id 
_pdbx_struct_sheet_hbond.range_2_auth_asym_id 
_pdbx_struct_sheet_hbond.range_2_auth_seq_id 
AA1 1 2 O VAL A 55  ? O VAL A 54  N ILE A 32  ? N ILE A 31  
AA1 2 3 N ILE A 35  ? N ILE A 34  O MET A 112 ? O MET A 111 
AA1 3 4 O VAL A 113 ? O VAL A 112 N LEU A 83  ? N LEU A 82  
AA1 4 5 N VAL A 84  ? N VAL A 83  O HIS A 87  ? O HIS A 86  
# 
_pdbx_entry_details.entry_id                   7GA8 
_pdbx_entry_details.compound_details           ? 
_pdbx_entry_details.source_details             ? 
_pdbx_entry_details.nonpolymer_details         ? 
_pdbx_entry_details.sequence_details           ? 
_pdbx_entry_details.has_ligand_of_interest     Y 
_pdbx_entry_details.has_protein_modification   ? 
# 
loop_
_pdbx_validate_close_contact.id 
_pdbx_validate_close_contact.PDB_model_num 
_pdbx_validate_close_contact.auth_atom_id_1 
_pdbx_validate_close_contact.auth_asym_id_1 
_pdbx_validate_close_contact.auth_comp_id_1 
_pdbx_validate_close_contact.auth_seq_id_1 
_pdbx_validate_close_contact.PDB_ins_code_1 
_pdbx_validate_close_contact.label_alt_id_1 
_pdbx_validate_close_contact.auth_atom_id_2 
_pdbx_validate_close_contact.auth_asym_id_2 
_pdbx_validate_close_contact.auth_comp_id_2 
_pdbx_validate_close_contact.auth_seq_id_2 
_pdbx_validate_close_contact.PDB_ins_code_2 
_pdbx_validate_close_contact.label_alt_id_2 
_pdbx_validate_close_contact.dist 
1 1 O   A HOH 339 ? ? O A HOH 363 ? ? 1.75 
2 1 O   A HOH 342 ? ? O A HOH 351 ? ? 1.93 
3 1 O   A HOH 369 ? ? O A HOH 371 ? ? 1.97 
4 1 OG1 A THR 6   ? ? O A HOH 301 ? ? 1.97 
5 1 O   A HOH 346 ? ? O A HOH 375 ? ? 2.02 
6 1 O   A HOH 318 ? ? O A HOH 376 ? ? 2.06 
# 
_phasing.method   MR 
# 
loop_
_pdbx_unobs_or_zero_occ_residues.id 
_pdbx_unobs_or_zero_occ_residues.PDB_model_num 
_pdbx_unobs_or_zero_occ_residues.polymer_flag 
_pdbx_unobs_or_zero_occ_residues.occupancy_flag 
_pdbx_unobs_or_zero_occ_residues.auth_asym_id 
_pdbx_unobs_or_zero_occ_residues.auth_comp_id 
_pdbx_unobs_or_zero_occ_residues.auth_seq_id 
_pdbx_unobs_or_zero_occ_residues.PDB_ins_code 
_pdbx_unobs_or_zero_occ_residues.label_asym_id 
_pdbx_unobs_or_zero_occ_residues.label_comp_id 
_pdbx_unobs_or_zero_occ_residues.label_seq_id 
1 1 Y 1 A SER 0   ? A SER 1   
2 1 Y 1 A MET 1   ? A MET 2   
3 1 Y 1 A PRO 2   ? A PRO 3   
4 1 Y 1 A SER 3   ? A SER 4   
5 1 Y 1 A GLU 4   ? A GLU 5   
6 1 Y 1 A GLY 120 ? A GLY 121 
# 
loop_
_chem_comp_atom.comp_id 
_chem_comp_atom.atom_id 
_chem_comp_atom.type_symbol 
_chem_comp_atom.pdbx_aromatic_flag 
_chem_comp_atom.pdbx_stereo_config 
_chem_comp_atom.pdbx_ordinal 
ALA N    N  N N 1   
ALA CA   C  N S 2   
ALA C    C  N N 3   
ALA O    O  N N 4   
ALA CB   C  N N 5   
ALA OXT  O  N N 6   
ALA H    H  N N 7   
ALA H2   H  N N 8   
ALA HA   H  N N 9   
ALA HB1  H  N N 10  
ALA HB2  H  N N 11  
ALA HB3  H  N N 12  
ALA HXT  H  N N 13  
ARG N    N  N N 14  
ARG CA   C  N S 15  
ARG C    C  N N 16  
ARG O    O  N N 17  
ARG CB   C  N N 18  
ARG CG   C  N N 19  
ARG CD   C  N N 20  
ARG NE   N  N N 21  
ARG CZ   C  N N 22  
ARG NH1  N  N N 23  
ARG NH2  N  N N 24  
ARG OXT  O  N N 25  
ARG H    H  N N 26  
ARG H2   H  N N 27  
ARG HA   H  N N 28  
ARG HB2  H  N N 29  
ARG HB3  H  N N 30  
ARG HG2  H  N N 31  
ARG HG3  H  N N 32  
ARG HD2  H  N N 33  
ARG HD3  H  N N 34  
ARG HE   H  N N 35  
ARG HH11 H  N N 36  
ARG HH12 H  N N 37  
ARG HH21 H  N N 38  
ARG HH22 H  N N 39  
ARG HXT  H  N N 40  
ASN N    N  N N 41  
ASN CA   C  N S 42  
ASN C    C  N N 43  
ASN O    O  N N 44  
ASN CB   C  N N 45  
ASN CG   C  N N 46  
ASN OD1  O  N N 47  
ASN ND2  N  N N 48  
ASN OXT  O  N N 49  
ASN H    H  N N 50  
ASN H2   H  N N 51  
ASN HA   H  N N 52  
ASN HB2  H  N N 53  
ASN HB3  H  N N 54  
ASN HD21 H  N N 55  
ASN HD22 H  N N 56  
ASN HXT  H  N N 57  
ASP N    N  N N 58  
ASP CA   C  N S 59  
ASP C    C  N N 60  
ASP O    O  N N 61  
ASP CB   C  N N 62  
ASP CG   C  N N 63  
ASP OD1  O  N N 64  
ASP OD2  O  N N 65  
ASP OXT  O  N N 66  
ASP H    H  N N 67  
ASP H2   H  N N 68  
ASP HA   H  N N 69  
ASP HB2  H  N N 70  
ASP HB3  H  N N 71  
ASP HD2  H  N N 72  
ASP HXT  H  N N 73  
CL  CL   CL N N 74  
EDO C1   C  N N 75  
EDO O1   O  N N 76  
EDO C2   C  N N 77  
EDO O2   O  N N 78  
EDO H11  H  N N 79  
EDO H12  H  N N 80  
EDO HO1  H  N N 81  
EDO H21  H  N N 82  
EDO H22  H  N N 83  
EDO HO2  H  N N 84  
GLN N    N  N N 85  
GLN CA   C  N S 86  
GLN C    C  N N 87  
GLN O    O  N N 88  
GLN CB   C  N N 89  
GLN CG   C  N N 90  
GLN CD   C  N N 91  
GLN OE1  O  N N 92  
GLN NE2  N  N N 93  
GLN OXT  O  N N 94  
GLN H    H  N N 95  
GLN H2   H  N N 96  
GLN HA   H  N N 97  
GLN HB2  H  N N 98  
GLN HB3  H  N N 99  
GLN HG2  H  N N 100 
GLN HG3  H  N N 101 
GLN HE21 H  N N 102 
GLN HE22 H  N N 103 
GLN HXT  H  N N 104 
GLU N    N  N N 105 
GLU CA   C  N S 106 
GLU C    C  N N 107 
GLU O    O  N N 108 
GLU CB   C  N N 109 
GLU CG   C  N N 110 
GLU CD   C  N N 111 
GLU OE1  O  N N 112 
GLU OE2  O  N N 113 
GLU OXT  O  N N 114 
GLU H    H  N N 115 
GLU H2   H  N N 116 
GLU HA   H  N N 117 
GLU HB2  H  N N 118 
GLU HB3  H  N N 119 
GLU HG2  H  N N 120 
GLU HG3  H  N N 121 
GLU HE2  H  N N 122 
GLU HXT  H  N N 123 
GLY N    N  N N 124 
GLY CA   C  N N 125 
GLY C    C  N N 126 
GLY O    O  N N 127 
GLY OXT  O  N N 128 
GLY H    H  N N 129 
GLY H2   H  N N 130 
GLY HA2  H  N N 131 
GLY HA3  H  N N 132 
GLY HXT  H  N N 133 
HIS N    N  N N 134 
HIS CA   C  N S 135 
HIS C    C  N N 136 
HIS O    O  N N 137 
HIS CB   C  N N 138 
HIS CG   C  Y N 139 
HIS ND1  N  Y N 140 
HIS CD2  C  Y N 141 
HIS CE1  C  Y N 142 
HIS NE2  N  Y N 143 
HIS OXT  O  N N 144 
HIS H    H  N N 145 
HIS H2   H  N N 146 
HIS HA   H  N N 147 
HIS HB2  H  N N 148 
HIS HB3  H  N N 149 
HIS HD1  H  N N 150 
HIS HD2  H  N N 151 
HIS HE1  H  N N 152 
HIS HE2  H  N N 153 
HIS HXT  H  N N 154 
HOH O    O  N N 155 
HOH H1   H  N N 156 
HOH H2   H  N N 157 
ILE N    N  N N 158 
ILE CA   C  N S 159 
ILE C    C  N N 160 
ILE O    O  N N 161 
ILE CB   C  N S 162 
ILE CG1  C  N N 163 
ILE CG2  C  N N 164 
ILE CD1  C  N N 165 
ILE OXT  O  N N 166 
ILE H    H  N N 167 
ILE H2   H  N N 168 
ILE HA   H  N N 169 
ILE HB   H  N N 170 
ILE HG12 H  N N 171 
ILE HG13 H  N N 172 
ILE HG21 H  N N 173 
ILE HG22 H  N N 174 
ILE HG23 H  N N 175 
ILE HD11 H  N N 176 
ILE HD12 H  N N 177 
ILE HD13 H  N N 178 
ILE HXT  H  N N 179 
K4R N1   N  N N 180 
K4R N3   N  Y N 181 
K4R C4   C  Y N 182 
K4R C5   C  Y N 183 
K4R C6   C  Y N 184 
K4R C7   C  Y N 185 
K4R C8   C  Y N 186 
K4R C1   C  N N 187 
K4R C2   C  Y N 188 
K4R C3   C  Y N 189 
K4R N2   N  Y N 190 
K4R H1   H  N N 191 
K4R H2   H  N N 192 
K4R H3   H  N N 193 
K4R H4   H  N N 194 
K4R H5   H  N N 195 
LEU N    N  N N 196 
LEU CA   C  N S 197 
LEU C    C  N N 198 
LEU O    O  N N 199 
LEU CB   C  N N 200 
LEU CG   C  N N 201 
LEU CD1  C  N N 202 
LEU CD2  C  N N 203 
LEU OXT  O  N N 204 
LEU H    H  N N 205 
LEU H2   H  N N 206 
LEU HA   H  N N 207 
LEU HB2  H  N N 208 
LEU HB3  H  N N 209 
LEU HG   H  N N 210 
LEU HD11 H  N N 211 
LEU HD12 H  N N 212 
LEU HD13 H  N N 213 
LEU HD21 H  N N 214 
LEU HD22 H  N N 215 
LEU HD23 H  N N 216 
LEU HXT  H  N N 217 
LYS N    N  N N 218 
LYS CA   C  N S 219 
LYS C    C  N N 220 
LYS O    O  N N 221 
LYS CB   C  N N 222 
LYS CG   C  N N 223 
LYS CD   C  N N 224 
LYS CE   C  N N 225 
LYS NZ   N  N N 226 
LYS OXT  O  N N 227 
LYS H    H  N N 228 
LYS H2   H  N N 229 
LYS HA   H  N N 230 
LYS HB2  H  N N 231 
LYS HB3  H  N N 232 
LYS HG2  H  N N 233 
LYS HG3  H  N N 234 
LYS HD2  H  N N 235 
LYS HD3  H  N N 236 
LYS HE2  H  N N 237 
LYS HE3  H  N N 238 
LYS HZ1  H  N N 239 
LYS HZ2  H  N N 240 
LYS HZ3  H  N N 241 
LYS HXT  H  N N 242 
MET N    N  N N 243 
MET CA   C  N S 244 
MET C    C  N N 245 
MET O    O  N N 246 
MET CB   C  N N 247 
MET CG   C  N N 248 
MET SD   S  N N 249 
MET CE   C  N N 250 
MET OXT  O  N N 251 
MET H    H  N N 252 
MET H2   H  N N 253 
MET HA   H  N N 254 
MET HB2  H  N N 255 
MET HB3  H  N N 256 
MET HG2  H  N N 257 
MET HG3  H  N N 258 
MET HE1  H  N N 259 
MET HE2  H  N N 260 
MET HE3  H  N N 261 
MET HXT  H  N N 262 
PHE N    N  N N 263 
PHE CA   C  N S 264 
PHE C    C  N N 265 
PHE O    O  N N 266 
PHE CB   C  N N 267 
PHE CG   C  Y N 268 
PHE CD1  C  Y N 269 
PHE CD2  C  Y N 270 
PHE CE1  C  Y N 271 
PHE CE2  C  Y N 272 
PHE CZ   C  Y N 273 
PHE OXT  O  N N 274 
PHE H    H  N N 275 
PHE H2   H  N N 276 
PHE HA   H  N N 277 
PHE HB2  H  N N 278 
PHE HB3  H  N N 279 
PHE HD1  H  N N 280 
PHE HD2  H  N N 281 
PHE HE1  H  N N 282 
PHE HE2  H  N N 283 
PHE HZ   H  N N 284 
PHE HXT  H  N N 285 
PRO N    N  N N 286 
PRO CA   C  N S 287 
PRO C    C  N N 288 
PRO O    O  N N 289 
PRO CB   C  N N 290 
PRO CG   C  N N 291 
PRO CD   C  N N 292 
PRO OXT  O  N N 293 
PRO H    H  N N 294 
PRO HA   H  N N 295 
PRO HB2  H  N N 296 
PRO HB3  H  N N 297 
PRO HG2  H  N N 298 
PRO HG3  H  N N 299 
PRO HD2  H  N N 300 
PRO HD3  H  N N 301 
PRO HXT  H  N N 302 
SER N    N  N N 303 
SER CA   C  N S 304 
SER C    C  N N 305 
SER O    O  N N 306 
SER CB   C  N N 307 
SER OG   O  N N 308 
SER OXT  O  N N 309 
SER H    H  N N 310 
SER H2   H  N N 311 
SER HA   H  N N 312 
SER HB2  H  N N 313 
SER HB3  H  N N 314 
SER HG   H  N N 315 
SER HXT  H  N N 316 
THR N    N  N N 317 
THR CA   C  N S 318 
THR C    C  N N 319 
THR O    O  N N 320 
THR CB   C  N R 321 
THR OG1  O  N N 322 
THR CG2  C  N N 323 
THR OXT  O  N N 324 
THR H    H  N N 325 
THR H2   H  N N 326 
THR HA   H  N N 327 
THR HB   H  N N 328 
THR HG1  H  N N 329 
THR HG21 H  N N 330 
THR HG22 H  N N 331 
THR HG23 H  N N 332 
THR HXT  H  N N 333 
TYR N    N  N N 334 
TYR CA   C  N S 335 
TYR C    C  N N 336 
TYR O    O  N N 337 
TYR CB   C  N N 338 
TYR CG   C  Y N 339 
TYR CD1  C  Y N 340 
TYR CD2  C  Y N 341 
TYR CE1  C  Y N 342 
TYR CE2  C  Y N 343 
TYR CZ   C  Y N 344 
TYR OH   O  N N 345 
TYR OXT  O  N N 346 
TYR H    H  N N 347 
TYR H2   H  N N 348 
TYR HA   H  N N 349 
TYR HB2  H  N N 350 
TYR HB3  H  N N 351 
TYR HD1  H  N N 352 
TYR HD2  H  N N 353 
TYR HE1  H  N N 354 
TYR HE2  H  N N 355 
TYR HH   H  N N 356 
TYR HXT  H  N N 357 
VAL N    N  N N 358 
VAL CA   C  N S 359 
VAL C    C  N N 360 
VAL O    O  N N 361 
VAL CB   C  N N 362 
VAL CG1  C  N N 363 
VAL CG2  C  N N 364 
VAL OXT  O  N N 365 
VAL H    H  N N 366 
VAL H2   H  N N 367 
VAL HA   H  N N 368 
VAL HB   H  N N 369 
VAL HG11 H  N N 370 
VAL HG12 H  N N 371 
VAL HG13 H  N N 372 
VAL HG21 H  N N 373 
VAL HG22 H  N N 374 
VAL HG23 H  N N 375 
VAL HXT  H  N N 376 
# 
loop_
_chem_comp_bond.comp_id 
_chem_comp_bond.atom_id_1 
_chem_comp_bond.atom_id_2 
_chem_comp_bond.value_order 
_chem_comp_bond.pdbx_aromatic_flag 
_chem_comp_bond.pdbx_stereo_config 
_chem_comp_bond.pdbx_ordinal 
ALA N   CA   sing N N 1   
ALA N   H    sing N N 2   
ALA N   H2   sing N N 3   
ALA CA  C    sing N N 4   
ALA CA  CB   sing N N 5   
ALA CA  HA   sing N N 6   
ALA C   O    doub N N 7   
ALA C   OXT  sing N N 8   
ALA CB  HB1  sing N N 9   
ALA CB  HB2  sing N N 10  
ALA CB  HB3  sing N N 11  
ALA OXT HXT  sing N N 12  
ARG N   CA   sing N N 13  
ARG N   H    sing N N 14  
ARG N   H2   sing N N 15  
ARG CA  C    sing N N 16  
ARG CA  CB   sing N N 17  
ARG CA  HA   sing N N 18  
ARG C   O    doub N N 19  
ARG C   OXT  sing N N 20  
ARG CB  CG   sing N N 21  
ARG CB  HB2  sing N N 22  
ARG CB  HB3  sing N N 23  
ARG CG  CD   sing N N 24  
ARG CG  HG2  sing N N 25  
ARG CG  HG3  sing N N 26  
ARG CD  NE   sing N N 27  
ARG CD  HD2  sing N N 28  
ARG CD  HD3  sing N N 29  
ARG NE  CZ   sing N N 30  
ARG NE  HE   sing N N 31  
ARG CZ  NH1  sing N N 32  
ARG CZ  NH2  doub N N 33  
ARG NH1 HH11 sing N N 34  
ARG NH1 HH12 sing N N 35  
ARG NH2 HH21 sing N N 36  
ARG NH2 HH22 sing N N 37  
ARG OXT HXT  sing N N 38  
ASN N   CA   sing N N 39  
ASN N   H    sing N N 40  
ASN N   H2   sing N N 41  
ASN CA  C    sing N N 42  
ASN CA  CB   sing N N 43  
ASN CA  HA   sing N N 44  
ASN C   O    doub N N 45  
ASN C   OXT  sing N N 46  
ASN CB  CG   sing N N 47  
ASN CB  HB2  sing N N 48  
ASN CB  HB3  sing N N 49  
ASN CG  OD1  doub N N 50  
ASN CG  ND2  sing N N 51  
ASN ND2 HD21 sing N N 52  
ASN ND2 HD22 sing N N 53  
ASN OXT HXT  sing N N 54  
ASP N   CA   sing N N 55  
ASP N   H    sing N N 56  
ASP N   H2   sing N N 57  
ASP CA  C    sing N N 58  
ASP CA  CB   sing N N 59  
ASP CA  HA   sing N N 60  
ASP C   O    doub N N 61  
ASP C   OXT  sing N N 62  
ASP CB  CG   sing N N 63  
ASP CB  HB2  sing N N 64  
ASP CB  HB3  sing N N 65  
ASP CG  OD1  doub N N 66  
ASP CG  OD2  sing N N 67  
ASP OD2 HD2  sing N N 68  
ASP OXT HXT  sing N N 69  
EDO C1  O1   sing N N 70  
EDO C1  C2   sing N N 71  
EDO C1  H11  sing N N 72  
EDO C1  H12  sing N N 73  
EDO O1  HO1  sing N N 74  
EDO C2  O2   sing N N 75  
EDO C2  H21  sing N N 76  
EDO C2  H22  sing N N 77  
EDO O2  HO2  sing N N 78  
GLN N   CA   sing N N 79  
GLN N   H    sing N N 80  
GLN N   H2   sing N N 81  
GLN CA  C    sing N N 82  
GLN CA  CB   sing N N 83  
GLN CA  HA   sing N N 84  
GLN C   O    doub N N 85  
GLN C   OXT  sing N N 86  
GLN CB  CG   sing N N 87  
GLN CB  HB2  sing N N 88  
GLN CB  HB3  sing N N 89  
GLN CG  CD   sing N N 90  
GLN CG  HG2  sing N N 91  
GLN CG  HG3  sing N N 92  
GLN CD  OE1  doub N N 93  
GLN CD  NE2  sing N N 94  
GLN NE2 HE21 sing N N 95  
GLN NE2 HE22 sing N N 96  
GLN OXT HXT  sing N N 97  
GLU N   CA   sing N N 98  
GLU N   H    sing N N 99  
GLU N   H2   sing N N 100 
GLU CA  C    sing N N 101 
GLU CA  CB   sing N N 102 
GLU CA  HA   sing N N 103 
GLU C   O    doub N N 104 
GLU C   OXT  sing N N 105 
GLU CB  CG   sing N N 106 
GLU CB  HB2  sing N N 107 
GLU CB  HB3  sing N N 108 
GLU CG  CD   sing N N 109 
GLU CG  HG2  sing N N 110 
GLU CG  HG3  sing N N 111 
GLU CD  OE1  doub N N 112 
GLU CD  OE2  sing N N 113 
GLU OE2 HE2  sing N N 114 
GLU OXT HXT  sing N N 115 
GLY N   CA   sing N N 116 
GLY N   H    sing N N 117 
GLY N   H2   sing N N 118 
GLY CA  C    sing N N 119 
GLY CA  HA2  sing N N 120 
GLY CA  HA3  sing N N 121 
GLY C   O    doub N N 122 
GLY C   OXT  sing N N 123 
GLY OXT HXT  sing N N 124 
HIS N   CA   sing N N 125 
HIS N   H    sing N N 126 
HIS N   H2   sing N N 127 
HIS CA  C    sing N N 128 
HIS CA  CB   sing N N 129 
HIS CA  HA   sing N N 130 
HIS C   O    doub N N 131 
HIS C   OXT  sing N N 132 
HIS CB  CG   sing N N 133 
HIS CB  HB2  sing N N 134 
HIS CB  HB3  sing N N 135 
HIS CG  ND1  sing Y N 136 
HIS CG  CD2  doub Y N 137 
HIS ND1 CE1  doub Y N 138 
HIS ND1 HD1  sing N N 139 
HIS CD2 NE2  sing Y N 140 
HIS CD2 HD2  sing N N 141 
HIS CE1 NE2  sing Y N 142 
HIS CE1 HE1  sing N N 143 
HIS NE2 HE2  sing N N 144 
HIS OXT HXT  sing N N 145 
HOH O   H1   sing N N 146 
HOH O   H2   sing N N 147 
ILE N   CA   sing N N 148 
ILE N   H    sing N N 149 
ILE N   H2   sing N N 150 
ILE CA  C    sing N N 151 
ILE CA  CB   sing N N 152 
ILE CA  HA   sing N N 153 
ILE C   O    doub N N 154 
ILE C   OXT  sing N N 155 
ILE CB  CG1  sing N N 156 
ILE CB  CG2  sing N N 157 
ILE CB  HB   sing N N 158 
ILE CG1 CD1  sing N N 159 
ILE CG1 HG12 sing N N 160 
ILE CG1 HG13 sing N N 161 
ILE CG2 HG21 sing N N 162 
ILE CG2 HG22 sing N N 163 
ILE CG2 HG23 sing N N 164 
ILE CD1 HD11 sing N N 165 
ILE CD1 HD12 sing N N 166 
ILE CD1 HD13 sing N N 167 
ILE OXT HXT  sing N N 168 
K4R N1  C1   trip N N 169 
K4R C1  C2   sing N N 170 
K4R C2  N2   doub Y N 171 
K4R N2  N3   sing Y N 172 
K4R N3  C3   sing Y N 173 
K4R C3  C4   doub Y N 174 
K4R C4  C5   sing Y N 175 
K4R C5  C6   doub Y N 176 
K4R C6  C7   sing Y N 177 
K4R C7  C8   doub Y N 178 
K4R C2  C8   sing Y N 179 
K4R C3  C8   sing Y N 180 
K4R N3  H1   sing N N 181 
K4R C4  H2   sing N N 182 
K4R C5  H3   sing N N 183 
K4R C6  H4   sing N N 184 
K4R C7  H5   sing N N 185 
LEU N   CA   sing N N 186 
LEU N   H    sing N N 187 
LEU N   H2   sing N N 188 
LEU CA  C    sing N N 189 
LEU CA  CB   sing N N 190 
LEU CA  HA   sing N N 191 
LEU C   O    doub N N 192 
LEU C   OXT  sing N N 193 
LEU CB  CG   sing N N 194 
LEU CB  HB2  sing N N 195 
LEU CB  HB3  sing N N 196 
LEU CG  CD1  sing N N 197 
LEU CG  CD2  sing N N 198 
LEU CG  HG   sing N N 199 
LEU CD1 HD11 sing N N 200 
LEU CD1 HD12 sing N N 201 
LEU CD1 HD13 sing N N 202 
LEU CD2 HD21 sing N N 203 
LEU CD2 HD22 sing N N 204 
LEU CD2 HD23 sing N N 205 
LEU OXT HXT  sing N N 206 
LYS N   CA   sing N N 207 
LYS N   H    sing N N 208 
LYS N   H2   sing N N 209 
LYS CA  C    sing N N 210 
LYS CA  CB   sing N N 211 
LYS CA  HA   sing N N 212 
LYS C   O    doub N N 213 
LYS C   OXT  sing N N 214 
LYS CB  CG   sing N N 215 
LYS CB  HB2  sing N N 216 
LYS CB  HB3  sing N N 217 
LYS CG  CD   sing N N 218 
LYS CG  HG2  sing N N 219 
LYS CG  HG3  sing N N 220 
LYS CD  CE   sing N N 221 
LYS CD  HD2  sing N N 222 
LYS CD  HD3  sing N N 223 
LYS CE  NZ   sing N N 224 
LYS CE  HE2  sing N N 225 
LYS CE  HE3  sing N N 226 
LYS NZ  HZ1  sing N N 227 
LYS NZ  HZ2  sing N N 228 
LYS NZ  HZ3  sing N N 229 
LYS OXT HXT  sing N N 230 
MET N   CA   sing N N 231 
MET N   H    sing N N 232 
MET N   H2   sing N N 233 
MET CA  C    sing N N 234 
MET CA  CB   sing N N 235 
MET CA  HA   sing N N 236 
MET C   O    doub N N 237 
MET C   OXT  sing N N 238 
MET CB  CG   sing N N 239 
MET CB  HB2  sing N N 240 
MET CB  HB3  sing N N 241 
MET CG  SD   sing N N 242 
MET CG  HG2  sing N N 243 
MET CG  HG3  sing N N 244 
MET SD  CE   sing N N 245 
MET CE  HE1  sing N N 246 
MET CE  HE2  sing N N 247 
MET CE  HE3  sing N N 248 
MET OXT HXT  sing N N 249 
PHE N   CA   sing N N 250 
PHE N   H    sing N N 251 
PHE N   H2   sing N N 252 
PHE CA  C    sing N N 253 
PHE CA  CB   sing N N 254 
PHE CA  HA   sing N N 255 
PHE C   O    doub N N 256 
PHE C   OXT  sing N N 257 
PHE CB  CG   sing N N 258 
PHE CB  HB2  sing N N 259 
PHE CB  HB3  sing N N 260 
PHE CG  CD1  doub Y N 261 
PHE CG  CD2  sing Y N 262 
PHE CD1 CE1  sing Y N 263 
PHE CD1 HD1  sing N N 264 
PHE CD2 CE2  doub Y N 265 
PHE CD2 HD2  sing N N 266 
PHE CE1 CZ   doub Y N 267 
PHE CE1 HE1  sing N N 268 
PHE CE2 CZ   sing Y N 269 
PHE CE2 HE2  sing N N 270 
PHE CZ  HZ   sing N N 271 
PHE OXT HXT  sing N N 272 
PRO N   CA   sing N N 273 
PRO N   CD   sing N N 274 
PRO N   H    sing N N 275 
PRO CA  C    sing N N 276 
PRO CA  CB   sing N N 277 
PRO CA  HA   sing N N 278 
PRO C   O    doub N N 279 
PRO C   OXT  sing N N 280 
PRO CB  CG   sing N N 281 
PRO CB  HB2  sing N N 282 
PRO CB  HB3  sing N N 283 
PRO CG  CD   sing N N 284 
PRO CG  HG2  sing N N 285 
PRO CG  HG3  sing N N 286 
PRO CD  HD2  sing N N 287 
PRO CD  HD3  sing N N 288 
PRO OXT HXT  sing N N 289 
SER N   CA   sing N N 290 
SER N   H    sing N N 291 
SER N   H2   sing N N 292 
SER CA  C    sing N N 293 
SER CA  CB   sing N N 294 
SER CA  HA   sing N N 295 
SER C   O    doub N N 296 
SER C   OXT  sing N N 297 
SER CB  OG   sing N N 298 
SER CB  HB2  sing N N 299 
SER CB  HB3  sing N N 300 
SER OG  HG   sing N N 301 
SER OXT HXT  sing N N 302 
THR N   CA   sing N N 303 
THR N   H    sing N N 304 
THR N   H2   sing N N 305 
THR CA  C    sing N N 306 
THR CA  CB   sing N N 307 
THR CA  HA   sing N N 308 
THR C   O    doub N N 309 
THR C   OXT  sing N N 310 
THR CB  OG1  sing N N 311 
THR CB  CG2  sing N N 312 
THR CB  HB   sing N N 313 
THR OG1 HG1  sing N N 314 
THR CG2 HG21 sing N N 315 
THR CG2 HG22 sing N N 316 
THR CG2 HG23 sing N N 317 
THR OXT HXT  sing N N 318 
TYR N   CA   sing N N 319 
TYR N   H    sing N N 320 
TYR N   H2   sing N N 321 
TYR CA  C    sing N N 322 
TYR CA  CB   sing N N 323 
TYR CA  HA   sing N N 324 
TYR C   O    doub N N 325 
TYR C   OXT  sing N N 326 
TYR CB  CG   sing N N 327 
TYR CB  HB2  sing N N 328 
TYR CB  HB3  sing N N 329 
TYR CG  CD1  doub Y N 330 
TYR CG  CD2  sing Y N 331 
TYR CD1 CE1  sing Y N 332 
TYR CD1 HD1  sing N N 333 
TYR CD2 CE2  doub Y N 334 
TYR CD2 HD2  sing N N 335 
TYR CE1 CZ   doub Y N 336 
TYR CE1 HE1  sing N N 337 
TYR CE2 CZ   sing Y N 338 
TYR CE2 HE2  sing N N 339 
TYR CZ  OH   sing N N 340 
TYR OH  HH   sing N N 341 
TYR OXT HXT  sing N N 342 
VAL N   CA   sing N N 343 
VAL N   H    sing N N 344 
VAL N   H2   sing N N 345 
VAL CA  C    sing N N 346 
VAL CA  CB   sing N N 347 
VAL CA  HA   sing N N 348 
VAL C   O    doub N N 349 
VAL C   OXT  sing N N 350 
VAL CB  CG1  sing N N 351 
VAL CB  CG2  sing N N 352 
VAL CB  HB   sing N N 353 
VAL CG1 HG11 sing N N 354 
VAL CG1 HG12 sing N N 355 
VAL CG1 HG13 sing N N 356 
VAL CG2 HG21 sing N N 357 
VAL CG2 HG22 sing N N 358 
VAL CG2 HG23 sing N N 359 
VAL OXT HXT  sing N N 360 
# 
_pdbx_audit_support.ordinal                1 
_pdbx_audit_support.funding_organization   'European Union (EU)' 
_pdbx_audit_support.grant_number           875510 
_pdbx_audit_support.country                'European Union' 
# 
_pdbx_deposit_group.group_id            G_1002273 
_pdbx_deposit_group.group_description   
;MAP1LC3B screened against the DSi-poised Fragment Library by X-ray Crystallography at the XChem facility of Diamond Light Source beamline I04-1
;
_pdbx_deposit_group.group_title         'PanDDA analysis group deposition' 
_pdbx_deposit_group.group_type          'changed state' 
# 
_atom_sites.entry_id                    7GA8 
_atom_sites.fract_transf_matrix[1][1]   -0.00761544 
_atom_sites.fract_transf_matrix[1][2]   0.00082655 
_atom_sites.fract_transf_matrix[1][3]   0.01454632 
_atom_sites.fract_transf_matrix[2][1]   -0.01253403 
_atom_sites.fract_transf_matrix[2][2]   -0.00873977 
_atom_sites.fract_transf_matrix[2][3]   -0.00606533 
_atom_sites.fract_transf_matrix[3][1]   0.01271816 
_atom_sites.fract_transf_matrix[3][2]   -0.02379891 
_atom_sites.fract_transf_matrix[3][3]   0.00801064 
_atom_sites.fract_transf_vector[1]      0.186251 
_atom_sites.fract_transf_vector[2]      -0.379627 
_atom_sites.fract_transf_vector[3]      0.022305 
# 
loop_
_atom_type.symbol 
C  
CL 
N  
O  
S  
# 
loop_
_atom_site.group_PDB 
_atom_site.id 
_atom_site.type_symbol 
_atom_site.label_atom_id 
_atom_site.label_alt_id 
_atom_site.label_comp_id 
_atom_site.label_asym_id 
_atom_site.label_entity_id 
_atom_site.label_seq_id 
_atom_site.pdbx_PDB_ins_code 
_atom_site.Cartn_x 
_atom_site.Cartn_y 
_atom_site.Cartn_z 
_atom_site.occupancy 
_atom_site.B_iso_or_equiv 
_atom_site.pdbx_formal_charge 
_atom_site.auth_seq_id 
_atom_site.auth_comp_id 
_atom_site.auth_asym_id 
_atom_site.auth_atom_id 
_atom_site.pdbx_PDB_model_num 
ATOM   1    N  N   . LYS A 1 6   ? -6.657  4.822   -15.058 1.00 94.75  ? 5   LYS A N   1 
ATOM   2    C  CA  . LYS A 1 6   ? -6.948  3.612   -14.228 1.00 95.33  ? 5   LYS A CA  1 
ATOM   3    C  C   . LYS A 1 6   ? -6.134  3.647   -12.923 1.00 88.12  ? 5   LYS A C   1 
ATOM   4    O  O   . LYS A 1 6   ? -6.770  3.726   -11.862 1.00 86.53  ? 5   LYS A O   1 
ATOM   5    C  CB  . LYS A 1 6   ? -6.685  2.331   -15.026 1.00 97.73  ? 5   LYS A CB  1 
ATOM   6    C  CG  . LYS A 1 6   ? -7.931  1.667   -15.588 1.00 101.07 ? 5   LYS A CG  1 
ATOM   7    C  CD  . LYS A 1 6   ? -8.838  1.110   -14.515 1.00 103.49 ? 5   LYS A CD  1 
ATOM   8    C  CE  . LYS A 1 6   ? -9.732  0.000   -15.022 1.00 107.09 ? 5   LYS A CE  1 
ATOM   9    N  NZ  . LYS A 1 6   ? -10.468 0.413   -16.239 1.00 111.31 ? 5   LYS A NZ  1 
ATOM   10   N  N   . THR A 1 7   ? -4.795  3.586   -12.990 1.00 84.88  ? 6   THR A N   1 
ATOM   11   C  CA  . THR A 1 7   ? -3.894  3.554   -11.797 1.00 74.00  ? 6   THR A CA  1 
ATOM   12   C  C   . THR A 1 7   ? -3.777  4.952   -11.194 1.00 74.50  ? 6   THR A C   1 
ATOM   13   O  O   . THR A 1 7   ? -3.995  5.946   -11.937 1.00 68.23  ? 6   THR A O   1 
ATOM   14   C  CB  . THR A 1 7   ? -2.468  3.059   -12.084 1.00 81.65  ? 6   THR A CB  1 
ATOM   15   O  OG1 . THR A 1 7   ? -1.770  4.107   -12.760 1.00 68.97  ? 6   THR A OG1 1 
ATOM   16   C  CG2 . THR A 1 7   ? -2.403  1.763   -12.869 1.00 86.02  ? 6   THR A CG2 1 
ATOM   17   N  N   . PHE A 1 8   ? -3.414  5.017   -9.907  1.00 63.59  ? 7   PHE A N   1 
ATOM   18   C  CA  . PHE A 1 8   ? -3.304  6.267   -9.110  1.00 60.54  ? 7   PHE A CA  1 
ATOM   19   C  C   . PHE A 1 8   ? -2.390  7.278   -9.810  1.00 58.58  ? 7   PHE A C   1 
ATOM   20   O  O   . PHE A 1 8   ? -2.765  8.469   -9.907  1.00 60.76  ? 7   PHE A O   1 
ATOM   21   C  CB  . PHE A 1 8   ? -2.761  5.987   -7.706  1.00 56.69  ? 7   PHE A CB  1 
ATOM   22   C  CG  . PHE A 1 8   ? -2.795  7.178   -6.789  1.00 52.58  ? 7   PHE A CG  1 
ATOM   23   C  CD1 . PHE A 1 8   ? -4.007  7.710   -6.366  1.00 54.51  ? 7   PHE A CD1 1 
ATOM   24   C  CD2 . PHE A 1 8   ? -1.625  7.781   -6.363  1.00 47.69  ? 7   PHE A CD2 1 
ATOM   25   C  CE1 . PHE A 1 8   ? -4.040  8.799   -5.511  1.00 54.04  ? 7   PHE A CE1 1 
ATOM   26   C  CE2 . PHE A 1 8   ? -1.662  8.873   -5.512  1.00 53.56  ? 7   PHE A CE2 1 
ATOM   27   C  CZ  . PHE A 1 8   ? -2.869  9.384   -5.088  1.00 50.71  ? 7   PHE A CZ  1 
ATOM   28   N  N   . LYS A 1 9   ? -1.209  6.838   -10.248 1.00 59.77  ? 8   LYS A N   1 
ATOM   29   C  CA  . LYS A 1 9   ? -0.177  7.751   -10.805 1.00 58.61  ? 8   LYS A CA  1 
ATOM   30   C  C   . LYS A 1 9   ? -0.697  8.350   -12.121 1.00 64.91  ? 8   LYS A C   1 
ATOM   31   O  O   . LYS A 1 9   ? -0.299  9.488   -12.470 1.00 63.86  ? 8   LYS A O   1 
ATOM   32   C  CB  . LYS A 1 9   ? 1.158   7.026   -11.000 1.00 59.28  ? 8   LYS A CB  1 
ATOM   33   C  CG  . LYS A 1 9   ? 2.009   6.896   -9.746  1.00 60.20  ? 8   LYS A CG  1 
ATOM   34   C  CD  . LYS A 1 9   ? 3.444   6.535   -10.046 1.00 62.16  ? 8   LYS A CD  1 
ATOM   35   C  CE  . LYS A 1 9   ? 4.327   6.465   -8.818  1.00 62.59  ? 8   LYS A CE  1 
ATOM   36   N  NZ  . LYS A 1 9   ? 5.595   5.741   -9.083  1.00 65.09  ? 8   LYS A NZ  1 
ATOM   37   N  N   . GLN A 1 10  ? -1.568  7.607   -12.807 1.00 63.63  ? 9   GLN A N   1 
ATOM   38   C  CA  . GLN A 1 10  ? -2.234  8.023   -14.068 1.00 71.31  ? 9   GLN A CA  1 
ATOM   39   C  C   . GLN A 1 10  ? -3.291  9.112   -13.813 1.00 67.67  ? 9   GLN A C   1 
ATOM   40   O  O   . GLN A 1 10  ? -3.387  10.045  -14.622 1.00 71.54  ? 9   GLN A O   1 
ATOM   41   C  CB  . GLN A 1 10  ? -2.826  6.791   -14.757 1.00 67.87  ? 9   GLN A CB  1 
ATOM   42   C  CG  . GLN A 1 10  ? -1.756  5.871   -15.327 1.00 71.19  ? 9   GLN A CG  1 
ATOM   43   C  CD  . GLN A 1 10  ? -2.309  4.546   -15.790 1.00 76.16  ? 9   GLN A CD  1 
ATOM   44   O  OE1 . GLN A 1 10  ? -3.467  4.211   -15.541 1.00 72.16  ? 9   GLN A OE1 1 
ATOM   45   N  NE2 . GLN A 1 10  ? -1.473  3.781   -16.476 1.00 80.37  ? 9   GLN A NE2 1 
ATOM   46   N  N   A ARG A 1 11  ? -4.042  8.988   -12.709 0.34 64.19  ? 10  ARG A N   1 
ATOM   47   N  N   B ARG A 1 11  ? -4.040  8.998   -12.711 0.17 66.15  ? 10  ARG A N   1 
ATOM   48   C  CA  A ARG A 1 11  ? -5.223  9.831   -12.367 0.34 63.59  ? 10  ARG A CA  1 
ATOM   49   C  CA  B ARG A 1 11  ? -5.221  9.848   -12.402 0.17 65.35  ? 10  ARG A CA  1 
ATOM   50   C  C   A ARG A 1 11  ? -4.785  11.210  -11.857 0.34 63.32  ? 10  ARG A C   1 
ATOM   51   C  C   B ARG A 1 11  ? -4.788  11.214  -11.851 0.17 64.15  ? 10  ARG A C   1 
ATOM   52   O  O   A ARG A 1 11  ? -5.570  12.166  -12.022 0.34 63.23  ? 10  ARG A O   1 
ATOM   53   O  O   B ARG A 1 11  ? -5.577  12.170  -11.996 0.17 63.92  ? 10  ARG A O   1 
ATOM   54   C  CB  A ARG A 1 11  ? -6.080  9.156   -11.288 0.34 66.43  ? 10  ARG A CB  1 
ATOM   55   C  CB  B ARG A 1 11  ? -6.135  9.135   -11.402 0.17 67.53  ? 10  ARG A CB  1 
ATOM   56   C  CG  A ARG A 1 11  ? -6.795  7.892   -11.741 0.34 69.90  ? 10  ARG A CG  1 
ATOM   57   C  CG  B ARG A 1 11  ? -6.878  7.941   -11.984 0.17 70.08  ? 10  ARG A CG  1 
ATOM   58   C  CD  A ARG A 1 11  ? -7.837  7.416   -10.744 0.34 73.15  ? 10  ARG A CD  1 
ATOM   59   C  CD  B ARG A 1 11  ? -7.686  7.210   -10.931 0.17 71.82  ? 10  ARG A CD  1 
ATOM   60   N  NE  A ARG A 1 11  ? -7.363  6.358   -9.857  0.34 75.04  ? 10  ARG A NE  1 
ATOM   61   N  NE  B ARG A 1 11  ? -6.988  6.043   -10.413 0.17 73.52  ? 10  ARG A NE  1 
ATOM   62   C  CZ  A ARG A 1 11  ? -7.360  6.427   -8.530  0.34 74.68  ? 10  ARG A CZ  1 
ATOM   63   C  CZ  B ARG A 1 11  ? -7.202  5.507   -9.219  0.17 72.84  ? 10  ARG A CZ  1 
ATOM   64   N  NH1 A ARG A 1 11  ? -7.811  7.510   -7.918  0.34 75.85  ? 10  ARG A NH1 1 
ATOM   65   N  NH1 B ARG A 1 11  ? -8.092  6.043   -8.402  0.17 74.96  ? 10  ARG A NH1 1 
ATOM   66   N  NH2 A ARG A 1 11  ? -6.914  5.408   -7.818  0.34 73.69  ? 10  ARG A NH2 1 
ATOM   67   N  NH2 B ARG A 1 11  ? -6.518  4.443   -8.842  0.17 74.77  ? 10  ARG A NH2 1 
ATOM   68   N  N   . ARG A 1 12  ? -3.604  11.306  -11.231 1.00 61.78  ? 11  ARG A N   1 
ATOM   69   C  CA  . ARG A 1 12  ? -3.134  12.571  -10.583 1.00 61.66  ? 11  ARG A CA  1 
ATOM   70   C  C   . ARG A 1 12  ? -1.725  12.940  -11.063 1.00 57.18  ? 11  ARG A C   1 
ATOM   71   O  O   . ARG A 1 12  ? -0.869  12.040  -11.149 1.00 55.90  ? 11  ARG A O   1 
ATOM   72   C  CB  . ARG A 1 12  ? -3.177  12.459  -9.049  1.00 62.31  ? 11  ARG A CB  1 
ATOM   73   C  CG  . ARG A 1 12  ? -4.520  12.055  -8.438  1.00 65.58  ? 11  ARG A CG  1 
ATOM   74   C  CD  . ARG A 1 12  ? -5.605  13.134  -8.358  1.00 72.25  ? 11  ARG A CD  1 
ATOM   75   N  NE  . ARG A 1 12  ? -5.332  14.247  -7.448  1.00 82.42  ? 11  ARG A NE  1 
ATOM   76   C  CZ  . ARG A 1 12  ? -6.117  15.318  -7.273  1.00 89.73  ? 11  ARG A CZ  1 
ATOM   77   N  NH1 . ARG A 1 12  ? -7.252  15.447  -7.944  1.00 94.03  ? 11  ARG A NH1 1 
ATOM   78   N  NH2 . ARG A 1 12  ? -5.764  16.259  -6.414  1.00 94.66  ? 11  ARG A NH2 1 
ATOM   79   N  N   . THR A 1 13  ? -1.497  14.239  -11.303 1.00 57.31  ? 12  THR A N   1 
ATOM   80   C  CA  . THR A 1 13  ? -0.187  14.825  -11.693 1.00 53.98  ? 12  THR A CA  1 
ATOM   81   C  C   . THR A 1 13  ? 0.799   14.630  -10.524 1.00 56.06  ? 12  THR A C   1 
ATOM   82   O  O   . THR A 1 13  ? 0.352   14.569  -9.359  1.00 49.89  ? 12  THR A O   1 
ATOM   83   C  CB  . THR A 1 13  ? -0.317  16.300  -12.107 1.00 50.82  ? 12  THR A CB  1 
ATOM   84   O  OG1 . THR A 1 13  ? -0.568  17.116  -10.961 1.00 58.12  ? 12  THR A OG1 1 
ATOM   85   C  CG2 . THR A 1 13  ? -1.416  16.568  -13.113 1.00 58.62  ? 12  THR A CG2 1 
ATOM   86   N  N   . PHE A 1 14  ? 2.098   14.555  -10.798 1.00 50.84  ? 13  PHE A N   1 
ATOM   87   C  CA  . PHE A 1 14  ? 3.154   14.516  -9.756  1.00 59.12  ? 13  PHE A CA  1 
ATOM   88   C  C   . PHE A 1 14  ? 2.949   15.704  -8.803  1.00 62.67  ? 13  PHE A C   1 
ATOM   89   O  O   . PHE A 1 14  ? 3.201   15.528  -7.595  1.00 55.61  ? 13  PHE A O   1 
ATOM   90   C  CB  . PHE A 1 14  ? 4.556   14.482  -10.375 1.00 56.75  ? 13  PHE A CB  1 
ATOM   91   C  CG  . PHE A 1 14  ? 5.682   14.352  -9.375  1.00 51.81  ? 13  PHE A CG  1 
ATOM   92   C  CD1 . PHE A 1 14  ? 6.151   13.108  -8.990  1.00 56.70  ? 13  PHE A CD1 1 
ATOM   93   C  CD2 . PHE A 1 14  ? 6.265   15.476  -8.817  1.00 54.49  ? 13  PHE A CD2 1 
ATOM   94   C  CE1 . PHE A 1 14  ? 7.176   12.987  -8.065  1.00 55.41  ? 13  PHE A CE1 1 
ATOM   95   C  CE2 . PHE A 1 14  ? 7.289   15.356  -7.887  1.00 53.37  ? 13  PHE A CE2 1 
ATOM   96   C  CZ  . PHE A 1 14  ? 7.744   14.113  -7.516  1.00 55.06  ? 13  PHE A CZ  1 
ATOM   97   N  N   . GLU A 1 15  ? 2.496   16.855  -9.316  1.00 53.92  ? 14  GLU A N   1 
ATOM   98   C  CA  . GLU A 1 15  ? 2.261   18.099  -8.529  1.00 59.42  ? 14  GLU A CA  1 
ATOM   99   C  C   . GLU A 1 15  ? 1.133   17.874  -7.512  1.00 57.29  ? 14  GLU A C   1 
ATOM   100  O  O   . GLU A 1 15  ? 1.221   18.414  -6.380  1.00 49.93  ? 14  GLU A O   1 
ATOM   101  C  CB  . GLU A 1 15  ? 1.910   19.258  -9.463  1.00 60.55  ? 14  GLU A CB  1 
ATOM   102  C  CG  . GLU A 1 15  ? 1.702   20.575  -8.743  1.00 70.39  ? 14  GLU A CG  1 
ATOM   103  C  CD  . GLU A 1 15  ? 1.677   21.801  -9.643  1.00 74.24  ? 14  GLU A CD  1 
ATOM   104  O  OE1 . GLU A 1 15  ? 1.746   21.641  -10.883 1.00 81.26  ? 14  GLU A OE1 1 
ATOM   105  O  OE2 . GLU A 1 15  ? 1.611   22.917  -9.097  1.00 82.65  ? 14  GLU A OE2 1 
ATOM   106  N  N   . GLN A 1 16  ? 0.120   17.109  -7.918  1.00 51.12  ? 15  GLN A N   1 
ATOM   107  C  CA  . GLN A 1 16  ? -1.091  16.815  -7.125  1.00 55.75  ? 15  GLN A CA  1 
ATOM   108  C  C   . GLN A 1 16  ? -0.804  15.761  -6.041  1.00 58.54  ? 15  GLN A C   1 
ATOM   109  O  O   . GLN A 1 16  ? -1.341  15.899  -4.920  1.00 58.77  ? 15  GLN A O   1 
ATOM   110  C  CB  . GLN A 1 16  ? -2.222  16.370  -8.052  1.00 57.48  ? 15  GLN A CB  1 
ATOM   111  C  CG  . GLN A 1 16  ? -2.949  17.540  -8.707  1.00 56.98  ? 15  GLN A CG  1 
ATOM   112  C  CD  . GLN A 1 16  ? -3.961  17.046  -9.705  1.00 51.71  ? 15  GLN A CD  1 
ATOM   113  O  OE1 . GLN A 1 16  ? -3.885  15.921  -10.176 1.00 45.33  ? 15  GLN A OE1 1 
ATOM   114  N  NE2 . GLN A 1 16  ? -4.918  17.895  -10.038 1.00 55.96  ? 15  GLN A NE2 1 
ATOM   115  N  N   A ARG A 1 17  ? 0.002   14.744  -6.367  0.15 56.14  ? 16  ARG A N   1 
ATOM   116  N  N   B ARG A 1 17  ? 0.003   14.743  -6.363  0.35 55.24  ? 16  ARG A N   1 
ATOM   117  C  CA  A ARG A 1 17  ? 0.387   13.649  -5.433  0.15 56.13  ? 16  ARG A CA  1 
ATOM   118  C  CA  B ARG A 1 17  ? 0.383   13.652  -5.421  0.35 56.47  ? 16  ARG A CA  1 
ATOM   119  C  C   A ARG A 1 17  ? 1.291   14.223  -4.333  0.15 53.84  ? 16  ARG A C   1 
ATOM   120  C  C   B ARG A 1 17  ? 1.285   14.235  -4.326  0.35 54.07  ? 16  ARG A C   1 
ATOM   121  O  O   A ARG A 1 17  ? 1.096   13.847  -3.159  0.15 54.35  ? 16  ARG A O   1 
ATOM   122  O  O   B ARG A 1 17  ? 1.070   13.898  -3.141  0.35 55.03  ? 16  ARG A O   1 
ATOM   123  C  CB  A ARG A 1 17  ? 1.057   12.499  -6.194  0.15 56.62  ? 16  ARG A CB  1 
ATOM   124  C  CB  B ARG A 1 17  ? 1.031   12.483  -6.173  0.35 55.77  ? 16  ARG A CB  1 
ATOM   125  C  CG  A ARG A 1 17  ? 0.177   11.879  -7.271  0.15 56.44  ? 16  ARG A CG  1 
ATOM   126  C  CG  B ARG A 1 17  ? 0.060   11.719  -7.062  0.35 53.85  ? 16  ARG A CG  1 
ATOM   127  C  CD  A ARG A 1 17  ? 0.688   10.547  -7.792  0.15 58.03  ? 16  ARG A CD  1 
ATOM   128  C  CD  B ARG A 1 17  ? 0.662   10.539  -7.808  0.35 56.20  ? 16  ARG A CD  1 
ATOM   129  N  NE  A ARG A 1 17  ? 2.076   10.584  -8.232  0.15 60.60  ? 16  ARG A NE  1 
ATOM   130  N  NE  B ARG A 1 17  ? 1.062   10.852  -9.176  0.35 60.25  ? 16  ARG A NE  1 
ATOM   131  C  CZ  A ARG A 1 17  ? 2.475   10.521  -9.498  0.15 60.89  ? 16  ARG A CZ  1 
ATOM   132  C  CZ  B ARG A 1 17  ? 2.320   10.925  -9.604  0.35 61.18  ? 16  ARG A CZ  1 
ATOM   133  N  NH1 A ARG A 1 17  ? 1.589   10.419  -10.474 0.15 59.77  ? 16  ARG A NH1 1 
ATOM   134  N  NH1 B ARG A 1 17  ? 3.322   10.703  -8.771  0.35 60.41  ? 16  ARG A NH1 1 
ATOM   135  N  NH2 A ARG A 1 17  ? 3.764   10.555  -9.783  0.15 61.51  ? 16  ARG A NH2 1 
ATOM   136  N  NH2 B ARG A 1 17  ? 2.572   11.217  -10.868 0.35 60.91  ? 16  ARG A NH2 1 
ATOM   137  N  N   . VAL A 1 18  ? 2.221   15.112  -4.699  1.00 49.97  ? 17  VAL A N   1 
ATOM   138  C  CA  . VAL A 1 18  ? 3.140   15.785  -3.729  1.00 49.90  ? 17  VAL A CA  1 
ATOM   139  C  C   . VAL A 1 18  ? 2.363   16.672  -2.733  1.00 60.21  ? 17  VAL A C   1 
ATOM   140  O  O   . VAL A 1 18  ? 2.659   16.575  -1.503  1.00 49.36  ? 17  VAL A O   1 
ATOM   141  C  CB  . VAL A 1 18  ? 4.208   16.594  -4.472  1.00 51.60  ? 17  VAL A CB  1 
ATOM   142  C  CG1 . VAL A 1 18  ? 4.817   17.671  -3.593  1.00 57.77  ? 17  VAL A CG1 1 
ATOM   143  C  CG2 . VAL A 1 18  ? 5.285   15.685  -5.055  1.00 57.88  ? 17  VAL A CG2 1 
ATOM   144  N  N   . GLU A 1 19  ? 1.466   17.548  -3.230  1.00 54.79  ? 18  GLU A N   1 
ATOM   145  C  CA  . GLU A 1 19  ? 0.649   18.495  -2.417  1.00 57.64  ? 18  GLU A CA  1 
ATOM   146  C  C   . GLU A 1 19  ? -0.287  17.723  -1.483  1.00 51.37  ? 18  GLU A C   1 
ATOM   147  O  O   . GLU A 1 19  ? -0.590  18.225  -0.384  1.00 55.53  ? 18  GLU A O   1 
ATOM   148  C  CB  . GLU A 1 19  ? -0.204  19.432  -3.285  1.00 63.72  ? 18  GLU A CB  1 
ATOM   149  C  CG  . GLU A 1 19  ? 0.456   20.766  -3.551  1.00 74.96  ? 18  GLU A CG  1 
ATOM   150  C  CD  . GLU A 1 19  ? 1.001   21.469  -2.322  1.00 81.45  ? 18  GLU A CD  1 
ATOM   151  O  OE1 . GLU A 1 19  ? 0.257   21.582  -1.319  1.00 90.18  ? 18  GLU A OE1 1 
ATOM   152  O  OE2 . GLU A 1 19  ? 2.175   21.890  -2.371  1.00 88.94  ? 18  GLU A OE2 1 
ATOM   153  N  N   . ASP A 1 20  ? -0.784  16.579  -1.926  1.00 51.34  ? 19  ASP A N   1 
ATOM   154  C  CA  . ASP A 1 20  ? -1.626  15.690  -1.096  1.00 49.22  ? 19  ASP A CA  1 
ATOM   155  C  C   . ASP A 1 20  ? -0.817  15.128  0.075   1.00 53.66  ? 19  ASP A C   1 
ATOM   156  O  O   . ASP A 1 20  ? -1.331  15.176  1.191   1.00 51.11  ? 19  ASP A O   1 
ATOM   157  C  CB  . ASP A 1 20  ? -2.231  14.558  -1.911  1.00 49.28  ? 19  ASP A CB  1 
ATOM   158  C  CG  . ASP A 1 20  ? -3.418  13.953  -1.185  1.00 65.68  ? 19  ASP A CG  1 
ATOM   159  O  OD1 . ASP A 1 20  ? -3.685  12.755  -1.404  1.00 68.64  ? 19  ASP A OD1 1 
ATOM   160  O  OD2 . ASP A 1 20  ? -4.070  14.696  -0.390  1.00 73.33  ? 19  ASP A OD2 1 
ATOM   161  N  N   . VAL A 1 21  ? 0.394   14.618  -0.177  1.00 48.33  ? 20  VAL A N   1 
ATOM   162  C  CA  . VAL A 1 21  ? 1.270   14.041  0.874   1.00 48.15  ? 20  VAL A CA  1 
ATOM   163  C  C   . VAL A 1 21  ? 1.543   15.130  1.904   1.00 53.01  ? 20  VAL A C   1 
ATOM   164  O  O   . VAL A 1 21  ? 1.531   14.803  3.105   1.00 48.91  ? 20  VAL A O   1 
ATOM   165  C  CB  . VAL A 1 21  ? 2.566   13.459  0.287   1.00 45.43  ? 20  VAL A CB  1 
ATOM   166  C  CG1 . VAL A 1 21  ? 3.596   13.139  1.369   1.00 47.88  ? 20  VAL A CG1 1 
ATOM   167  C  CG2 . VAL A 1 21  ? 2.255   12.240  -0.548  1.00 38.90  ? 20  VAL A CG2 1 
ATOM   168  N  N   . ARG A 1 22  ? 1.776   16.362  1.442   1.00 55.91  ? 21  ARG A N   1 
ATOM   169  C  CA  . ARG A 1 22  ? 2.115   17.527  2.301   1.00 59.61  ? 21  ARG A CA  1 
ATOM   170  C  C   . ARG A 1 22  ? 0.934   17.862  3.224   1.00 58.74  ? 21  ARG A C   1 
ATOM   171  O  O   . ARG A 1 22  ? 1.221   18.371  4.337   1.00 53.63  ? 21  ARG A O   1 
ATOM   172  C  CB  . ARG A 1 22  ? 2.486   18.756  1.463   1.00 66.43  ? 21  ARG A CB  1 
ATOM   173  C  CG  . ARG A 1 22  ? 3.874   18.720  0.837   1.00 76.19  ? 21  ARG A CG  1 
ATOM   174  C  CD  . ARG A 1 22  ? 4.078   19.948  -0.037  1.00 81.05  ? 21  ARG A CD  1 
ATOM   175  N  NE  . ARG A 1 22  ? 5.379   20.008  -0.695  1.00 91.75  ? 21  ARG A NE  1 
ATOM   176  C  CZ  . ARG A 1 22  ? 5.698   20.843  -1.690  1.00 95.19  ? 21  ARG A CZ  1 
ATOM   177  N  NH1 . ARG A 1 22  ? 4.807   21.696  -2.173  1.00 98.35  ? 21  ARG A NH1 1 
ATOM   178  N  NH2 . ARG A 1 22  ? 6.916   20.815  -2.205  1.00 91.26  ? 21  ARG A NH2 1 
ATOM   179  N  N   . LEU A 1 23  ? -0.309  17.620  2.773   1.00 55.52  ? 22  LEU A N   1 
ATOM   180  C  CA  . LEU A 1 23  ? -1.580  17.864  3.522   1.00 59.46  ? 22  LEU A CA  1 
ATOM   181  C  C   . LEU A 1 23  ? -1.812  16.744  4.551   1.00 58.34  ? 22  LEU A C   1 
ATOM   182  O  O   . LEU A 1 23  ? -2.306  17.053  5.650   1.00 56.94  ? 22  LEU A O   1 
ATOM   183  C  CB  . LEU A 1 23  ? -2.766  17.938  2.544   1.00 62.40  ? 22  LEU A CB  1 
ATOM   184  C  CG  . LEU A 1 23  ? -4.138  18.240  3.165   1.00 66.28  ? 22  LEU A CG  1 
ATOM   185  C  CD1 . LEU A 1 23  ? -4.215  19.679  3.665   1.00 64.11  ? 22  LEU A CD1 1 
ATOM   186  C  CD2 . LEU A 1 23  ? -5.266  17.957  2.183   1.00 66.58  ? 22  LEU A CD2 1 
ATOM   187  N  N   . ILE A 1 24  ? -1.492  15.493  4.202   1.00 52.12  ? 23  ILE A N   1 
ATOM   188  C  CA  . ILE A 1 24  ? -1.516  14.330  5.138   1.00 48.97  ? 23  ILE A CA  1 
ATOM   189  C  C   . ILE A 1 24  ? -0.488  14.605  6.240   1.00 45.74  ? 23  ILE A C   1 
ATOM   190  O  O   . ILE A 1 24  ? -0.812  14.391  7.400   1.00 49.25  ? 23  ILE A O   1 
ATOM   191  C  CB  . ILE A 1 24  ? -1.298  13.009  4.378   1.00 51.29  ? 23  ILE A CB  1 
ATOM   192  C  CG1 . ILE A 1 24  ? -2.366  12.841  3.290   1.00 50.11  ? 23  ILE A CG1 1 
ATOM   193  C  CG2 . ILE A 1 24  ? -1.266  11.826  5.333   1.00 51.42  ? 23  ILE A CG2 1 
ATOM   194  C  CD1 . ILE A 1 24  ? -2.247  11.567  2.475   1.00 51.07  ? 23  ILE A CD1 1 
ATOM   195  N  N   . ARG A 1 25  ? 0.698   15.100  5.901   1.00 45.02  ? 24  ARG A N   1 
ATOM   196  C  CA  . ARG A 1 25  ? 1.729   15.471  6.901   1.00 52.58  ? 24  ARG A CA  1 
ATOM   197  C  C   . ARG A 1 25  ? 1.107   16.460  7.885   1.00 60.28  ? 24  ARG A C   1 
ATOM   198  O  O   . ARG A 1 25  ? 1.231   16.234  9.080   1.00 53.81  ? 24  ARG A O   1 
ATOM   199  C  CB  . ARG A 1 25  ? 2.970   16.098  6.272   1.00 53.82  ? 24  ARG A CB  1 
ATOM   200  C  CG  . ARG A 1 25  ? 4.016   15.064  5.896   1.00 55.97  ? 24  ARG A CG  1 
ATOM   201  C  CD  . ARG A 1 25  ? 5.298   15.690  5.428   1.00 56.76  ? 24  ARG A CD  1 
ATOM   202  N  NE  . ARG A 1 25  ? 5.828   14.877  4.341   1.00 66.80  ? 24  ARG A NE  1 
ATOM   203  C  CZ  . ARG A 1 25  ? 6.494   15.352  3.290   1.00 75.32  ? 24  ARG A CZ  1 
ATOM   204  N  NH1 . ARG A 1 25  ? 6.734   16.648  3.169   1.00 76.39  ? 24  ARG A NH1 1 
ATOM   205  N  NH2 . ARG A 1 25  ? 6.907   14.526  2.348   1.00 76.47  ? 24  ARG A NH2 1 
ATOM   206  N  N   . GLU A 1 26  ? 0.453   17.499  7.368   1.00 59.18  ? 25  GLU A N   1 
ATOM   207  C  CA  . GLU A 1 26  ? -0.104  18.620  8.169   1.00 67.50  ? 25  GLU A CA  1 
ATOM   208  C  C   . GLU A 1 26  ? -1.254  18.087  9.034   1.00 51.91  ? 25  GLU A C   1 
ATOM   209  O  O   . GLU A 1 26  ? -1.248  18.382  10.229  1.00 57.90  ? 25  GLU A O   1 
ATOM   210  C  CB  . GLU A 1 26  ? -0.520  19.780  7.253   1.00 72.47  ? 25  GLU A CB  1 
ATOM   211  C  CG  . GLU A 1 26  ? -0.722  21.109  7.971   1.00 88.03  ? 25  GLU A CG  1 
ATOM   212  C  CD  . GLU A 1 26  ? 0.527   21.949  8.221   1.00 96.49  ? 25  GLU A CD  1 
ATOM   213  O  OE1 . GLU A 1 26  ? 1.646   21.389  8.199   1.00 96.04  ? 25  GLU A OE1 1 
ATOM   214  O  OE2 . GLU A 1 26  ? 0.377   23.173  8.442   1.00 105.57 ? 25  GLU A OE2 1 
ATOM   215  N  N   . GLN A 1 27  ? -2.161  17.289  8.472   1.00 51.65  ? 26  GLN A N   1 
ATOM   216  C  CA  . GLN A 1 27  ? -3.457  16.918  9.092   1.00 49.41  ? 26  GLN A CA  1 
ATOM   217  C  C   . GLN A 1 27  ? -3.446  15.510  9.707   1.00 54.11  ? 26  GLN A C   1 
ATOM   218  O  O   . GLN A 1 27  ? -4.363  15.210  10.503  1.00 41.31  ? 26  GLN A O   1 
ATOM   219  C  CB  . GLN A 1 27  ? -4.560  16.969  8.041   1.00 54.17  ? 26  GLN A CB  1 
ATOM   220  C  CG  . GLN A 1 27  ? -4.860  18.384  7.564   1.00 62.55  ? 26  GLN A CG  1 
ATOM   221  C  CD  . GLN A 1 27  ? -6.056  18.411  6.645   1.00 72.08  ? 26  GLN A CD  1 
ATOM   222  O  OE1 . GLN A 1 27  ? -6.478  17.375  6.125   1.00 68.93  ? 26  GLN A OE1 1 
ATOM   223  N  NE2 . GLN A 1 27  ? -6.610  19.601  6.445   1.00 76.50  ? 26  GLN A NE2 1 
ATOM   224  N  N   . HIS A 1 28  ? -2.546  14.624  9.285   1.00 44.19  ? 27  HIS A N   1 
ATOM   225  C  CA  . HIS A 1 28  ? -2.399  13.286  9.905   1.00 43.82  ? 27  HIS A CA  1 
ATOM   226  C  C   . HIS A 1 28  ? -0.919  13.034  10.083  1.00 38.45  ? 27  HIS A C   1 
ATOM   227  O  O   . HIS A 1 28  ? -0.375  12.141  9.464   1.00 42.84  ? 27  HIS A O   1 
ATOM   228  C  CB  . HIS A 1 28  ? -3.095  12.218  9.071   1.00 48.95  ? 27  HIS A CB  1 
ATOM   229  C  CG  . HIS A 1 28  ? -4.537  12.520  8.853   1.00 59.37  ? 27  HIS A CG  1 
ATOM   230  N  ND1 . HIS A 1 28  ? -5.505  12.154  9.764   1.00 55.16  ? 27  HIS A ND1 1 
ATOM   231  C  CD2 . HIS A 1 28  ? -5.170  13.185  7.857   1.00 58.00  ? 27  HIS A CD2 1 
ATOM   232  C  CE1 . HIS A 1 28  ? -6.684  12.547  9.322   1.00 63.06  ? 27  HIS A CE1 1 
ATOM   233  N  NE2 . HIS A 1 28  ? -6.501  13.188  8.158   1.00 65.01  ? 27  HIS A NE2 1 
ATOM   234  N  N   . PRO A 1 29  ? -0.249  13.844  10.915  1.00 40.75  ? 28  PRO A N   1 
ATOM   235  C  CA  . PRO A 1 29  ? 1.203   13.804  11.020  1.00 40.67  ? 28  PRO A CA  1 
ATOM   236  C  C   . PRO A 1 29  ? 1.747   12.427  11.438  1.00 41.47  ? 28  PRO A C   1 
ATOM   237  O  O   . PRO A 1 29  ? 2.852   12.117  10.992  1.00 41.56  ? 28  PRO A O   1 
ATOM   238  C  CB  . PRO A 1 29  ? 1.508   14.888  12.050  1.00 45.22  ? 28  PRO A CB  1 
ATOM   239  C  CG  . PRO A 1 29  ? 0.228   14.950  12.887  1.00 45.32  ? 28  PRO A CG  1 
ATOM   240  C  CD  . PRO A 1 29  ? -0.855  14.812  11.843  1.00 45.73  ? 28  PRO A CD  1 
ATOM   241  N  N   . THR A 1 30  ? 0.979   11.610  12.173  1.00 39.16  ? 29  THR A N   1 
ATOM   242  C  CA  . THR A 1 30  ? 1.447   10.273  12.662  1.00 39.76  ? 29  THR A CA  1 
ATOM   243  C  C   . THR A 1 30  ? 1.134   9.133   11.679  1.00 36.78  ? 29  THR A C   1 
ATOM   244  O  O   . THR A 1 30  ? 1.480   7.959   12.011  1.00 36.16  ? 29  THR A O   1 
ATOM   245  C  CB  . THR A 1 30  ? 0.937   9.936   14.079  1.00 36.69  ? 29  THR A CB  1 
ATOM   246  O  OG1 . THR A 1 30  ? -0.394  9.450   13.975  1.00 37.27  ? 29  THR A OG1 1 
ATOM   247  C  CG2 . THR A 1 30  ? 1.056   11.082  15.064  1.00 37.09  ? 29  THR A CG2 1 
ATOM   248  N  N   . LYS A 1 31  ? 0.564   9.417   10.498  1.00 34.93  ? 30  LYS A N   1 
ATOM   249  C  CA  . LYS A 1 31  ? 0.083   8.391   9.538   1.00 34.47  ? 30  LYS A CA  1 
ATOM   250  C  C   . LYS A 1 31  ? 1.059   8.260   8.358   1.00 34.76  ? 30  LYS A C   1 
ATOM   251  O  O   . LYS A 1 31  ? 1.624   9.280   7.911   1.00 33.74  ? 30  LYS A O   1 
ATOM   252  C  CB  . LYS A 1 31  ? -1.335  8.726   9.055   1.00 38.51  ? 30  LYS A CB  1 
ATOM   253  C  CG  . LYS A 1 31  ? -2.391  8.826   10.155  1.00 43.04  ? 30  LYS A CG  1 
ATOM   254  C  CD  . LYS A 1 31  ? -2.383  7.619   11.107  1.00 43.43  ? 30  LYS A CD  1 
ATOM   255  C  CE  . LYS A 1 31  ? -3.392  7.736   12.240  1.00 49.10  ? 30  LYS A CE  1 
ATOM   256  N  NZ  . LYS A 1 31  ? -4.644  8.397   11.804  1.00 47.92  ? 30  LYS A NZ  1 
ATOM   257  N  N   . ILE A 1 32  ? 1.271   7.032   7.876   1.00 36.61  ? 31  ILE A N   1 
ATOM   258  C  CA  . ILE A 1 32  ? 2.027   6.803   6.606   1.00 38.94  ? 31  ILE A CA  1 
ATOM   259  C  C   . ILE A 1 32  ? 1.030   6.861   5.442   1.00 36.46  ? 31  ILE A C   1 
ATOM   260  O  O   . ILE A 1 32  ? 0.015   6.160   5.436   1.00 37.89  ? 31  ILE A O   1 
ATOM   261  C  CB  . ILE A 1 32  ? 2.804   5.473   6.633   1.00 38.00  ? 31  ILE A CB  1 
ATOM   262  C  CG1 . ILE A 1 32  ? 3.800   5.401   7.797   1.00 34.92  ? 31  ILE A CG1 1 
ATOM   263  C  CG2 . ILE A 1 32  ? 3.462   5.235   5.275   1.00 36.88  ? 31  ILE A CG2 1 
ATOM   264  C  CD1 . ILE A 1 32  ? 4.696   6.618   7.950   1.00 35.77  ? 31  ILE A CD1 1 
ATOM   265  N  N   . PRO A 1 33  ? 1.259   7.693   4.415   1.00 35.11  ? 32  PRO A N   1 
ATOM   266  C  CA  . PRO A 1 33  ? 0.371   7.712   3.245   1.00 39.11  ? 32  PRO A CA  1 
ATOM   267  C  C   . PRO A 1 33  ? 0.665   6.545   2.296   1.00 38.77  ? 32  PRO A C   1 
ATOM   268  O  O   . PRO A 1 33  ? 1.748   6.523   1.700   1.00 40.84  ? 32  PRO A O   1 
ATOM   269  C  CB  . PRO A 1 33  ? 0.691   9.072   2.625   1.00 36.17  ? 32  PRO A CB  1 
ATOM   270  C  CG  . PRO A 1 33  ? 2.137   9.300   2.955   1.00 37.15  ? 32  PRO A CG  1 
ATOM   271  C  CD  . PRO A 1 33  ? 2.324   8.703   4.331   1.00 39.38  ? 32  PRO A CD  1 
ATOM   272  N  N   . VAL A 1 34  ? -0.253  5.582   2.204   1.00 38.14  ? 33  VAL A N   1 
ATOM   273  C  CA  . VAL A 1 34  ? -0.038  4.339   1.412   1.00 39.04  ? 33  VAL A CA  1 
ATOM   274  C  C   . VAL A 1 34  ? -1.028  4.316   0.235   1.00 45.94  ? 33  VAL A C   1 
ATOM   275  O  O   . VAL A 1 34  ? -2.224  4.668   0.420   1.00 45.69  ? 33  VAL A O   1 
ATOM   276  C  CB  . VAL A 1 34  ? -0.150  3.097   2.314   1.00 40.64  ? 33  VAL A CB  1 
ATOM   277  C  CG1 . VAL A 1 34  ? 0.189   1.821   1.567   1.00 43.67  ? 33  VAL A CG1 1 
ATOM   278  C  CG2 . VAL A 1 34  ? 0.746   3.226   3.544   1.00 38.92  ? 33  VAL A CG2 1 
ATOM   279  N  N   . ILE A 1 35  ? -0.522  3.937   -0.940  1.00 49.50  ? 34  ILE A N   1 
ATOM   280  C  CA  . ILE A 1 35  ? -1.335  3.572   -2.130  1.00 46.16  ? 34  ILE A CA  1 
ATOM   281  C  C   . ILE A 1 35  ? -1.306  2.053   -2.244  1.00 41.32  ? 34  ILE A C   1 
ATOM   282  O  O   . ILE A 1 35  ? -0.212  1.495   -2.309  1.00 46.01  ? 34  ILE A O   1 
ATOM   283  C  CB  . ILE A 1 35  ? -0.782  4.247   -3.392  1.00 49.69  ? 34  ILE A CB  1 
ATOM   284  C  CG1 . ILE A 1 35  ? -0.701  5.769   -3.239  1.00 47.09  ? 34  ILE A CG1 1 
ATOM   285  C  CG2 . ILE A 1 35  ? -1.583  3.806   -4.611  1.00 52.34  ? 34  ILE A CG2 1 
ATOM   286  C  CD1 . ILE A 1 35  ? -2.015  6.465   -2.977  1.00 51.92  ? 34  ILE A CD1 1 
ATOM   287  N  N   . ILE A 1 36  ? -2.471  1.419   -2.186  1.00 42.04  ? 35  ILE A N   1 
ATOM   288  C  CA  . ILE A 1 36  ? -2.603  -0.057  -2.315  1.00 44.20  ? 35  ILE A CA  1 
ATOM   289  C  C   . ILE A 1 36  ? -3.528  -0.335  -3.499  1.00 50.00  ? 35  ILE A C   1 
ATOM   290  O  O   . ILE A 1 36  ? -4.627  0.240   -3.541  1.00 47.79  ? 35  ILE A O   1 
ATOM   291  C  CB  . ILE A 1 36  ? -3.112  -0.698  -1.017  1.00 45.45  ? 35  ILE A CB  1 
ATOM   292  C  CG1 . ILE A 1 36  ? -2.324  -0.191  0.203   1.00 45.66  ? 35  ILE A CG1 1 
ATOM   293  C  CG2 . ILE A 1 36  ? -3.048  -2.209  -1.163  1.00 40.12  ? 35  ILE A CG2 1 
ATOM   294  C  CD1 . ILE A 1 36  ? -2.821  -0.740  1.534   1.00 43.24  ? 35  ILE A CD1 1 
ATOM   295  N  N   . GLU A 1 37  ? -3.044  -1.143  -4.439  1.00 56.81  ? 36  GLU A N   1 
ATOM   296  C  CA  . GLU A 1 37  ? -3.678  -1.378  -5.757  1.00 59.70  ? 36  GLU A CA  1 
ATOM   297  C  C   . GLU A 1 37  ? -3.663  -2.871  -6.063  1.00 59.24  ? 36  GLU A C   1 
ATOM   298  O  O   . GLU A 1 37  ? -2.708  -3.567  -5.667  1.00 47.64  ? 36  GLU A O   1 
ATOM   299  C  CB  . GLU A 1 37  ? -2.966  -0.532  -6.815  1.00 60.17  ? 36  GLU A CB  1 
ATOM   300  C  CG  . GLU A 1 37  ? -3.370  0.927   -6.706  1.00 59.84  ? 36  GLU A CG  1 
ATOM   301  C  CD  . GLU A 1 37  ? -2.834  1.877   -7.758  1.00 62.06  ? 36  GLU A CD  1 
ATOM   302  O  OE1 . GLU A 1 37  ? -1.594  1.964   -7.925  1.00 66.36  ? 36  GLU A OE1 1 
ATOM   303  O  OE2 . GLU A 1 37  ? -3.662  2.546   -8.391  1.00 65.88  ? 36  GLU A OE2 1 
ATOM   304  N  N   . ARG A 1 38  ? -4.714  -3.346  -6.722  1.00 60.95  ? 37  ARG A N   1 
ATOM   305  C  CA  . ARG A 1 38  ? -4.753  -4.740  -7.211  1.00 65.52  ? 37  ARG A CA  1 
ATOM   306  C  C   . ARG A 1 38  ? -3.866  -4.837  -8.454  1.00 65.75  ? 37  ARG A C   1 
ATOM   307  O  O   . ARG A 1 38  ? -3.927  -3.922  -9.308  1.00 60.78  ? 37  ARG A O   1 
ATOM   308  C  CB  . ARG A 1 38  ? -6.175  -5.196  -7.526  1.00 66.14  ? 37  ARG A CB  1 
ATOM   309  C  CG  . ARG A 1 38  ? -6.237  -6.703  -7.728  1.00 70.45  ? 37  ARG A CG  1 
ATOM   310  C  CD  . ARG A 1 38  ? -7.646  -7.224  -7.877  1.00 78.00  ? 37  ARG A CD  1 
ATOM   311  N  NE  . ARG A 1 38  ? -8.298  -6.693  -9.067  1.00 87.36  ? 37  ARG A NE  1 
ATOM   312  C  CZ  . ARG A 1 38  ? -9.346  -7.253  -9.671  1.00 89.03  ? 37  ARG A CZ  1 
ATOM   313  N  NH1 . ARG A 1 38  ? -9.867  -8.383  -9.212  1.00 79.69  ? 37  ARG A NH1 1 
ATOM   314  N  NH2 . ARG A 1 38  ? -9.863  -6.678  -10.743 1.00 89.08  ? 37  ARG A NH2 1 
ATOM   315  N  N   . TYR A 1 39  ? -3.049  -5.890  -8.513  1.00 62.47  ? 38  TYR A N   1 
ATOM   316  C  CA  . TYR A 1 39  ? -2.222  -6.275  -9.681  1.00 64.95  ? 38  TYR A CA  1 
ATOM   317  C  C   . TYR A 1 39  ? -3.131  -6.293  -10.912 1.00 66.55  ? 38  TYR A C   1 
ATOM   318  O  O   . TYR A 1 39  ? -4.230  -6.873  -10.819 1.00 54.27  ? 38  TYR A O   1 
ATOM   319  C  CB  . TYR A 1 39  ? -1.598  -7.646  -9.424  1.00 73.75  ? 38  TYR A CB  1 
ATOM   320  C  CG  . TYR A 1 39  ? -0.955  -8.263  -10.635 1.00 80.69  ? 38  TYR A CG  1 
ATOM   321  C  CD1 . TYR A 1 39  ? 0.088   -7.622  -11.281 1.00 79.42  ? 38  TYR A CD1 1 
ATOM   322  C  CD2 . TYR A 1 39  ? -1.369  -9.496  -11.116 1.00 86.06  ? 38  TYR A CD2 1 
ATOM   323  C  CE1 . TYR A 1 39  ? 0.695   -8.179  -12.391 1.00 87.68  ? 38  TYR A CE1 1 
ATOM   324  C  CE2 . TYR A 1 39  ? -0.766  -10.071 -12.223 1.00 93.58  ? 38  TYR A CE2 1 
ATOM   325  C  CZ  . TYR A 1 39  ? 0.266   -9.406  -12.862 1.00 93.35  ? 38  TYR A CZ  1 
ATOM   326  O  OH  . TYR A 1 39  ? 0.875   -9.951  -13.954 1.00 107.85 ? 38  TYR A OH  1 
ATOM   327  N  N   . LYS A 1 40  ? -2.754  -5.628  -12.006 1.00 77.71  ? 39  LYS A N   1 
ATOM   328  C  CA  . LYS A 1 40  ? -3.712  -5.390  -13.121 1.00 82.35  ? 39  LYS A CA  1 
ATOM   329  C  C   . LYS A 1 40  ? -4.009  -6.734  -13.811 1.00 74.19  ? 39  LYS A C   1 
ATOM   330  O  O   . LYS A 1 40  ? -5.062  -6.804  -14.447 1.00 75.01  ? 39  LYS A O   1 
ATOM   331  C  CB  . LYS A 1 40  ? -3.267  -4.235  -14.032 1.00 92.14  ? 39  LYS A CB  1 
ATOM   332  C  CG  . LYS A 1 40  ? -2.295  -4.559  -15.159 1.00 104.95 ? 39  LYS A CG  1 
ATOM   333  C  CD  . LYS A 1 40  ? -1.655  -3.320  -15.790 1.00 112.16 ? 39  LYS A CD  1 
ATOM   334  C  CE  . LYS A 1 40  ? -2.631  -2.228  -16.198 1.00 119.48 ? 39  LYS A CE  1 
ATOM   335  N  NZ  . LYS A 1 40  ? -3.477  -2.637  -17.346 1.00 124.68 ? 39  LYS A NZ  1 
ATOM   336  N  N   . GLY A 1 41  ? -3.192  -7.780  -13.591 1.00 69.69  ? 40  GLY A N   1 
ATOM   337  C  CA  . GLY A 1 41  ? -3.452  -9.161  -14.056 1.00 71.07  ? 40  GLY A CA  1 
ATOM   338  C  C   . GLY A 1 41  ? -4.275  -10.021 -13.092 1.00 76.64  ? 40  GLY A C   1 
ATOM   339  O  O   . GLY A 1 41  ? -4.501  -11.211 -13.412 1.00 78.73  ? 40  GLY A O   1 
ATOM   340  N  N   . GLU A 1 42  ? -4.739  -9.477  -11.961 1.00 75.92  ? 41  GLU A N   1 
ATOM   341  C  CA  . GLU A 1 42  ? -5.354  -10.267 -10.857 1.00 70.89  ? 41  GLU A CA  1 
ATOM   342  C  C   . GLU A 1 42  ? -6.761  -10.750 -11.242 1.00 76.12  ? 41  GLU A C   1 
ATOM   343  O  O   . GLU A 1 42  ? -7.602  -9.899  -11.603 1.00 73.84  ? 41  GLU A O   1 
ATOM   344  C  CB  . GLU A 1 42  ? -5.436  -9.425  -9.582  1.00 71.69  ? 41  GLU A CB  1 
ATOM   345  C  CG  . GLU A 1 42  ? -6.110  -10.139 -8.426  1.00 65.66  ? 41  GLU A CG  1 
ATOM   346  C  CD  . GLU A 1 42  ? -5.473  -11.462 -8.062  1.00 58.81  ? 41  GLU A CD  1 
ATOM   347  O  OE1 . GLU A 1 42  ? -4.240  -11.564 -8.188  1.00 61.09  ? 41  GLU A OE1 1 
ATOM   348  O  OE2 . GLU A 1 42  ? -6.216  -12.381 -7.642  1.00 62.58  ? 41  GLU A OE2 1 
ATOM   349  N  N   . LYS A 1 43  ? -7.019  -12.057 -11.100 1.00 79.99  ? 42  LYS A N   1 
ATOM   350  C  CA  . LYS A 1 43  ? -8.323  -12.703 -11.416 1.00 92.44  ? 42  LYS A CA  1 
ATOM   351  C  C   . LYS A 1 43  ? -9.125  -12.949 -10.133 1.00 91.46  ? 42  LYS A C   1 
ATOM   352  O  O   . LYS A 1 43  ? -10.318 -12.584 -10.114 1.00 92.70  ? 42  LYS A O   1 
ATOM   353  C  CB  . LYS A 1 43  ? -8.112  -14.020 -12.174 1.00 95.80  ? 42  LYS A CB  1 
ATOM   354  C  CG  . LYS A 1 43  ? -7.405  -13.882 -13.515 1.00 103.13 ? 42  LYS A CG  1 
ATOM   355  C  CD  . LYS A 1 43  ? -7.823  -12.643 -14.280 1.00 108.07 ? 42  LYS A CD  1 
ATOM   356  C  CE  . LYS A 1 43  ? -7.354  -12.628 -15.717 1.00 107.53 ? 42  LYS A CE  1 
ATOM   357  N  NZ  . LYS A 1 43  ? -7.661  -11.328 -16.352 1.00 115.89 ? 42  LYS A NZ  1 
ATOM   358  N  N   . GLN A 1 44  ? -8.499  -13.540 -9.112  1.00 88.51  ? 43  GLN A N   1 
ATOM   359  C  CA  . GLN A 1 44  ? -9.193  -14.098 -7.920  1.00 86.51  ? 43  GLN A CA  1 
ATOM   360  C  C   . GLN A 1 44  ? -9.641  -12.978 -6.963  1.00 82.64  ? 43  GLN A C   1 
ATOM   361  O  O   . GLN A 1 44  ? -10.863 -12.835 -6.775  1.00 84.23  ? 43  GLN A O   1 
ATOM   362  C  CB  . GLN A 1 44  ? -8.297  -15.131 -7.226  1.00 97.65  ? 43  GLN A CB  1 
ATOM   363  C  CG  . GLN A 1 44  ? -7.789  -16.223 -8.162  1.00 108.05 ? 43  GLN A CG  1 
ATOM   364  C  CD  . GLN A 1 44  ? -8.855  -16.726 -9.106  1.00 121.79 ? 43  GLN A CD  1 
ATOM   365  O  OE1 . GLN A 1 44  ? -9.944  -17.119 -8.691  1.00 132.89 ? 43  GLN A OE1 1 
ATOM   366  N  NE2 . GLN A 1 44  ? -8.554  -16.711 -10.396 1.00 127.05 ? 43  GLN A NE2 1 
ATOM   367  N  N   . LEU A 1 45  ? -8.712  -12.211 -6.382  1.00 70.44  ? 44  LEU A N   1 
ATOM   368  C  CA  . LEU A 1 45  ? -9.003  -11.281 -5.252  1.00 66.32  ? 44  LEU A CA  1 
ATOM   369  C  C   . LEU A 1 45  ? -9.883  -10.125 -5.729  1.00 59.55  ? 44  LEU A C   1 
ATOM   370  O  O   . LEU A 1 45  ? -9.813  -9.707  -6.880  1.00 59.10  ? 44  LEU A O   1 
ATOM   371  C  CB  . LEU A 1 45  ? -7.685  -10.753 -4.676  1.00 72.25  ? 44  LEU A CB  1 
ATOM   372  C  CG  . LEU A 1 45  ? -6.738  -11.796 -4.088  1.00 72.84  ? 44  LEU A CG  1 
ATOM   373  C  CD1 . LEU A 1 45  ? -5.413  -11.158 -3.708  1.00 74.77  ? 44  LEU A CD1 1 
ATOM   374  C  CD2 . LEU A 1 45  ? -7.360  -12.491 -2.889  1.00 74.09  ? 44  LEU A CD2 1 
ATOM   375  N  N   . PRO A 1 46  ? -10.764 -9.578  -4.864  1.00 60.62  ? 45  PRO A N   1 
ATOM   376  C  CA  . PRO A 1 46  ? -11.540 -8.392  -5.212  1.00 60.76  ? 45  PRO A CA  1 
ATOM   377  C  C   . PRO A 1 46  ? -10.681 -7.122  -5.272  1.00 68.78  ? 45  PRO A C   1 
ATOM   378  O  O   . PRO A 1 46  ? -9.562  -7.159  -4.805  1.00 65.98  ? 45  PRO A O   1 
ATOM   379  C  CB  . PRO A 1 46  ? -12.595 -8.244  -4.104  1.00 60.26  ? 45  PRO A CB  1 
ATOM   380  C  CG  . PRO A 1 46  ? -12.213 -9.236  -3.011  1.00 60.42  ? 45  PRO A CG  1 
ATOM   381  C  CD  . PRO A 1 46  ? -11.109 -10.122 -3.546  1.00 60.87  ? 45  PRO A CD  1 
ATOM   382  N  N   . VAL A 1 47  ? -11.231 -6.048  -5.853  1.00 67.80  ? 46  VAL A N   1 
ATOM   383  C  CA  . VAL A 1 47  ? -10.673 -4.667  -5.761  1.00 70.89  ? 46  VAL A CA  1 
ATOM   384  C  C   . VAL A 1 47  ? -11.087 -4.078  -4.406  1.00 70.85  ? 46  VAL A C   1 
ATOM   385  O  O   . VAL A 1 47  ? -12.201 -4.391  -3.941  1.00 67.73  ? 46  VAL A O   1 
ATOM   386  C  CB  . VAL A 1 47  ? -11.112 -3.743  -6.917  1.00 68.15  ? 46  VAL A CB  1 
ATOM   387  C  CG1 . VAL A 1 47  ? -10.363 -4.043  -8.206  1.00 68.30  ? 46  VAL A CG1 1 
ATOM   388  C  CG2 . VAL A 1 47  ? -12.616 -3.765  -7.148  1.00 71.70  ? 46  VAL A CG2 1 
ATOM   389  N  N   . LEU A 1 48  ? -10.219 -3.249  -3.817  1.00 63.93  ? 47  LEU A N   1 
ATOM   390  C  CA  . LEU A 1 48  ? -10.502 -2.477  -2.578  1.00 63.01  ? 47  LEU A CA  1 
ATOM   391  C  C   . LEU A 1 48  ? -11.483 -1.344  -2.900  1.00 61.49  ? 47  LEU A C   1 
ATOM   392  O  O   . LEU A 1 48  ? -11.530 -0.890  -4.044  1.00 60.26  ? 47  LEU A O   1 
ATOM   393  C  CB  . LEU A 1 48  ? -9.197  -1.897  -2.024  1.00 62.77  ? 47  LEU A CB  1 
ATOM   394  C  CG  . LEU A 1 48  ? -8.161  -2.900  -1.515  1.00 61.07  ? 47  LEU A CG  1 
ATOM   395  C  CD1 . LEU A 1 48  ? -6.833  -2.202  -1.279  1.00 61.62  ? 47  LEU A CD1 1 
ATOM   396  C  CD2 . LEU A 1 48  ? -8.629  -3.564  -0.235  1.00 65.26  ? 47  LEU A CD2 1 
ATOM   397  N  N   . ASP A 1 49  ? -12.203 -0.878  -1.890  1.00 65.86  ? 48  ASP A N   1 
ATOM   398  C  CA  . ASP A 1 49  ? -13.221 0.197   -2.007  1.00 65.54  ? 48  ASP A CA  1 
ATOM   399  C  C   . ASP A 1 49  ? -12.519 1.555   -2.131  1.00 66.68  ? 48  ASP A C   1 
ATOM   400  O  O   . ASP A 1 49  ? -13.194 2.537   -2.474  1.00 58.71  ? 48  ASP A O   1 
ATOM   401  C  CB  . ASP A 1 49  ? -14.185 0.133   -0.820  1.00 69.98  ? 48  ASP A CB  1 
ATOM   402  C  CG  . ASP A 1 49  ? -13.484 0.097   0.530   1.00 86.00  ? 48  ASP A CG  1 
ATOM   403  O  OD1 . ASP A 1 49  ? -13.660 1.070   1.294   1.00 89.60  ? 48  ASP A OD1 1 
ATOM   404  O  OD2 . ASP A 1 49  ? -12.756 -0.903  0.812   1.00 80.20  ? 48  ASP A OD2 1 
ATOM   405  N  N   . LYS A 1 50  ? -11.218 1.637   -1.838  1.00 59.51  ? 49  LYS A N   1 
ATOM   406  C  CA  . LYS A 1 50  ? -10.455 2.900   -1.997  1.00 57.88  ? 49  LYS A CA  1 
ATOM   407  C  C   . LYS A 1 50  ? -9.000  2.551   -2.325  1.00 51.66  ? 49  LYS A C   1 
ATOM   408  O  O   . LYS A 1 50  ? -8.643  1.361   -2.319  1.00 48.91  ? 49  LYS A O   1 
ATOM   409  C  CB  . LYS A 1 50  ? -10.666 3.815   -0.782  1.00 58.09  ? 49  LYS A CB  1 
ATOM   410  C  CG  . LYS A 1 50  ? -9.915  3.470   0.498   1.00 61.08  ? 49  LYS A CG  1 
ATOM   411  C  CD  . LYS A 1 50  ? -10.279 4.371   1.671   1.00 63.79  ? 49  LYS A CD  1 
ATOM   412  C  CE  . LYS A 1 50  ? -9.519  4.037   2.941   1.00 72.13  ? 49  LYS A CE  1 
ATOM   413  N  NZ  . LYS A 1 50  ? -9.331  5.231   3.802   1.00 74.15  ? 49  LYS A NZ  1 
ATOM   414  N  N   A THR A 1 51  ? -8.175  3.558   -2.624  0.06 51.34  ? 50  THR A N   1 
ATOM   415  N  N   B THR A 1 51  ? -8.212  3.589   -2.619  0.45 51.16  ? 50  THR A N   1 
ATOM   416  C  CA  A THR A 1 51  ? -6.752  3.372   -3.025  0.06 51.15  ? 50  THR A CA  1 
ATOM   417  C  CA  B THR A 1 51  ? -6.807  3.516   -3.104  0.45 54.22  ? 50  THR A CA  1 
ATOM   418  C  C   A THR A 1 51  ? -5.806  4.021   -2.006  0.06 50.25  ? 50  THR A C   1 
ATOM   419  C  C   B THR A 1 51  ? -5.835  4.032   -2.034  0.45 50.36  ? 50  THR A C   1 
ATOM   420  O  O   A THR A 1 51  ? -4.708  3.463   -1.813  0.06 49.84  ? 50  THR A O   1 
ATOM   421  O  O   B THR A 1 51  ? -4.748  3.442   -1.886  0.45 47.12  ? 50  THR A O   1 
ATOM   422  C  CB  A THR A 1 51  ? -6.517  3.874   -4.456  0.06 50.81  ? 50  THR A CB  1 
ATOM   423  C  CB  B THR A 1 51  ? -6.634  4.349   -4.380  0.45 53.01  ? 50  THR A CB  1 
ATOM   424  O  OG1 A THR A 1 51  ? -5.134  3.693   -4.762  0.06 50.81  ? 50  THR A OG1 1 
ATOM   425  O  OG1 B THR A 1 51  ? -7.572  3.894   -5.355  0.45 60.23  ? 50  THR A OG1 1 
ATOM   426  C  CG2 A THR A 1 51  ? -6.904  5.323   -4.651  0.06 50.91  ? 50  THR A CG2 1 
ATOM   427  C  CG2 B THR A 1 51  ? -5.234  4.264   -4.945  0.45 54.71  ? 50  THR A CG2 1 
ATOM   428  N  N   . LYS A 1 52  ? -6.201  5.137   -1.380  1.00 49.60  ? 51  LYS A N   1 
ATOM   429  C  CA  . LYS A 1 52  ? -5.333  5.880   -0.435  1.00 49.12  ? 51  LYS A CA  1 
ATOM   430  C  C   . LYS A 1 52  ? -5.700  5.572   1.027   1.00 52.10  ? 51  LYS A C   1 
ATOM   431  O  O   . LYS A 1 52  ? -6.879  5.776   1.424   1.00 49.61  ? 51  LYS A O   1 
ATOM   432  C  CB  . LYS A 1 52  ? -5.474  7.363   -0.757  1.00 47.70  ? 51  LYS A CB  1 
ATOM   433  C  CG  . LYS A 1 52  ? -4.457  8.236   -0.065  1.00 54.95  ? 51  LYS A CG  1 
ATOM   434  C  CD  . LYS A 1 52  ? -4.648  9.671   -0.419  1.00 61.39  ? 51  LYS A CD  1 
ATOM   435  C  CE  . LYS A 1 52  ? -6.003  10.200  0.005   1.00 62.49  ? 51  LYS A CE  1 
ATOM   436  N  NZ  . LYS A 1 52  ? -5.973  11.675  0.096   1.00 61.93  ? 51  LYS A NZ  1 
ATOM   437  N  N   . PHE A 1 53  ? -4.702  5.136   1.797   1.00 46.10  ? 52  PHE A N   1 
ATOM   438  C  CA  . PHE A 1 53  ? -4.813  4.624   3.189   1.00 43.45  ? 52  PHE A CA  1 
ATOM   439  C  C   . PHE A 1 53  ? -3.862  5.412   4.094   1.00 42.35  ? 52  PHE A C   1 
ATOM   440  O  O   . PHE A 1 53  ? -2.695  5.676   3.685   1.00 38.31  ? 52  PHE A O   1 
ATOM   441  C  CB  . PHE A 1 53  ? -4.462  3.134   3.215   1.00 45.50  ? 52  PHE A CB  1 
ATOM   442  C  CG  . PHE A 1 53  ? -5.503  2.272   2.555   1.00 49.51  ? 52  PHE A CG  1 
ATOM   443  C  CD1 . PHE A 1 53  ? -5.450  2.014   1.193   1.00 51.73  ? 52  PHE A CD1 1 
ATOM   444  C  CD2 . PHE A 1 53  ? -6.576  1.780   3.286   1.00 51.90  ? 52  PHE A CD2 1 
ATOM   445  C  CE1 . PHE A 1 53  ? -6.436  1.259   0.575   1.00 54.02  ? 52  PHE A CE1 1 
ATOM   446  C  CE2 . PHE A 1 53  ? -7.553  1.011   2.668   1.00 58.78  ? 52  PHE A CE2 1 
ATOM   447  C  CZ  . PHE A 1 53  ? -7.479  0.752   1.313   1.00 56.98  ? 52  PHE A CZ  1 
ATOM   448  N  N   . LEU A 1 54  ? -4.319  5.776   5.293   1.00 41.16  ? 53  LEU A N   1 
ATOM   449  C  CA  . LEU A 1 54  ? -3.469  6.425   6.319   1.00 42.78  ? 53  LEU A CA  1 
ATOM   450  C  C   . LEU A 1 54  ? -3.114  5.384   7.393   1.00 42.98  ? 53  LEU A C   1 
ATOM   451  O  O   . LEU A 1 54  ? -3.902  5.167   8.319   1.00 45.88  ? 53  LEU A O   1 
ATOM   452  C  CB  . LEU A 1 54  ? -4.199  7.661   6.862   1.00 46.28  ? 53  LEU A CB  1 
ATOM   453  C  CG  . LEU A 1 54  ? -4.674  8.658   5.808   1.00 52.24  ? 53  LEU A CG  1 
ATOM   454  C  CD1 . LEU A 1 54  ? -5.364  9.839   6.459   1.00 58.21  ? 53  LEU A CD1 1 
ATOM   455  C  CD2 . LEU A 1 54  ? -3.532  9.129   4.917   1.00 56.62  ? 53  LEU A CD2 1 
ATOM   456  N  N   . VAL A 1 55  ? -1.946  4.756   7.287   1.00 35.83  ? 54  VAL A N   1 
ATOM   457  C  CA  . VAL A 1 55  ? -1.531  3.649   8.193   1.00 37.05  ? 54  VAL A CA  1 
ATOM   458  C  C   . VAL A 1 55  ? -0.788  4.218   9.404   1.00 36.78  ? 54  VAL A C   1 
ATOM   459  O  O   . VAL A 1 55  ? 0.156   4.984   9.256   1.00 40.16  ? 54  VAL A O   1 
ATOM   460  C  CB  . VAL A 1 55  ? -0.764  2.587   7.384   1.00 36.39  ? 54  VAL A CB  1 
ATOM   461  C  CG1 . VAL A 1 55  ? -0.418  1.379   8.227   1.00 32.88  ? 54  VAL A CG1 1 
ATOM   462  C  CG2 . VAL A 1 55  ? -1.566  2.150   6.167   1.00 41.68  ? 54  VAL A CG2 1 
ATOM   463  N  N   . PRO A 1 56  ? -1.227  3.915   10.654  1.00 43.75  ? 55  PRO A N   1 
ATOM   464  C  CA  . PRO A 1 56  ? -0.466  4.241   11.865  1.00 39.48  ? 55  PRO A CA  1 
ATOM   465  C  C   . PRO A 1 56  ? 0.992   3.811   11.737  1.00 35.41  ? 55  PRO A C   1 
ATOM   466  O  O   . PRO A 1 56  ? 1.239   2.654   11.421  1.00 36.25  ? 55  PRO A O   1 
ATOM   467  C  CB  . PRO A 1 56  ? -1.142  3.453   13.001  1.00 37.54  ? 55  PRO A CB  1 
ATOM   468  C  CG  . PRO A 1 56  ? -2.544  3.206   12.490  1.00 45.51  ? 55  PRO A CG  1 
ATOM   469  C  CD  . PRO A 1 56  ? -2.469  3.199   10.976  1.00 45.37  ? 55  PRO A CD  1 
ATOM   470  N  N   . ASP A 1 57  ? 1.920   4.749   11.950  1.00 35.86  ? 56  ASP A N   1 
ATOM   471  C  CA  . ASP A 1 57  ? 3.349   4.590   11.575  1.00 37.46  ? 56  ASP A CA  1 
ATOM   472  C  C   . ASP A 1 57  ? 4.030   3.544   12.473  1.00 37.00  ? 56  ASP A C   1 
ATOM   473  O  O   . ASP A 1 57  ? 5.186   3.140   12.154  1.00 41.20  ? 56  ASP A O   1 
ATOM   474  C  CB  . ASP A 1 57  ? 4.053   5.944   11.542  1.00 37.32  ? 56  ASP A CB  1 
ATOM   475  C  CG  . ASP A 1 57  ? 4.520   6.454   12.898  1.00 41.37  ? 56  ASP A CG  1 
ATOM   476  O  OD1 . ASP A 1 57  ? 3.990   5.981   13.894  1.00 39.20  ? 56  ASP A OD1 1 
ATOM   477  O  OD2 . ASP A 1 57  ? 5.445   7.293   12.922  1.00 40.84  ? 56  ASP A OD2 1 
ATOM   478  N  N   . HIS A 1 58  ? 3.357   3.047   13.507  1.00 41.73  ? 57  HIS A N   1 
ATOM   479  C  CA  . HIS A 1 58  ? 3.938   2.037   14.438  1.00 40.96  ? 57  HIS A CA  1 
ATOM   480  C  C   . HIS A 1 58  ? 3.606   0.614   14.002  1.00 42.91  ? 57  HIS A C   1 
ATOM   481  O  O   . HIS A 1 58  ? 4.242   -0.322  14.562  1.00 38.29  ? 57  HIS A O   1 
ATOM   482  C  CB  . HIS A 1 58  ? 3.470   2.223   15.901  1.00 43.35  ? 57  HIS A CB  1 
ATOM   483  C  CG  . HIS A 1 58  ? 1.991   2.140   16.071  1.00 45.83  ? 57  HIS A CG  1 
ATOM   484  N  ND1 . HIS A 1 58  ? 1.340   0.960   16.372  1.00 50.38  ? 57  HIS A ND1 1 
ATOM   485  C  CD2 . HIS A 1 58  ? 1.030   3.084   15.930  1.00 45.95  ? 57  HIS A CD2 1 
ATOM   486  C  CE1 . HIS A 1 58  ? 0.039   1.187   16.438  1.00 52.10  ? 57  HIS A CE1 1 
ATOM   487  N  NE2 . HIS A 1 58  ? -0.169  2.485   16.170  1.00 52.39  ? 57  HIS A NE2 1 
ATOM   488  N  N   . VAL A 1 59  ? 2.662   0.397   13.084  1.00 37.71  ? 58  VAL A N   1 
ATOM   489  C  CA  . VAL A 1 59  ? 2.266   -1.011  12.753  1.00 41.67  ? 58  VAL A CA  1 
ATOM   490  C  C   . VAL A 1 59  ? 3.381   -1.631  11.891  1.00 43.17  ? 58  VAL A C   1 
ATOM   491  O  O   . VAL A 1 59  ? 3.949   -0.926  11.047  1.00 44.26  ? 58  VAL A O   1 
ATOM   492  C  CB  . VAL A 1 59  ? 0.870   -1.115  12.099  1.00 45.93  ? 58  VAL A CB  1 
ATOM   493  C  CG1 . VAL A 1 59  ? -0.201  -0.387  12.917  1.00 45.11  ? 58  VAL A CG1 1 
ATOM   494  C  CG2 . VAL A 1 59  ? 0.878   -0.627  10.668  1.00 50.52  ? 58  VAL A CG2 1 
ATOM   495  N  N   . ASN A 1 60  ? 3.674   -2.918  12.057  1.00 42.53  ? 59  ASN A N   1 
ATOM   496  C  CA  . ASN A 1 60  ? 4.678   -3.604  11.198  1.00 41.29  ? 59  ASN A CA  1 
ATOM   497  C  C   . ASN A 1 60  ? 3.971   -4.187  9.963   1.00 44.57  ? 59  ASN A C   1 
ATOM   498  O  O   . ASN A 1 60  ? 2.720   -4.148  9.908   1.00 34.87  ? 59  ASN A O   1 
ATOM   499  C  CB  . ASN A 1 60  ? 5.536   -4.562  12.031  1.00 44.84  ? 59  ASN A CB  1 
ATOM   500  C  CG  . ASN A 1 60  ? 4.803   -5.791  12.512  1.00 45.06  ? 59  ASN A CG  1 
ATOM   501  O  OD1 . ASN A 1 60  ? 3.854   -6.256  11.885  1.00 52.06  ? 59  ASN A OD1 1 
ATOM   502  N  ND2 . ASN A 1 60  ? 5.271   -6.350  13.606  1.00 47.52  ? 59  ASN A ND2 1 
ATOM   503  N  N   . MET A 1 61  ? 4.733   -4.588  8.933   1.00 42.28  ? 60  MET A N   1 
ATOM   504  C  CA  . MET A 1 61  ? 4.171   -5.063  7.643   1.00 43.43  ? 60  MET A CA  1 
ATOM   505  C  C   . MET A 1 61  ? 3.287   -6.310  7.834   1.00 41.66  ? 60  MET A C   1 
ATOM   506  O  O   . MET A 1 61  ? 2.306   -6.458  7.100   1.00 39.06  ? 60  MET A O   1 
ATOM   507  C  CB  . MET A 1 61  ? 5.282   -5.367  6.624   1.00 52.50  ? 60  MET A CB  1 
ATOM   508  C  CG  . MET A 1 61  ? 6.044   -4.129  6.156   1.00 47.30  ? 60  MET A CG  1 
ATOM   509  S  SD  . MET A 1 61  ? 5.009   -2.802  5.540   1.00 58.33  ? 60  MET A SD  1 
ATOM   510  C  CE  . MET A 1 61  ? 4.164   -3.607  4.188   1.00 56.22  ? 60  MET A CE  1 
ATOM   511  N  N   A SER A 1 62  ? 3.653   -7.198  8.763   0.47 41.03  ? 61  SER A N   1 
ATOM   512  N  N   B SER A 1 62  ? 3.638   -7.177  8.791   0.04 41.31  ? 61  SER A N   1 
ATOM   513  C  CA  A SER A 1 62  ? 2.857   -8.393  9.139   0.47 44.35  ? 61  SER A CA  1 
ATOM   514  C  CA  B SER A 1 62  ? 2.865   -8.397  9.147   0.04 41.47  ? 61  SER A CA  1 
ATOM   515  C  C   A SER A 1 62  ? 1.439   -7.946  9.527   0.47 44.92  ? 61  SER A C   1 
ATOM   516  C  C   B SER A 1 62  ? 1.455   -7.998  9.599   0.04 41.55  ? 61  SER A C   1 
ATOM   517  O  O   A SER A 1 62  ? 0.465   -8.531  9.020   0.47 43.97  ? 61  SER A O   1 
ATOM   518  O  O   B SER A 1 62  ? 0.503   -8.718  9.242   0.04 41.79  ? 61  SER A O   1 
ATOM   519  C  CB  A SER A 1 62  ? 3.527   -9.142  10.251  0.47 48.16  ? 61  SER A CB  1 
ATOM   520  C  CB  B SER A 1 62  ? 3.568   -9.218  10.199  0.04 41.55  ? 61  SER A CB  1 
ATOM   521  O  OG  A SER A 1 62  ? 2.734   -10.240 10.662  0.47 51.61  ? 61  SER A OG  1 
ATOM   522  O  OG  B SER A 1 62  ? 3.319   -8.709  11.500  0.04 41.15  ? 61  SER A OG  1 
ATOM   523  N  N   . GLU A 1 63  ? 1.330   -6.893  10.344  1.00 41.41  ? 62  GLU A N   1 
ATOM   524  C  CA  . GLU A 1 63  ? 0.011   -6.382  10.795  1.00 39.63  ? 62  GLU A CA  1 
ATOM   525  C  C   . GLU A 1 63  ? -0.680  -5.692  9.619   1.00 35.58  ? 62  GLU A C   1 
ATOM   526  O  O   . GLU A 1 63  ? -1.873  -5.868  9.516   1.00 35.01  ? 62  GLU A O   1 
ATOM   527  C  CB  . GLU A 1 63  ? 0.141   -5.494  12.031  1.00 40.32  ? 62  GLU A CB  1 
ATOM   528  C  CG  . GLU A 1 63  ? -1.163  -4.830  12.449  1.00 37.82  ? 62  GLU A CG  1 
ATOM   529  C  CD  . GLU A 1 63  ? -2.337  -5.763  12.726  1.00 41.42  ? 62  GLU A CD  1 
ATOM   530  O  OE1 . GLU A 1 63  ? -2.110  -6.965  13.033  1.00 42.39  ? 62  GLU A OE1 1 
ATOM   531  O  OE2 . GLU A 1 63  ? -3.498  -5.291  12.636  1.00 39.15  ? 62  GLU A OE2 1 
ATOM   532  N  N   . LEU A 1 64  ? 0.024   -4.959  8.740   1.00 40.54  ? 63  LEU A N   1 
ATOM   533  C  CA  . LEU A 1 64  ? -0.644  -4.304  7.581   1.00 40.17  ? 63  LEU A CA  1 
ATOM   534  C  C   . LEU A 1 64  ? -1.249  -5.374  6.657   1.00 43.22  ? 63  LEU A C   1 
ATOM   535  O  O   . LEU A 1 64  ? -2.329  -5.146  6.049   1.00 40.14  ? 63  LEU A O   1 
ATOM   536  C  CB  . LEU A 1 64  ? 0.299   -3.400  6.788   1.00 39.80  ? 63  LEU A CB  1 
ATOM   537  C  CG  . LEU A 1 64  ? -0.394  -2.694  5.622   1.00 44.98  ? 63  LEU A CG  1 
ATOM   538  C  CD1 . LEU A 1 64  ? -1.750  -2.150  6.068   1.00 43.66  ? 63  LEU A CD1 1 
ATOM   539  C  CD2 . LEU A 1 64  ? 0.467   -1.596  5.027   1.00 47.12  ? 63  LEU A CD2 1 
ATOM   540  N  N   . ILE A 1 65  ? -0.584  -6.508  6.506   1.00 42.72  ? 64  ILE A N   1 
ATOM   541  C  CA  . ILE A 1 65  ? -1.128  -7.609  5.649   1.00 45.17  ? 64  ILE A CA  1 
ATOM   542  C  C   . ILE A 1 65  ? -2.434  -8.093  6.281   1.00 42.48  ? 64  ILE A C   1 
ATOM   543  O  O   . ILE A 1 65  ? -3.416  -8.276  5.541   1.00 46.06  ? 64  ILE A O   1 
ATOM   544  C  CB  . ILE A 1 65  ? -0.105  -8.751  5.467   1.00 45.40  ? 64  ILE A CB  1 
ATOM   545  C  CG1 . ILE A 1 65  ? 1.078   -8.324  4.588   1.00 50.60  ? 64  ILE A CG1 1 
ATOM   546  C  CG2 . ILE A 1 65  ? -0.798  -9.993  4.912   1.00 52.05  ? 64  ILE A CG2 1 
ATOM   547  C  CD1 . ILE A 1 65  ? 2.288   -9.235  4.698   1.00 52.67  ? 64  ILE A CD1 1 
ATOM   548  N  N   . LYS A 1 66  ? -2.461  -8.255  7.609   1.00 43.62  ? 65  LYS A N   1 
ATOM   549  C  CA  . LYS A 1 66  ? -3.676  -8.712  8.331   1.00 40.50  ? 65  LYS A CA  1 
ATOM   550  C  C   . LYS A 1 66  ? -4.808  -7.721  8.111   1.00 43.29  ? 65  LYS A C   1 
ATOM   551  O  O   . LYS A 1 66  ? -5.950  -8.172  7.885   1.00 40.13  ? 65  LYS A O   1 
ATOM   552  C  CB  . LYS A 1 66  ? -3.373  -8.918  9.804   1.00 47.49  ? 65  LYS A CB  1 
ATOM   553  C  CG  . LYS A 1 66  ? -2.530  -10.155 10.032  1.00 44.11  ? 65  LYS A CG  1 
ATOM   554  C  CD  . LYS A 1 66  ? -2.308  -10.519 11.463  1.00 49.38  ? 65  LYS A CD  1 
ATOM   555  C  CE  . LYS A 1 66  ? -1.344  -11.682 11.557  1.00 56.03  ? 65  LYS A CE  1 
ATOM   556  N  NZ  . LYS A 1 66  ? -0.335  -11.471 12.615  1.00 62.59  ? 65  LYS A NZ  1 
ATOM   557  N  N   . ILE A 1 67  ? -4.488  -6.433  8.123   1.00 41.30  ? 66  ILE A N   1 
ATOM   558  C  CA  . ILE A 1 67  ? -5.501  -5.356  7.958   1.00 39.43  ? 66  ILE A CA  1 
ATOM   559  C  C   . ILE A 1 67  ? -6.130  -5.451  6.559   1.00 42.12  ? 66  ILE A C   1 
ATOM   560  O  O   . ILE A 1 67  ? -7.350  -5.365  6.466   1.00 43.57  ? 66  ILE A O   1 
ATOM   561  C  CB  . ILE A 1 67  ? -4.919  -3.959  8.243   1.00 37.86  ? 66  ILE A CB  1 
ATOM   562  C  CG1 . ILE A 1 67  ? -4.299  -3.830  9.634   1.00 42.15  ? 66  ILE A CG1 1 
ATOM   563  C  CG2 . ILE A 1 67  ? -6.015  -2.927  8.097   1.00 43.75  ? 66  ILE A CG2 1 
ATOM   564  C  CD1 . ILE A 1 67  ? -3.505  -2.542  9.839   1.00 40.24  ? 66  ILE A CD1 1 
ATOM   565  N  N   A ILE A 1 68  ? -5.312  -5.596  5.507   0.10 45.06  ? 67  ILE A N   1 
ATOM   566  N  N   B ILE A 1 68  ? -5.306  -5.608  5.514   0.18 44.39  ? 67  ILE A N   1 
ATOM   567  C  CA  A ILE A 1 68  ? -5.787  -5.641  4.088   0.10 47.34  ? 67  ILE A CA  1 
ATOM   568  C  CA  B ILE A 1 68  ? -5.763  -5.647  4.089   0.18 46.21  ? 67  ILE A CA  1 
ATOM   569  C  C   A ILE A 1 68  ? -6.612  -6.917  3.882   0.10 48.35  ? 67  ILE A C   1 
ATOM   570  C  C   B ILE A 1 68  ? -6.599  -6.915  3.875   0.18 48.00  ? 67  ILE A C   1 
ATOM   571  O  O   A ILE A 1 68  ? -7.668  -6.826  3.224   0.10 48.97  ? 67  ILE A O   1 
ATOM   572  O  O   B ILE A 1 68  ? -7.649  -6.815  3.210   0.18 48.73  ? 67  ILE A O   1 
ATOM   573  C  CB  A ILE A 1 68  ? -4.633  -5.539  3.068   0.10 49.11  ? 67  ILE A CB  1 
ATOM   574  C  CB  B ILE A 1 68  ? -4.587  -5.553  3.094   0.18 47.11  ? 67  ILE A CB  1 
ATOM   575  C  CG1 A ILE A 1 68  ? -3.816  -4.252  3.218   0.10 49.97  ? 67  ILE A CG1 1 
ATOM   576  C  CG1 B ILE A 1 68  ? -3.741  -4.294  3.307   0.18 46.97  ? 67  ILE A CG1 1 
ATOM   577  C  CG2 A ILE A 1 68  ? -5.170  -5.675  1.649   0.10 50.32  ? 67  ILE A CG2 1 
ATOM   578  C  CG2 B ILE A 1 68  ? -5.110  -5.630  1.665   0.18 48.98  ? 67  ILE A CG2 1 
ATOM   579  C  CD1 A ILE A 1 68  ? -4.530  -3.011  2.725   0.10 50.44  ? 67  ILE A CD1 1 
ATOM   580  C  CD1 B ILE A 1 68  ? -2.351  -4.368  2.726   0.18 45.88  ? 67  ILE A CD1 1 
ATOM   581  N  N   . ARG A 1 69  ? -6.154  -8.049  4.428   1.00 47.34  ? 68  ARG A N   1 
ATOM   582  C  CA  . ARG A 1 69  ? -6.900  -9.339  4.362   1.00 48.85  ? 68  ARG A CA  1 
ATOM   583  C  C   . ARG A 1 69  ? -8.258  -9.180  5.051   1.00 49.04  ? 68  ARG A C   1 
ATOM   584  O  O   . ARG A 1 69  ? -9.245  -9.772  4.572   1.00 56.45  ? 68  ARG A O   1 
ATOM   585  C  CB  . ARG A 1 69  ? -6.108  -10.469 5.017   1.00 43.03  ? 68  ARG A CB  1 
ATOM   586  C  CG  . ARG A 1 69  ? -4.943  -10.990 4.186   1.00 46.04  ? 68  ARG A CG  1 
ATOM   587  C  CD  . ARG A 1 69  ? -4.204  -12.115 4.895   1.00 48.20  ? 68  ARG A CD  1 
ATOM   588  N  NE  . ARG A 1 69  ? -5.038  -13.309 4.987   1.00 54.30  ? 68  ARG A NE  1 
ATOM   589  C  CZ  . ARG A 1 69  ? -5.164  -14.240 4.030   1.00 55.78  ? 68  ARG A CZ  1 
ATOM   590  N  NH1 . ARG A 1 69  ? -4.491  -14.147 2.890   1.00 53.21  ? 68  ARG A NH1 1 
ATOM   591  N  NH2 . ARG A 1 69  ? -5.982  -15.259 4.216   1.00 53.82  ? 68  ARG A NH2 1 
ATOM   592  N  N   . ARG A 1 70  ? -8.320  -8.397  6.125   1.00 43.78  ? 69  ARG A N   1 
ATOM   593  C  CA  . ARG A 1 70  ? -9.593  -8.126  6.835   1.00 45.40  ? 69  ARG A CA  1 
ATOM   594  C  C   . ARG A 1 70  ? -10.480 -7.230  5.968   1.00 45.69  ? 69  ARG A C   1 
ATOM   595  O  O   . ARG A 1 70  ? -11.676 -7.480  5.906   1.00 50.25  ? 69  ARG A O   1 
ATOM   596  C  CB  . ARG A 1 70  ? -9.372  -7.557  8.240   1.00 42.61  ? 69  ARG A CB  1 
ATOM   597  C  CG  . ARG A 1 70  ? -9.025  -8.633  9.266   1.00 42.27  ? 69  ARG A CG  1 
ATOM   598  C  CD  . ARG A 1 70  ? -9.163  -8.208  10.709  1.00 40.45  ? 69  ARG A CD  1 
ATOM   599  N  NE  . ARG A 1 70  ? -8.245  -7.162  11.177  1.00 39.87  ? 69  ARG A NE  1 
ATOM   600  C  CZ  . ARG A 1 70  ? -7.047  -7.353  11.723  1.00 39.07  ? 69  ARG A CZ  1 
ATOM   601  N  NH1 . ARG A 1 70  ? -6.566  -8.577  11.866  1.00 37.42  ? 69  ARG A NH1 1 
ATOM   602  N  NH2 . ARG A 1 70  ? -6.318  -6.314  12.118  1.00 35.26  ? 69  ARG A NH2 1 
ATOM   603  N  N   . ARG A 1 71  ? -9.902  -6.214  5.316   0.28 49.30  ? 70  ARG A N   1 
ATOM   604  C  CA  . ARG A 1 71  ? -10.648 -5.270  4.437   0.28 51.96  ? 70  ARG A CA  1 
ATOM   605  C  C   . ARG A 1 71  ? -11.225 -6.028  3.236   0.28 54.50  ? 70  ARG A C   1 
ATOM   606  O  O   . ARG A 1 71  ? -12.400 -5.780  2.900   0.28 55.48  ? 70  ARG A O   1 
ATOM   607  C  CB  . ARG A 1 71  ? -9.764  -4.114  3.962   0.28 53.25  ? 70  ARG A CB  1 
ATOM   608  C  CG  . ARG A 1 71  ? -10.501 -3.089  3.105   0.28 55.24  ? 70  ARG A CG  1 
ATOM   609  C  CD  . ARG A 1 71  ? -10.201 -1.660  3.514   0.28 56.81  ? 70  ARG A CD  1 
ATOM   610  N  NE  . ARG A 1 71  ? -11.163 -0.645  3.102   0.28 57.79  ? 70  ARG A NE  1 
ATOM   611  C  CZ  . ARG A 1 71  ? -11.443 0.455   3.804   0.28 58.62  ? 70  ARG A CZ  1 
ATOM   612  N  NH1 . ARG A 1 71  ? -10.861 0.666   4.972   0.28 58.72  ? 70  ARG A NH1 1 
ATOM   613  N  NH2 . ARG A 1 71  ? -12.316 1.338   3.354   0.28 58.13  ? 70  ARG A NH2 1 
ATOM   614  N  N   . LEU A 1 72  ? -10.433 -6.915  2.625   1.00 55.68  ? 71  LEU A N   1 
ATOM   615  C  CA  . LEU A 1 72  ? -10.898 -7.758  1.486   1.00 57.18  ? 71  LEU A CA  1 
ATOM   616  C  C   . LEU A 1 72  ? -11.817 -8.881  1.993   1.00 61.16  ? 71  LEU A C   1 
ATOM   617  O  O   . LEU A 1 72  ? -12.415 -9.563  1.143   1.00 61.73  ? 71  LEU A O   1 
ATOM   618  C  CB  . LEU A 1 72  ? -9.681  -8.351  0.771   1.00 53.11  ? 71  LEU A CB  1 
ATOM   619  C  CG  . LEU A 1 72  ? -8.787  -7.352  0.044   1.00 54.28  ? 71  LEU A CG  1 
ATOM   620  C  CD1 . LEU A 1 72  ? -7.507  -8.019  -0.432  1.00 54.52  ? 71  LEU A CD1 1 
ATOM   621  C  CD2 . LEU A 1 72  ? -9.521  -6.700  -1.109  1.00 54.13  ? 71  LEU A CD2 1 
ATOM   622  N  N   . GLN A 1 73  ? -11.900 -9.077  3.316   1.00 62.44  ? 72  GLN A N   1 
ATOM   623  C  CA  . GLN A 1 73  ? -12.761 -10.082 3.998   1.00 60.49  ? 72  GLN A CA  1 
ATOM   624  C  C   . GLN A 1 73  ? -12.350 -11.500 3.540   1.00 65.42  ? 72  GLN A C   1 
ATOM   625  O  O   . GLN A 1 73  ? -13.217 -12.398 3.481   1.00 68.43  ? 72  GLN A O   1 
ATOM   626  C  CB  . GLN A 1 73  ? -14.243 -9.739  3.781   1.00 66.52  ? 72  GLN A CB  1 
ATOM   627  C  CG  . GLN A 1 73  ? -14.798 -8.677  4.734   1.00 66.24  ? 72  GLN A CG  1 
ATOM   628  C  CD  . GLN A 1 73  ? -14.874 -9.121  6.185   1.00 72.16  ? 72  GLN A CD  1 
ATOM   629  O  OE1 . GLN A 1 73  ? -15.833 -9.762  6.615   1.00 65.27  ? 72  GLN A OE1 1 
ATOM   630  N  NE2 . GLN A 1 73  ? -13.869 -8.759  6.980   1.00 63.32  ? 72  GLN A NE2 1 
ATOM   631  N  N   . LEU A 1 74  ? -11.060 -11.724 3.275   1.00 59.86  ? 73  LEU A N   1 
ATOM   632  C  CA  . LEU A 1 74  ? -10.508 -13.044 2.847   1.00 59.18  ? 73  LEU A CA  1 
ATOM   633  C  C   . LEU A 1 74  ? -10.788 -14.099 3.915   1.00 53.83  ? 73  LEU A C   1 
ATOM   634  O  O   . LEU A 1 74  ? -11.026 -13.731 5.059   1.00 61.57  ? 73  LEU A O   1 
ATOM   635  C  CB  . LEU A 1 74  ? -8.996  -12.929 2.613   1.00 56.52  ? 73  LEU A CB  1 
ATOM   636  C  CG  . LEU A 1 74  ? -8.561  -11.930 1.539   1.00 54.76  ? 73  LEU A CG  1 
ATOM   637  C  CD1 . LEU A 1 74  ? -7.124  -12.171 1.130   1.00 56.33  ? 73  LEU A CD1 1 
ATOM   638  C  CD2 . LEU A 1 74  ? -9.472  -12.004 0.320   1.00 59.93  ? 73  LEU A CD2 1 
ATOM   639  N  N   . ASN A 1 75  ? -10.744 -15.374 3.534   1.00 61.15  ? 74  ASN A N   1 
ATOM   640  C  CA  . ASN A 1 75  ? -10.743 -16.527 4.473   1.00 60.54  ? 74  ASN A CA  1 
ATOM   641  C  C   . ASN A 1 75  ? -9.341  -17.154 4.437   1.00 58.32  ? 74  ASN A C   1 
ATOM   642  O  O   . ASN A 1 75  ? -8.500  -16.683 3.634   1.00 58.77  ? 74  ASN A O   1 
ATOM   643  C  CB  . ASN A 1 75  ? -11.907 -17.487 4.200   1.00 74.95  ? 74  ASN A CB  1 
ATOM   644  C  CG  . ASN A 1 75  ? -11.973 -17.954 2.759   1.00 81.25  ? 74  ASN A CG  1 
ATOM   645  O  OD1 . ASN A 1 75  ? -11.051 -18.623 2.280   1.00 74.42  ? 74  ASN A OD1 1 
ATOM   646  N  ND2 . ASN A 1 75  ? -13.044 -17.594 2.062   1.00 79.75  ? 74  ASN A ND2 1 
ATOM   647  N  N   . ALA A 1 76  ? -9.104  -18.161 5.281   1.00 61.17  ? 75  ALA A N   1 
ATOM   648  C  CA  . ALA A 1 76  ? -7.780  -18.541 5.822   1.00 72.51  ? 75  ALA A CA  1 
ATOM   649  C  C   . ALA A 1 76  ? -6.906  -19.263 4.790   1.00 86.54  ? 75  ALA A C   1 
ATOM   650  O  O   . ALA A 1 76  ? -5.708  -19.415 5.083   1.00 90.44  ? 75  ALA A O   1 
ATOM   651  C  CB  . ALA A 1 76  ? -7.966  -19.406 7.042   1.00 77.68  ? 75  ALA A CB  1 
ATOM   652  N  N   . ASN A 1 77  ? -7.453  -19.731 3.662   1.00 95.10  ? 76  ASN A N   1 
ATOM   653  C  CA  . ASN A 1 77  ? -6.649  -20.470 2.647   1.00 98.47  ? 76  ASN A CA  1 
ATOM   654  C  C   . ASN A 1 77  ? -6.705  -19.765 1.283   1.00 94.82  ? 76  ASN A C   1 
ATOM   655  O  O   . ASN A 1 77  ? -6.113  -20.326 0.335   1.00 107.38 ? 76  ASN A O   1 
ATOM   656  C  CB  . ASN A 1 77  ? -7.031  -21.952 2.563   1.00 103.20 ? 76  ASN A CB  1 
ATOM   657  C  CG  . ASN A 1 77  ? -8.509  -22.176 2.344   1.00 106.79 ? 76  ASN A CG  1 
ATOM   658  O  OD1 . ASN A 1 77  ? -9.262  -21.219 2.177   1.00 117.30 ? 76  ASN A OD1 1 
ATOM   659  N  ND2 . ASN A 1 77  ? -8.931  -23.430 2.356   1.00 110.09 ? 76  ASN A ND2 1 
ATOM   660  N  N   . GLN A 1 78  ? -7.345  -18.587 1.183   1.00 78.58  ? 77  GLN A N   1 
ATOM   661  C  CA  . GLN A 1 78  ? -7.103  -17.623 0.072   1.00 72.66  ? 77  GLN A CA  1 
ATOM   662  C  C   . GLN A 1 78  ? -5.668  -17.109 0.230   1.00 66.03  ? 77  GLN A C   1 
ATOM   663  O  O   . GLN A 1 78  ? -5.246  -16.876 1.384   1.00 62.30  ? 77  GLN A O   1 
ATOM   664  C  CB  . GLN A 1 78  ? -8.116  -16.470 0.058   1.00 73.57  ? 77  GLN A CB  1 
ATOM   665  C  CG  . GLN A 1 78  ? -9.535  -16.897 -0.298  1.00 77.37  ? 77  GLN A CG  1 
ATOM   666  C  CD  . GLN A 1 78  ? -10.564 -15.793 -0.178  1.00 79.18  ? 77  GLN A CD  1 
ATOM   667  O  OE1 . GLN A 1 78  ? -11.249 -15.652 0.837   1.00 75.29  ? 77  GLN A OE1 1 
ATOM   668  N  NE2 . GLN A 1 78  ? -10.699 -15.002 -1.228  1.00 79.79  ? 77  GLN A NE2 1 
ATOM   669  N  N   . ALA A 1 79  ? -4.916  -17.012 -0.870  1.00 64.26  ? 78  ALA A N   1 
ATOM   670  C  CA  . ALA A 1 79  ? -3.534  -16.476 -0.887  1.00 58.74  ? 78  ALA A CA  1 
ATOM   671  C  C   . ALA A 1 79  ? -3.599  -14.959 -1.090  1.00 58.05  ? 78  ALA A C   1 
ATOM   672  O  O   . ALA A 1 79  ? -4.584  -14.470 -1.685  1.00 59.04  ? 78  ALA A O   1 
ATOM   673  C  CB  . ALA A 1 79  ? -2.694  -17.125 -1.957  1.00 65.58  ? 78  ALA A CB  1 
ATOM   674  N  N   . PHE A 1 80  ? -2.576  -14.269 -0.587  1.00 53.74  ? 79  PHE A N   1 
ATOM   675  C  CA  . PHE A 1 80  ? -2.400  -12.803 -0.661  1.00 55.66  ? 79  PHE A CA  1 
ATOM   676  C  C   . PHE A 1 80  ? -0.898  -12.532 -0.568  1.00 59.40  ? 79  PHE A C   1 
ATOM   677  O  O   . PHE A 1 80  ? -0.231  -13.043 0.367   1.00 64.84  ? 79  PHE A O   1 
ATOM   678  C  CB  . PHE A 1 80  ? -3.228  -12.116 0.425   1.00 53.53  ? 79  PHE A CB  1 
ATOM   679  C  CG  . PHE A 1 80  ? -3.097  -10.621 0.471   1.00 49.08  ? 79  PHE A CG  1 
ATOM   680  C  CD1 . PHE A 1 80  ? -3.952  -9.814  -0.253  1.00 51.69  ? 79  PHE A CD1 1 
ATOM   681  C  CD2 . PHE A 1 80  ? -2.133  -10.026 1.268   1.00 50.55  ? 79  PHE A CD2 1 
ATOM   682  C  CE1 . PHE A 1 80  ? -3.853  -8.435  -0.182  1.00 52.22  ? 79  PHE A CE1 1 
ATOM   683  C  CE2 . PHE A 1 80  ? -2.026  -8.647  1.327   1.00 49.66  ? 79  PHE A CE2 1 
ATOM   684  C  CZ  . PHE A 1 80  ? -2.883  -7.855  0.604   1.00 51.91  ? 79  PHE A CZ  1 
ATOM   685  N  N   . PHE A 1 81  ? -0.383  -11.836 -1.581  1.00 57.42  ? 80  PHE A N   1 
ATOM   686  C  CA  . PHE A 1 81  ? 1.032   -11.412 -1.704  1.00 56.31  ? 80  PHE A CA  1 
ATOM   687  C  C   . PHE A 1 81  ? 0.979   -9.900  -1.912  1.00 48.82  ? 80  PHE A C   1 
ATOM   688  O  O   . PHE A 1 81  ? 0.060   -9.425  -2.592  1.00 52.60  ? 80  PHE A O   1 
ATOM   689  C  CB  . PHE A 1 81  ? 1.740   -12.215 -2.808  1.00 60.18  ? 80  PHE A CB  1 
ATOM   690  C  CG  . PHE A 1 81  ? 1.761   -13.709 -2.571  1.00 63.77  ? 80  PHE A CG  1 
ATOM   691  C  CD1 . PHE A 1 81  ? 0.799   -14.536 -3.142  1.00 70.18  ? 80  PHE A CD1 1 
ATOM   692  C  CD2 . PHE A 1 81  ? 2.717   -14.290 -1.743  1.00 61.28  ? 80  PHE A CD2 1 
ATOM   693  C  CE1 . PHE A 1 81  ? 0.806   -15.907 -2.908  1.00 68.65  ? 80  PHE A CE1 1 
ATOM   694  C  CE2 . PHE A 1 81  ? 2.720   -15.659 -1.507  1.00 63.76  ? 80  PHE A CE2 1 
ATOM   695  C  CZ  . PHE A 1 81  ? 1.768   -16.465 -2.092  1.00 66.57  ? 80  PHE A CZ  1 
ATOM   696  N  N   . LEU A 1 82  ? 1.877   -9.186  -1.251  1.00 49.64  ? 81  LEU A N   1 
ATOM   697  C  CA  . LEU A 1 82  ? 1.919   -7.709  -1.218  1.00 53.38  ? 81  LEU A CA  1 
ATOM   698  C  C   . LEU A 1 82  ? 3.315   -7.272  -1.639  1.00 57.18  ? 81  LEU A C   1 
ATOM   699  O  O   . LEU A 1 82  ? 4.288   -7.663  -0.962  1.00 55.61  ? 81  LEU A O   1 
ATOM   700  C  CB  . LEU A 1 82  ? 1.593   -7.229  0.197   1.00 59.76  ? 81  LEU A CB  1 
ATOM   701  C  CG  . LEU A 1 82  ? 1.420   -5.721  0.348   1.00 55.95  ? 81  LEU A CG  1 
ATOM   702  C  CD1 . LEU A 1 82  ? 0.174   -5.249  -0.385  1.00 53.57  ? 81  LEU A CD1 1 
ATOM   703  C  CD2 . LEU A 1 82  ? 1.359   -5.352  1.822   1.00 58.60  ? 81  LEU A CD2 1 
ATOM   704  N  N   . LEU A 1 83  ? 3.390   -6.528  -2.740  1.00 51.65  ? 82  LEU A N   1 
ATOM   705  C  CA  . LEU A 1 83  ? 4.630   -5.875  -3.202  1.00 51.82  ? 82  LEU A CA  1 
ATOM   706  C  C   . LEU A 1 83  ? 4.666   -4.454  -2.654  1.00 47.81  ? 82  LEU A C   1 
ATOM   707  O  O   . LEU A 1 83  ? 3.602   -3.796  -2.582  1.00 49.71  ? 82  LEU A O   1 
ATOM   708  C  CB  . LEU A 1 83  ? 4.652   -5.849  -4.728  1.00 55.34  ? 82  LEU A CB  1 
ATOM   709  C  CG  . LEU A 1 83  ? 4.722   -7.209  -5.415  1.00 58.75  ? 82  LEU A CG  1 
ATOM   710  C  CD1 . LEU A 1 83  ? 4.983   -7.018  -6.896  1.00 62.12  ? 82  LEU A CD1 1 
ATOM   711  C  CD2 . LEU A 1 83  ? 5.795   -8.103  -4.801  1.00 60.60  ? 82  LEU A CD2 1 
ATOM   712  N  N   . VAL A 1 84  ? 5.861   -4.021  -2.294  1.00 42.14  ? 83  VAL A N   1 
ATOM   713  C  CA  . VAL A 1 84  ? 6.156   -2.658  -1.795  1.00 46.88  ? 83  VAL A CA  1 
ATOM   714  C  C   . VAL A 1 84  ? 7.188   -2.076  -2.757  1.00 48.17  ? 83  VAL A C   1 
ATOM   715  O  O   . VAL A 1 84  ? 8.220   -2.724  -2.933  1.00 42.22  ? 83  VAL A O   1 
ATOM   716  C  CB  . VAL A 1 84  ? 6.658   -2.687  -0.342  1.00 45.96  ? 83  VAL A CB  1 
ATOM   717  C  CG1 . VAL A 1 84  ? 7.020   -1.297  0.141   1.00 52.00  ? 83  VAL A CG1 1 
ATOM   718  C  CG2 . VAL A 1 84  ? 5.638   -3.327  0.582   1.00 50.30  ? 83  VAL A CG2 1 
ATOM   719  N  N   . ASN A 1 85  ? 6.898   -0.904  -3.335  1.00 41.49  ? 84  ASN A N   1 
ATOM   720  C  CA  . ASN A 1 85  ? 7.808   -0.157  -4.237  1.00 46.11  ? 84  ASN A CA  1 
ATOM   721  C  C   . ASN A 1 85  ? 8.298   -1.131  -5.324  1.00 46.59  ? 84  ASN A C   1 
ATOM   722  O  O   . ASN A 1 85  ? 9.491   -1.115  -5.630  1.00 52.04  ? 84  ASN A O   1 
ATOM   723  C  CB  . ASN A 1 85  ? 8.911   0.516   -3.413  1.00 48.55  ? 84  ASN A CB  1 
ATOM   724  C  CG  . ASN A 1 85  ? 9.853   1.381   -4.229  1.00 49.43  ? 84  ASN A CG  1 
ATOM   725  O  OD1 . ASN A 1 85  ? 9.438   2.072   -5.153  1.00 55.08  ? 84  ASN A OD1 1 
ATOM   726  N  ND2 . ASN A 1 85  ? 11.125  1.384   -3.869  1.00 55.45  ? 84  ASN A ND2 1 
ATOM   727  N  N   . GLY A 1 86  ? 7.416   -2.014  -5.805  1.00 46.44  ? 85  GLY A N   1 
ATOM   728  C  CA  . GLY A 1 86  ? 7.649   -2.875  -6.977  1.00 50.16  ? 85  GLY A CA  1 
ATOM   729  C  C   . GLY A 1 86  ? 8.287   -4.220  -6.660  1.00 55.20  ? 85  GLY A C   1 
ATOM   730  O  O   . GLY A 1 86  ? 8.499   -4.985  -7.616  1.00 54.78  ? 85  GLY A O   1 
ATOM   731  N  N   . HIS A 1 87  ? 8.641   -4.513  -5.411  1.00 45.69  ? 86  HIS A N   1 
ATOM   732  C  CA  . HIS A 1 87  ? 9.420   -5.728  -5.078  1.00 47.14  ? 86  HIS A CA  1 
ATOM   733  C  C   . HIS A 1 87  ? 8.881   -6.375  -3.802  1.00 52.48  ? 86  HIS A C   1 
ATOM   734  O  O   . HIS A 1 87  ? 8.137   -5.715  -3.053  1.00 47.84  ? 86  HIS A O   1 
ATOM   735  C  CB  . HIS A 1 87  ? 10.899  -5.388  -4.928  1.00 47.38  ? 86  HIS A CB  1 
ATOM   736  C  CG  . HIS A 1 87  ? 11.200  -4.356  -3.905  1.00 47.65  ? 86  HIS A CG  1 
ATOM   737  N  ND1 . HIS A 1 87  ? 11.288  -4.658  -2.549  1.00 53.11  ? 86  HIS A ND1 1 
ATOM   738  C  CD2 . HIS A 1 87  ? 11.451  -3.039  -4.022  1.00 50.40  ? 86  HIS A CD2 1 
ATOM   739  C  CE1 . HIS A 1 87  ? 11.587  -3.565  -1.887  1.00 54.32  ? 86  HIS A CE1 1 
ATOM   740  N  NE2 . HIS A 1 87  ? 11.696  -2.558  -2.772  1.00 50.61  ? 86  HIS A NE2 1 
ATOM   741  N  N   A SER A 1 88  ? 9.255   -7.637  -3.569  0.06 50.52  ? 87  SER A N   1 
ATOM   742  N  N   B SER A 1 88  ? 9.255   -7.639  -3.584  0.44 51.65  ? 87  SER A N   1 
ATOM   743  C  CA  A SER A 1 88  ? 8.861   -8.440  -2.382  0.06 51.51  ? 87  SER A CA  1 
ATOM   744  C  CA  B SER A 1 88  ? 8.969   -8.447  -2.369  0.44 58.57  ? 87  SER A CA  1 
ATOM   745  C  C   A SER A 1 88  ? 9.484   -7.829  -1.122  0.06 51.76  ? 87  SER A C   1 
ATOM   746  C  C   B SER A 1 88  ? 9.446   -7.705  -1.121  0.44 54.26  ? 87  SER A C   1 
ATOM   747  O  O   A SER A 1 88  ? 10.597  -7.277  -1.215  0.06 52.24  ? 87  SER A O   1 
ATOM   748  O  O   B SER A 1 88  ? 10.426  -6.939  -1.222  0.44 60.68  ? 87  SER A O   1 
ATOM   749  C  CB  A SER A 1 88  ? 9.253   -9.888  -2.548  0.06 51.29  ? 87  SER A CB  1 
ATOM   750  C  CB  B SER A 1 88  ? 9.633   -9.797  -2.443  0.44 63.17  ? 87  SER A CB  1 
ATOM   751  O  OG  A SER A 1 88  ? 10.656  -10.057 -2.405  0.06 49.88  ? 87  SER A OG  1 
ATOM   752  O  OG  B SER A 1 88  ? 8.985   -10.627 -3.390  0.44 66.78  ? 87  SER A OG  1 
ATOM   753  N  N   . MET A 1 89  ? 8.777   -7.934  0.006   1.00 51.77  ? 88  MET A N   1 
ATOM   754  C  CA  . MET A 1 89  ? 9.223   -7.412  1.314   1.00 57.06  ? 88  MET A CA  1 
ATOM   755  C  C   . MET A 1 89  ? 10.331  -8.335  1.832   1.00 54.12  ? 88  MET A C   1 
ATOM   756  O  O   . MET A 1 89  ? 10.139  -9.566  1.785   1.00 52.31  ? 88  MET A O   1 
ATOM   757  C  CB  . MET A 1 89  ? 8.036   -7.406  2.273   1.00 62.67  ? 88  MET A CB  1 
ATOM   758  C  CG  . MET A 1 89  ? 7.031   -6.317  1.936   1.00 70.04  ? 88  MET A CG  1 
ATOM   759  S  SD  . MET A 1 89  ? 5.430   -6.592  2.724   1.00 76.22  ? 88  MET A SD  1 
ATOM   760  C  CE  . MET A 1 89  ? 5.871   -7.725  4.040   1.00 65.55  ? 88  MET A CE  1 
ATOM   761  N  N   . VAL A 1 90  ? 11.467  -7.777  2.239   1.00 58.07  ? 89  VAL A N   1 
ATOM   762  C  CA  . VAL A 1 90  ? 12.592  -8.590  2.781   1.00 63.29  ? 89  VAL A CA  1 
ATOM   763  C  C   . VAL A 1 90  ? 12.144  -9.157  4.134   1.00 60.01  ? 89  VAL A C   1 
ATOM   764  O  O   . VAL A 1 90  ? 12.534  -10.296 4.403   1.00 50.59  ? 89  VAL A O   1 
ATOM   765  C  CB  . VAL A 1 90  ? 13.906  -7.791  2.883   1.00 70.60  ? 89  VAL A CB  1 
ATOM   766  C  CG1 . VAL A 1 90  ? 14.975  -8.565  3.635   1.00 71.60  ? 89  VAL A CG1 1 
ATOM   767  C  CG2 . VAL A 1 90  ? 14.423  -7.394  1.509   1.00 75.32  ? 89  VAL A CG2 1 
ATOM   768  N  N   . SER A 1 91  ? 11.362  -8.396  4.930   1.00 56.73  ? 90  SER A N   1 
ATOM   769  C  CA  . SER A 1 91  ? 10.746  -8.860  6.209   1.00 60.22  ? 90  SER A CA  1 
ATOM   770  C  C   . SER A 1 91  ? 9.428   -8.136  6.539   1.00 57.40  ? 90  SER A C   1 
ATOM   771  O  O   . SER A 1 91  ? 9.314   -6.909  6.340   1.00 59.70  ? 90  SER A O   1 
ATOM   772  C  CB  . SER A 1 91  ? 11.687  -8.747  7.392   1.00 61.10  ? 90  SER A CB  1 
ATOM   773  O  OG  . SER A 1 91  ? 11.173  -9.496  8.504   1.00 64.55  ? 90  SER A OG  1 
ATOM   774  N  N   . VAL A 1 92  ? 8.517   -8.897  7.141   1.00 64.12  ? 91  VAL A N   1 
ATOM   775  C  CA  . VAL A 1 92  ? 7.164   -8.471  7.595   1.00 65.98  ? 91  VAL A CA  1 
ATOM   776  C  C   . VAL A 1 92  ? 7.272   -7.890  9.014   1.00 57.35  ? 91  VAL A C   1 
ATOM   777  O  O   . VAL A 1 92  ? 6.289   -7.331  9.481   1.00 58.04  ? 91  VAL A O   1 
ATOM   778  C  CB  . VAL A 1 92  ? 6.174   -9.654  7.525   1.00 73.11  ? 91  VAL A CB  1 
ATOM   779  C  CG1 . VAL A 1 92  ? 6.123   -10.270 6.132   1.00 78.96  ? 91  VAL A CG1 1 
ATOM   780  C  CG2 . VAL A 1 92  ? 6.478   -10.731 8.562   1.00 73.53  ? 91  VAL A CG2 1 
ATOM   781  N  N   . SER A 1 93  ? 8.421   -8.016  9.682   1.00 55.24  ? 92  SER A N   1 
ATOM   782  C  CA  . SER A 1 93  ? 8.604   -7.587  11.087  1.00 53.23  ? 92  SER A CA  1 
ATOM   783  C  C   . SER A 1 93  ? 9.008   -6.114  11.157  1.00 51.66  ? 92  SER A C   1 
ATOM   784  O  O   . SER A 1 93  ? 9.042   -5.564  12.251  1.00 53.74  ? 92  SER A O   1 
ATOM   785  C  CB  . SER A 1 93  ? 9.606   -8.463  11.785  1.00 65.15  ? 92  SER A CB  1 
ATOM   786  O  OG  . SER A 1 93  ? 10.916  -7.931  11.661  1.00 70.06  ? 92  SER A OG  1 
ATOM   787  N  N   . THR A 1 94  ? 9.329   -5.478  10.034  1.00 50.69  ? 93  THR A N   1 
ATOM   788  C  CA  . THR A 1 94  ? 9.814   -4.073  10.013  1.00 54.12  ? 93  THR A CA  1 
ATOM   789  C  C   . THR A 1 94  ? 8.651   -3.118  10.303  1.00 50.76  ? 93  THR A C   1 
ATOM   790  O  O   . THR A 1 94  ? 7.590   -3.260  9.709   1.00 48.41  ? 93  THR A O   1 
ATOM   791  C  CB  . THR A 1 94  ? 10.433  -3.744  8.648   1.00 58.93  ? 93  THR A CB  1 
ATOM   792  O  OG1 . THR A 1 94  ? 11.046  -4.933  8.132   1.00 59.16  ? 93  THR A OG1 1 
ATOM   793  C  CG2 . THR A 1 94  ? 11.426  -2.608  8.728   1.00 59.79  ? 93  THR A CG2 1 
ATOM   794  N  N   . PRO A 1 95  ? 8.802   -2.117  11.201  1.00 47.74  ? 94  PRO A N   1 
ATOM   795  C  CA  . PRO A 1 95  ? 7.793   -1.075  11.390  1.00 48.68  ? 94  PRO A CA  1 
ATOM   796  C  C   . PRO A 1 95  ? 7.612   -0.287  10.091  1.00 46.92  ? 94  PRO A C   1 
ATOM   797  O  O   . PRO A 1 95  ? 8.610   -0.144  9.388   1.00 46.26  ? 94  PRO A O   1 
ATOM   798  C  CB  . PRO A 1 95  ? 8.345   -0.147  12.474  1.00 49.70  ? 94  PRO A CB  1 
ATOM   799  C  CG  . PRO A 1 95  ? 9.420   -0.990  13.159  1.00 50.62  ? 94  PRO A CG  1 
ATOM   800  C  CD  . PRO A 1 95  ? 9.955   -1.925  12.093  1.00 53.37  ? 94  PRO A CD  1 
ATOM   801  N  N   . ILE A 1 96  ? 6.374   0.139   9.785   1.00 41.33  ? 95  ILE A N   1 
ATOM   802  C  CA  . ILE A 1 96  ? 6.051   0.838   8.510   1.00 39.37  ? 95  ILE A CA  1 
ATOM   803  C  C   . ILE A 1 96  ? 6.762   2.197   8.493   1.00 40.74  ? 95  ILE A C   1 
ATOM   804  O  O   . ILE A 1 96  ? 7.036   2.671   7.384   1.00 39.24  ? 95  ILE A O   1 
ATOM   805  C  CB  . ILE A 1 96  ? 4.535   0.919   8.192   1.00 42.26  ? 95  ILE A CB  1 
ATOM   806  C  CG1 . ILE A 1 96  ? 4.333   1.202   6.699   1.00 40.03  ? 95  ILE A CG1 1 
ATOM   807  C  CG2 . ILE A 1 96  ? 3.797   1.955   9.044   1.00 41.50  ? 95  ILE A CG2 1 
ATOM   808  C  CD1 . ILE A 1 96  ? 2.902   1.151   6.233   1.00 43.73  ? 95  ILE A CD1 1 
ATOM   809  N  N   . SER A 1 97  ? 7.038   2.838   9.642   1.00 39.13  ? 96  SER A N   1 
ATOM   810  C  CA  . SER A 1 97  ? 7.825   4.106   9.696   1.00 35.17  ? 96  SER A CA  1 
ATOM   811  C  C   . SER A 1 97  ? 9.179   3.924   8.975   1.00 43.70  ? 96  SER A C   1 
ATOM   812  O  O   . SER A 1 97  ? 9.583   4.834   8.207   1.00 39.95  ? 96  SER A O   1 
ATOM   813  C  CB  . SER A 1 97  ? 8.080   4.518   11.112  1.00 35.64  ? 96  SER A CB  1 
ATOM   814  O  OG  . SER A 1 97  ? 8.551   3.391   11.874  1.00 38.63  ? 96  SER A OG  1 
ATOM   815  N  N   . GLU A 1 98  ? 9.860   2.802   9.266   1.00 43.63  ? 97  GLU A N   1 
ATOM   816  C  CA  . GLU A 1 98  ? 11.190  2.395   8.724   1.00 46.36  ? 97  GLU A CA  1 
ATOM   817  C  C   . GLU A 1 98  ? 11.067  2.028   7.247   1.00 47.67  ? 97  GLU A C   1 
ATOM   818  O  O   . GLU A 1 98  ? 11.944  2.442   6.476   1.00 47.02  ? 97  GLU A O   1 
ATOM   819  C  CB  . GLU A 1 98  ? 11.734  1.155   9.434   1.00 51.97  ? 97  GLU A CB  1 
ATOM   820  C  CG  . GLU A 1 98  ? 12.634  1.454   10.620  1.00 67.23  ? 97  GLU A CG  1 
ATOM   821  C  CD  . GLU A 1 98  ? 13.182  0.209   11.317  1.00 70.43  ? 97  GLU A CD  1 
ATOM   822  O  OE1 . GLU A 1 98  ? 12.946  0.058   12.539  1.00 71.13  ? 97  GLU A OE1 1 
ATOM   823  O  OE2 . GLU A 1 98  ? 13.839  -0.613  10.637  1.00 71.00  ? 97  GLU A OE2 1 
ATOM   824  N  N   . VAL A 1 99  ? 10.058  1.221   6.887   1.00 39.98  ? 98  VAL A N   1 
ATOM   825  C  CA  . VAL A 1 99  ? 9.798   0.829   5.475   1.00 41.81  ? 98  VAL A CA  1 
ATOM   826  C  C   . VAL A 1 99  ? 9.563   2.099   4.659   1.00 42.91  ? 98  VAL A C   1 
ATOM   827  O  O   . VAL A 1 99  ? 10.071  2.174   3.518   1.00 39.68  ? 98  VAL A O   1 
ATOM   828  C  CB  . VAL A 1 99  ? 8.623   -0.155  5.339   1.00 44.04  ? 98  VAL A CB  1 
ATOM   829  C  CG1 . VAL A 1 99  ? 8.268   -0.406  3.880   1.00 49.21  ? 98  VAL A CG1 1 
ATOM   830  C  CG2 . VAL A 1 99  ? 8.928   -1.467  6.037   1.00 49.99  ? 98  VAL A CG2 1 
ATOM   831  N  N   . TYR A 1 100 ? 8.807   3.062   5.185   1.00 34.05  ? 99  TYR A N   1 
ATOM   832  C  CA  . TYR A 1 100 ? 8.480   4.306   4.432   1.00 37.53  ? 99  TYR A CA  1 
ATOM   833  C  C   . TYR A 1 100 ? 9.769   5.029   4.022   1.00 39.97  ? 99  TYR A C   1 
ATOM   834  O  O   . TYR A 1 100 ? 9.910   5.404   2.863   1.00 43.46  ? 99  TYR A O   1 
ATOM   835  C  CB  . TYR A 1 100 ? 7.564   5.204   5.255   1.00 32.66  ? 99  TYR A CB  1 
ATOM   836  C  CG  . TYR A 1 100 ? 7.270   6.513   4.591   1.00 34.22  ? 99  TYR A CG  1 
ATOM   837  C  CD1 . TYR A 1 100 ? 6.310   6.602   3.601   1.00 34.60  ? 99  TYR A CD1 1 
ATOM   838  C  CD2 . TYR A 1 100 ? 7.910   7.672   4.986   1.00 34.21  ? 99  TYR A CD2 1 
ATOM   839  C  CE1 . TYR A 1 100 ? 6.003   7.820   3.015   1.00 35.40  ? 99  TYR A CE1 1 
ATOM   840  C  CE2 . TYR A 1 100 ? 7.640   8.887   4.377   1.00 36.37  ? 99  TYR A CE2 1 
ATOM   841  C  CZ  . TYR A 1 100 ? 6.670   8.963   3.390   1.00 35.95  ? 99  TYR A CZ  1 
ATOM   842  O  OH  . TYR A 1 100 ? 6.389   10.157  2.766   1.00 40.84  ? 99  TYR A OH  1 
ATOM   843  N  N   . GLU A 1 101 ? 10.681  5.244   4.971   1.00 41.22  ? 100 GLU A N   1 
ATOM   844  C  CA  . GLU A 1 101 ? 11.900  6.071   4.802   1.00 46.19  ? 100 GLU A CA  1 
ATOM   845  C  C   . GLU A 1 101 ? 12.794  5.520   3.682   1.00 44.82  ? 100 GLU A C   1 
ATOM   846  O  O   . GLU A 1 101 ? 13.379  6.348   2.967   1.00 43.03  ? 100 GLU A O   1 
ATOM   847  C  CB  . GLU A 1 101 ? 12.690  6.143   6.112   1.00 47.39  ? 100 GLU A CB  1 
ATOM   848  C  CG  . GLU A 1 101 ? 12.111  7.134   7.091   1.00 57.66  ? 100 GLU A CG  1 
ATOM   849  C  CD  . GLU A 1 101 ? 13.135  7.888   7.920   1.00 65.25  ? 100 GLU A CD  1 
ATOM   850  O  OE1 . GLU A 1 101 ? 14.337  7.545   7.842   1.00 60.77  ? 100 GLU A OE1 1 
ATOM   851  O  OE2 . GLU A 1 101 ? 12.718  8.821   8.634   1.00 75.53  ? 100 GLU A OE2 1 
ATOM   852  N  N   . SER A 1 102 ? 12.832  4.202   3.497   1.00 41.83  ? 101 SER A N   1 
ATOM   853  C  CA  . SER A 1 102 ? 13.673  3.545   2.463   1.00 46.22  ? 101 SER A CA  1 
ATOM   854  C  C   . SER A 1 102 ? 12.884  3.245   1.177   1.00 46.73  ? 101 SER A C   1 
ATOM   855  O  O   . SER A 1 102 ? 13.501  3.393   0.114   1.00 48.86  ? 101 SER A O   1 
ATOM   856  C  CB  . SER A 1 102 ? 14.361  2.334   3.036   1.00 46.27  ? 101 SER A CB  1 
ATOM   857  O  OG  . SER A 1 102 ? 13.487  1.240   3.072   1.00 59.38  ? 101 SER A OG  1 
ATOM   858  N  N   . GLU A 1 103 ? 11.581  2.917   1.227   1.00 42.43  ? 102 GLU A N   1 
ATOM   859  C  CA  . GLU A 1 103 ? 10.802  2.440   0.051   1.00 41.59  ? 102 GLU A CA  1 
ATOM   860  C  C   . GLU A 1 103 ? 9.854   3.512   -0.491  1.00 38.87  ? 102 GLU A C   1 
ATOM   861  O  O   . GLU A 1 103 ? 9.215   3.264   -1.523  1.00 46.13  ? 102 GLU A O   1 
ATOM   862  C  CB  . GLU A 1 103 ? 10.023  1.168   0.381   1.00 42.67  ? 102 GLU A CB  1 
ATOM   863  C  CG  . GLU A 1 103 ? 10.904  0.014   0.817   1.00 46.47  ? 102 GLU A CG  1 
ATOM   864  C  CD  . GLU A 1 103 ? 11.957  -0.426  -0.190  1.00 52.34  ? 102 GLU A CD  1 
ATOM   865  O  OE1 . GLU A 1 103 ? 11.756  -0.232  -1.407  1.00 49.54  ? 102 GLU A OE1 1 
ATOM   866  O  OE2 . GLU A 1 103 ? 12.982  -0.952  0.254   1.00 56.27  ? 102 GLU A OE2 1 
ATOM   867  N  N   . LYS A 1 104 ? 9.749   4.671   0.140   1.00 41.91  ? 103 LYS A N   1 
ATOM   868  C  CA  . LYS A 1 104 ? 8.830   5.716   -0.363  1.00 40.28  ? 103 LYS A CA  1 
ATOM   869  C  C   . LYS A 1 104 ? 9.192   6.112   -1.805  1.00 49.18  ? 103 LYS A C   1 
ATOM   870  O  O   . LYS A 1 104 ? 10.379  6.122   -2.126  1.00 45.58  ? 103 LYS A O   1 
ATOM   871  C  CB  . LYS A 1 104 ? 8.940   6.975   0.492   1.00 45.43  ? 103 LYS A CB  1 
ATOM   872  C  CG  . LYS A 1 104 ? 10.329  7.555   0.628   1.00 48.13  ? 103 LYS A CG  1 
ATOM   873  C  CD  . LYS A 1 104 ? 10.376  8.747   1.535   1.00 52.32  ? 103 LYS A CD  1 
ATOM   874  C  CE  . LYS A 1 104 ? 11.708  9.452   1.464   1.00 53.68  ? 103 LYS A CE  1 
ATOM   875  N  NZ  . LYS A 1 104 ? 12.807  8.627   2.027   1.00 55.31  ? 103 LYS A NZ  1 
ATOM   876  N  N   . ASP A 1 105 ? 8.186   6.501   -2.594  1.00 49.60  ? 104 ASP A N   1 
ATOM   877  C  CA  . ASP A 1 105 ? 8.292   7.185   -3.912  1.00 51.44  ? 104 ASP A CA  1 
ATOM   878  C  C   . ASP A 1 105 ? 8.752   8.644   -3.745  1.00 51.33  ? 104 ASP A C   1 
ATOM   879  O  O   . ASP A 1 105 ? 8.620   9.226   -2.623  1.00 44.38  ? 104 ASP A O   1 
ATOM   880  C  CB  . ASP A 1 105 ? 6.935   7.118   -4.616  1.00 52.60  ? 104 ASP A CB  1 
ATOM   881  C  CG  . ASP A 1 105 ? 6.991   7.342   -6.114  1.00 53.60  ? 104 ASP A CG  1 
ATOM   882  O  OD1 . ASP A 1 105 ? 7.136   6.332   -6.851  1.00 52.70  ? 104 ASP A OD1 1 
ATOM   883  O  OD2 . ASP A 1 105 ? 6.876   8.518   -6.523  1.00 50.15  ? 104 ASP A OD2 1 
ATOM   884  N  N   . GLU A 1 106 ? 9.254   9.261   -4.823  1.00 49.41  ? 105 GLU A N   1 
ATOM   885  C  CA  . GLU A 1 106 ? 9.655   10.704  -4.834  1.00 49.30  ? 105 GLU A CA  1 
ATOM   886  C  C   . GLU A 1 106 ? 8.448   11.636  -4.654  1.00 43.46  ? 105 GLU A C   1 
ATOM   887  O  O   . GLU A 1 106 ? 8.684   12.789  -4.252  1.00 50.67  ? 105 GLU A O   1 
ATOM   888  C  CB  . GLU A 1 106 ? 10.372  11.105  -6.130  1.00 56.82  ? 105 GLU A CB  1 
ATOM   889  C  CG  . GLU A 1 106 ? 11.741  10.469  -6.297  1.00 63.56  ? 105 GLU A CG  1 
ATOM   890  C  CD  . GLU A 1 106 ? 12.736  11.141  -7.250  1.00 73.55  ? 105 GLU A CD  1 
ATOM   891  O  OE1 . GLU A 1 106 ? 12.367  12.135  -7.954  1.00 59.05  ? 105 GLU A OE1 1 
ATOM   892  O  OE2 . GLU A 1 106 ? 13.914  10.683  -7.256  1.00 69.33  ? 105 GLU A OE2 1 
ATOM   893  N  N   . ASP A 1 107 ? 7.222   11.207  -4.977  1.00 46.69  ? 106 ASP A N   1 
ATOM   894  C  CA  . ASP A 1 107 ? 5.980   12.001  -4.707  1.00 46.50  ? 106 ASP A CA  1 
ATOM   895  C  C   . ASP A 1 107 ? 5.631   11.968  -3.204  1.00 49.43  ? 106 ASP A C   1 
ATOM   896  O  O   . ASP A 1 107 ? 4.935   12.902  -2.733  1.00 51.27  ? 106 ASP A O   1 
ATOM   897  C  CB  . ASP A 1 107 ? 4.815   11.555  -5.598  1.00 47.74  ? 106 ASP A CB  1 
ATOM   898  C  CG  . ASP A 1 107 ? 4.244   10.184  -5.278  1.00 50.45  ? 106 ASP A CG  1 
ATOM   899  O  OD1 . ASP A 1 107 ? 4.687   9.593   -4.291  1.00 47.53  ? 106 ASP A OD1 1 
ATOM   900  O  OD2 . ASP A 1 107 ? 3.316   9.732   -6.006  1.00 50.52  ? 106 ASP A OD2 1 
ATOM   901  N  N   . GLY A 1 108 ? 6.114   10.953  -2.471  1.00 51.51  ? 107 GLY A N   1 
ATOM   902  C  CA  . GLY A 1 108 ? 6.022   10.863  -0.998  1.00 46.01  ? 107 GLY A CA  1 
ATOM   903  C  C   . GLY A 1 108 ? 5.031   9.813   -0.523  1.00 38.78  ? 107 GLY A C   1 
ATOM   904  O  O   . GLY A 1 108 ? 4.910   9.633   0.716   1.00 40.25  ? 107 GLY A O   1 
ATOM   905  N  N   . PHE A 1 109 ? 4.368   9.116   -1.448  1.00 37.45  ? 108 PHE A N   1 
ATOM   906  C  CA  . PHE A 1 109 ? 3.490   7.954   -1.170  1.00 37.71  ? 108 PHE A CA  1 
ATOM   907  C  C   . PHE A 1 109 ? 4.364   6.693   -1.082  1.00 42.95  ? 108 PHE A C   1 
ATOM   908  O  O   . PHE A 1 109 ? 5.483   6.675   -1.672  1.00 39.82  ? 108 PHE A O   1 
ATOM   909  C  CB  . PHE A 1 109 ? 2.383   7.832   -2.228  1.00 44.35  ? 108 PHE A CB  1 
ATOM   910  C  CG  . PHE A 1 109 ? 1.212   8.765   -2.032  1.00 46.66  ? 108 PHE A CG  1 
ATOM   911  C  CD1 . PHE A 1 109 ? 0.367   8.619   -0.942  1.00 42.02  ? 108 PHE A CD1 1 
ATOM   912  C  CD2 . PHE A 1 109 ? 0.951   9.790   -2.926  1.00 47.84  ? 108 PHE A CD2 1 
ATOM   913  C  CE1 . PHE A 1 109 ? -0.700  9.482   -0.742  1.00 48.12  ? 108 PHE A CE1 1 
ATOM   914  C  CE2 . PHE A 1 109 ? -0.116  10.647  -2.720  1.00 46.01  ? 108 PHE A CE2 1 
ATOM   915  C  CZ  . PHE A 1 109 ? -0.938  10.497  -1.629  1.00 43.87  ? 108 PHE A CZ  1 
ATOM   916  N  N   . LEU A 1 110 ? 3.887   5.693   -0.334  1.00 40.23  ? 109 LEU A N   1 
ATOM   917  C  CA  . LEU A 1 110 ? 4.434   4.304   -0.312  1.00 43.71  ? 109 LEU A CA  1 
ATOM   918  C  C   . LEU A 1 110 ? 3.499   3.418   -1.144  1.00 41.65  ? 109 LEU A C   1 
ATOM   919  O  O   . LEU A 1 110 ? 2.327   3.279   -0.750  1.00 43.73  ? 109 LEU A O   1 
ATOM   920  C  CB  . LEU A 1 110 ? 4.494   3.836   1.146   1.00 41.61  ? 109 LEU A CB  1 
ATOM   921  C  CG  . LEU A 1 110 ? 5.194   2.512   1.410   1.00 46.73  ? 109 LEU A CG  1 
ATOM   922  C  CD1 . LEU A 1 110 ? 6.602   2.495   0.801   1.00 45.28  ? 109 LEU A CD1 1 
ATOM   923  C  CD2 . LEU A 1 110 ? 5.231   2.270   2.920   1.00 44.40  ? 109 LEU A CD2 1 
ATOM   924  N  N   . TYR A 1 111 ? 3.997   2.836   -2.238  1.00 40.47  ? 110 TYR A N   1 
ATOM   925  C  CA  . TYR A 1 111 ? 3.197   2.137   -3.276  1.00 41.20  ? 110 TYR A CA  1 
ATOM   926  C  C   . TYR A 1 111 ? 3.231   0.646   -3.015  1.00 45.48  ? 110 TYR A C   1 
ATOM   927  O  O   . TYR A 1 111 ? 4.299   0.090   -2.797  1.00 39.28  ? 110 TYR A O   1 
ATOM   928  C  CB  . TYR A 1 111 ? 3.700   2.454   -4.688  1.00 46.27  ? 110 TYR A CB  1 
ATOM   929  C  CG  . TYR A 1 111 ? 3.268   3.830   -5.134  1.00 37.92  ? 110 TYR A CG  1 
ATOM   930  C  CD1 . TYR A 1 111 ? 4.012   4.945   -4.819  1.00 40.53  ? 110 TYR A CD1 1 
ATOM   931  C  CD2 . TYR A 1 111 ? 2.090   4.024   -5.838  1.00 44.50  ? 110 TYR A CD2 1 
ATOM   932  C  CE1 . TYR A 1 111 ? 3.585   6.220   -5.159  1.00 36.30  ? 110 TYR A CE1 1 
ATOM   933  C  CE2 . TYR A 1 111 ? 1.673   5.287   -6.218  1.00 41.27  ? 110 TYR A CE2 1 
ATOM   934  C  CZ  . TYR A 1 111 ? 2.438   6.391   -5.902  1.00 41.11  ? 110 TYR A CZ  1 
ATOM   935  O  OH  . TYR A 1 111 ? 2.041   7.657   -6.239  1.00 40.87  ? 110 TYR A OH  1 
ATOM   936  N  N   . MET A 1 112 ? 2.048   0.065   -2.979  1.00 39.95  ? 111 MET A N   1 
ATOM   937  C  CA  . MET A 1 112 ? 1.860   -1.370  -2.730  1.00 44.58  ? 111 MET A CA  1 
ATOM   938  C  C   . MET A 1 112 ? 0.914   -1.928  -3.783  1.00 44.99  ? 111 MET A C   1 
ATOM   939  O  O   . MET A 1 112 ? -0.003  -1.208  -4.242  1.00 44.38  ? 111 MET A O   1 
ATOM   940  C  CB  . MET A 1 112 ? 1.244   -1.584  -1.350  1.00 44.00  ? 111 MET A CB  1 
ATOM   941  C  CG  . MET A 1 112 ? 2.023   -0.860  -0.284  1.00 48.75  ? 111 MET A CG  1 
ATOM   942  S  SD  . MET A 1 112 ? 1.866   -1.636  1.321   1.00 50.12  ? 111 MET A SD  1 
ATOM   943  C  CE  . MET A 1 112 ? 2.973   -0.572  2.244   1.00 48.78  ? 111 MET A CE  1 
ATOM   944  N  N   A VAL A 1 113 ? 1.117   -3.201  -4.114  0.41 46.72  ? 112 VAL A N   1 
ATOM   945  N  N   B VAL A 1 113 ? 1.146   -3.174  -4.199  0.10 45.21  ? 112 VAL A N   1 
ATOM   946  C  CA  A VAL A 1 113 ? 0.320   -3.974  -5.109  0.41 49.26  ? 112 VAL A CA  1 
ATOM   947  C  CA  B VAL A 1 113 ? 0.229   -3.931  -5.101  0.10 45.75  ? 112 VAL A CA  1 
ATOM   948  C  C   A VAL A 1 113 ? 0.119   -5.385  -4.550  0.41 48.76  ? 112 VAL A C   1 
ATOM   949  C  C   B VAL A 1 113 ? 0.112   -5.365  -4.581  0.10 46.89  ? 112 VAL A C   1 
ATOM   950  O  O   A VAL A 1 113 ? 1.096   -5.944  -4.021  0.41 47.57  ? 112 VAL A O   1 
ATOM   951  O  O   B VAL A 1 113 ? 1.135   -5.923  -4.137  0.10 46.75  ? 112 VAL A O   1 
ATOM   952  C  CB  A VAL A 1 113 ? 1.028   -3.990  -6.477  0.41 52.34  ? 112 VAL A CB  1 
ATOM   953  C  CB  B VAL A 1 113 ? 0.679   -3.891  -6.574  0.10 45.44  ? 112 VAL A CB  1 
ATOM   954  C  CG1 A VAL A 1 113 ? 0.263   -4.813  -7.499  0.41 55.35  ? 112 VAL A CG1 1 
ATOM   955  C  CG1 B VAL A 1 113 ? 0.639   -2.479  -7.137  0.10 44.88  ? 112 VAL A CG1 1 
ATOM   956  C  CG2 A VAL A 1 113 ? 1.266   -2.575  -6.993  0.41 52.42  ? 112 VAL A CG2 1 
ATOM   957  C  CG2 B VAL A 1 113 ? 2.050   -4.513  -6.773  0.10 44.72  ? 112 VAL A CG2 1 
ATOM   958  N  N   . TYR A 1 114 ? -1.103  -5.916  -4.634  1.00 47.17  ? 113 TYR A N   1 
ATOM   959  C  CA  . TYR A 1 114 ? -1.441  -7.259  -4.107  1.00 52.05  ? 113 TYR A CA  1 
ATOM   960  C  C   . TYR A 1 114 ? -1.965  -8.147  -5.236  1.00 56.35  ? 113 TYR A C   1 
ATOM   961  O  O   . TYR A 1 114 ? -2.650  -7.654  -6.171  1.00 59.28  ? 113 TYR A O   1 
ATOM   962  C  CB  . TYR A 1 114 ? -2.470  -7.148  -2.980  1.00 51.15  ? 113 TYR A CB  1 
ATOM   963  C  CG  . TYR A 1 114 ? -3.835  -6.640  -3.364  1.00 49.40  ? 113 TYR A CG  1 
ATOM   964  C  CD1 . TYR A 1 114 ? -4.160  -5.299  -3.267  1.00 50.35  ? 113 TYR A CD1 1 
ATOM   965  C  CD2 . TYR A 1 114 ? -4.826  -7.515  -3.769  1.00 51.91  ? 113 TYR A CD2 1 
ATOM   966  C  CE1 . TYR A 1 114 ? -5.427  -4.842  -3.595  1.00 53.95  ? 113 TYR A CE1 1 
ATOM   967  C  CE2 . TYR A 1 114 ? -6.099  -7.079  -4.092  1.00 47.12  ? 113 TYR A CE2 1 
ATOM   968  C  CZ  . TYR A 1 114 ? -6.399  -5.738  -4.010  1.00 54.94  ? 113 TYR A CZ  1 
ATOM   969  O  OH  . TYR A 1 114 ? -7.663  -5.326  -4.316  1.00 55.31  ? 113 TYR A OH  1 
ATOM   970  N  N   . ALA A 1 115 ? -1.683  -9.434  -5.093  1.00 51.89  ? 114 ALA A N   1 
ATOM   971  C  CA  . ALA A 1 115 ? -2.068  -10.509 -6.029  1.00 65.84  ? 114 ALA A CA  1 
ATOM   972  C  C   . ALA A 1 115 ? -2.202  -11.821 -5.254  1.00 60.28  ? 114 ALA A C   1 
ATOM   973  O  O   . ALA A 1 115 ? -1.612  -11.912 -4.159  1.00 63.84  ? 114 ALA A O   1 
ATOM   974  C  CB  . ALA A 1 115 ? -1.025  -10.612 -7.118  1.00 63.38  ? 114 ALA A CB  1 
ATOM   975  N  N   . SER A 1 116 ? -2.902  -12.805 -5.831  1.00 67.73  ? 115 SER A N   1 
ATOM   976  C  CA  . SER A 1 116 ? -3.097  -14.172 -5.271  1.00 70.32  ? 115 SER A CA  1 
ATOM   977  C  C   . SER A 1 116 ? -1.927  -15.094 -5.641  1.00 74.52  ? 115 SER A C   1 
ATOM   978  O  O   . SER A 1 116 ? -1.876  -16.211 -5.075  1.00 82.04  ? 115 SER A O   1 
ATOM   979  C  CB  . SER A 1 116 ? -4.421  -14.768 -5.703  1.00 72.07  ? 115 SER A CB  1 
ATOM   980  O  OG  . SER A 1 116 ? -4.952  -14.073 -6.820  1.00 72.32  ? 115 SER A OG  1 
ATOM   981  N  N   . GLN A 1 117 ? -1.022  -14.666 -6.530  1.00 68.37  ? 116 GLN A N   1 
ATOM   982  C  CA  . GLN A 1 117 ? 0.185   -15.457 -6.905  1.00 75.20  ? 116 GLN A CA  1 
ATOM   983  C  C   . GLN A 1 117 ? 1.449   -14.664 -6.545  1.00 80.50  ? 116 GLN A C   1 
ATOM   984  O  O   . GLN A 1 117 ? 1.435   -13.429 -6.728  1.00 82.99  ? 116 GLN A O   1 
ATOM   985  C  CB  . GLN A 1 117 ? 0.152   -15.797 -8.396  1.00 74.80  ? 116 GLN A CB  1 
ATOM   986  N  N   . GLU A 1 118 ? 2.501   -15.351 -6.074  1.00 86.95  ? 117 GLU A N   1 
ATOM   987  C  CA  . GLU A 1 118 ? 3.876   -14.791 -5.903  1.00 96.84  ? 117 GLU A CA  1 
ATOM   988  C  C   . GLU A 1 118 ? 4.391   -14.228 -7.239  1.00 104.66 ? 117 GLU A C   1 
ATOM   989  O  O   . GLU A 1 118 ? 5.249   -13.331 -7.191  1.00 107.80 ? 117 GLU A O   1 
ATOM   990  C  CB  . GLU A 1 118 ? 4.861   -15.838 -5.366  1.00 101.07 ? 117 GLU A CB  1 
ATOM   991  C  CG  . GLU A 1 118 ? 5.333   -15.559 -3.946  1.00 102.79 ? 117 GLU A CG  1 
ATOM   992  C  CD  . GLU A 1 118 ? 5.950   -16.730 -3.197  1.00 109.23 ? 117 GLU A CD  1 
ATOM   993  O  OE1 . GLU A 1 118 ? 5.736   -17.885 -3.619  1.00 114.59 ? 117 GLU A OE1 1 
ATOM   994  O  OE2 . GLU A 1 118 ? 6.643   -16.483 -2.184  1.00 107.35 ? 117 GLU A OE2 1 
ATOM   995  N  N   . THR A 1 119 ? 3.904   -14.744 -8.376  1.00 119.16 ? 118 THR A N   1 
ATOM   996  C  CA  . THR A 1 119 ? 4.191   -14.234 -9.749  1.00 122.24 ? 118 THR A CA  1 
ATOM   997  C  C   . THR A 1 119 ? 3.208   -13.103 -10.103 1.00 121.47 ? 118 THR A C   1 
ATOM   998  O  O   . THR A 1 119 ? 2.025   -13.406 -10.390 1.00 132.14 ? 118 THR A O   1 
ATOM   999  C  CB  . THR A 1 119 ? 4.147   -15.376 -10.774 1.00 116.62 ? 118 THR A CB  1 
ATOM   1000 N  N   . PHE A 1 120 ? 3.681   -11.850 -10.073 1.00 117.54 ? 119 PHE A N   1 
ATOM   1001 C  CA  . PHE A 1 120 ? 2.935   -10.628 -10.477 1.00 111.47 ? 119 PHE A CA  1 
ATOM   1002 C  C   . PHE A 1 120 ? 3.184   -10.371 -11.966 1.00 116.17 ? 119 PHE A C   1 
ATOM   1003 O  O   . PHE A 1 120 ? 4.182   -9.752  -12.329 1.00 112.05 ? 119 PHE A O   1 
ATOM   1004 C  CB  . PHE A 1 120 ? 3.364   -9.418  -9.640  1.00 109.54 ? 119 PHE A CB  1 
ATOM   1005 C  CG  . PHE A 1 120 ? 2.851   -9.414  -8.219  1.00 107.19 ? 119 PHE A CG  1 
ATOM   1006 C  CD1 . PHE A 1 120 ? 3.299   -10.354 -7.299  1.00 97.29  ? 119 PHE A CD1 1 
ATOM   1007 C  CD2 . PHE A 1 120 ? 1.933   -8.462  -7.794  1.00 99.40  ? 119 PHE A CD2 1 
ATOM   1008 C  CE1 . PHE A 1 120 ? 2.834   -10.348 -5.992  1.00 93.73  ? 119 PHE A CE1 1 
ATOM   1009 C  CE2 . PHE A 1 120 ? 1.465   -8.460  -6.486  1.00 93.67  ? 119 PHE A CE2 1 
ATOM   1010 C  CZ  . PHE A 1 120 ? 1.911   -9.406  -5.590  1.00 98.18  ? 119 PHE A CZ  1 
HETATM 1011 N  N1  . K4R B 2 .   ? -4.512  1.890   8.765   0.28 58.74  ? 201 K4R A N1  1 
HETATM 1012 N  N3  . K4R B 2 .   ? -8.210  0.191   6.468   0.28 56.05  ? 201 K4R A N3  1 
HETATM 1013 C  C4  . K4R B 2 .   ? -7.507  -1.750  5.045   0.28 56.58  ? 201 K4R A C4  1 
HETATM 1014 C  C5  . K4R B 2 .   ? -6.388  -2.471  4.709   0.28 56.16  ? 201 K4R A C5  1 
HETATM 1015 C  C6  . K4R B 2 .   ? -5.135  -2.165  5.241   0.28 57.60  ? 201 K4R A C6  1 
HETATM 1016 C  C7  . K4R B 2 .   ? -4.961  -1.120  6.115   0.28 57.87  ? 201 K4R A C7  1 
HETATM 1017 C  C8  . K4R B 2 .   ? -6.084  -0.369  6.470   0.28 57.61  ? 201 K4R A C8  1 
HETATM 1018 C  C1  . K4R B 2 .   ? -5.317  1.399   8.106   0.28 57.00  ? 201 K4R A C1  1 
HETATM 1019 C  C2  . K4R B 2 .   ? -6.284  0.715   7.317   0.28 57.52  ? 201 K4R A C2  1 
HETATM 1020 C  C3  . K4R B 2 .   ? -7.337  -0.693  5.941   0.28 56.44  ? 201 K4R A C3  1 
HETATM 1021 N  N2  . K4R B 2 .   ? -7.580  1.057   7.314   0.28 57.54  ? 201 K4R A N2  1 
HETATM 1022 C  C1  . EDO C 3 .   ? 13.658  -8.591  -1.557  1.00 91.18  ? 202 EDO A C1  1 
HETATM 1023 O  O1  . EDO C 3 .   ? 13.231  -8.002  -2.779  1.00 93.62  ? 202 EDO A O1  1 
HETATM 1024 C  C2  . EDO C 3 .   ? 14.023  -10.029 -1.669  1.00 86.64  ? 202 EDO A C2  1 
HETATM 1025 O  O2  . EDO C 3 .   ? 15.385  -10.287 -1.404  1.00 74.83  ? 202 EDO A O2  1 
HETATM 1026 C  C1  . EDO D 3 .   ? 8.140   8.538   -9.929  1.00 76.14  ? 203 EDO A C1  1 
HETATM 1027 O  O1  . EDO D 3 .   ? 7.441   7.675   -10.815 1.00 73.37  ? 203 EDO A O1  1 
HETATM 1028 C  C2  . EDO D 3 .   ? 7.492   9.865   -9.745  1.00 75.85  ? 203 EDO A C2  1 
HETATM 1029 O  O2  . EDO D 3 .   ? 6.195   9.776   -9.178  1.00 69.84  ? 203 EDO A O2  1 
HETATM 1030 C  C1  . EDO E 3 .   ? -4.460  -14.695 10.042  1.00 72.71  ? 204 EDO A C1  1 
HETATM 1031 O  O1  . EDO E 3 .   ? -3.795  -14.582 11.293  1.00 69.00  ? 204 EDO A O1  1 
HETATM 1032 C  C2  . EDO E 3 .   ? -4.599  -13.383 9.371   1.00 69.96  ? 204 EDO A C2  1 
HETATM 1033 O  O2  . EDO E 3 .   ? -3.748  -13.220 8.270   1.00 76.44  ? 204 EDO A O2  1 
HETATM 1034 C  C1  . EDO F 3 .   ? 1.829   -12.900 7.741   1.00 78.47  ? 205 EDO A C1  1 
HETATM 1035 O  O1  . EDO F 3 .   ? 2.736   -12.463 6.741   1.00 77.98  ? 205 EDO A O1  1 
HETATM 1036 C  C2  . EDO F 3 .   ? 1.219   -11.777 8.511   1.00 77.67  ? 205 EDO A C2  1 
HETATM 1037 O  O2  . EDO F 3 .   ? -0.050  -11.319 8.082   1.00 70.27  ? 205 EDO A O2  1 
HETATM 1038 C  C1  . EDO G 3 .   ? -1.280  -1.329  -10.943 1.00 115.36 ? 206 EDO A C1  1 
HETATM 1039 O  O1  . EDO G 3 .   ? -0.151  -0.762  -10.318 1.00 104.92 ? 206 EDO A O1  1 
HETATM 1040 C  C2  . EDO G 3 .   ? -1.320  -2.802  -10.781 1.00 119.47 ? 206 EDO A C2  1 
HETATM 1041 O  O2  . EDO G 3 .   ? -0.225  -3.470  -11.385 1.00 121.35 ? 206 EDO A O2  1 
HETATM 1042 C  C1  . EDO H 3 .   ? -4.012  12.892  -4.468  1.00 111.28 ? 207 EDO A C1  1 
HETATM 1043 O  O1  . EDO H 3 .   ? -3.690  14.251  -4.673  1.00 111.60 ? 207 EDO A O1  1 
HETATM 1044 C  C2  . EDO H 3 .   ? -5.458  12.682  -4.175  1.00 114.78 ? 207 EDO A C2  1 
HETATM 1045 O  O2  . EDO H 3 .   ? -5.746  11.467  -3.496  1.00 112.06 ? 207 EDO A O2  1 
HETATM 1046 C  C1  . EDO I 3 .   ? 6.813   1.184   -11.253 1.00 104.32 ? 208 EDO A C1  1 
HETATM 1047 O  O1  . EDO I 3 .   ? 6.524   1.179   -12.636 1.00 93.72  ? 208 EDO A O1  1 
HETATM 1048 C  C2  . EDO I 3 .   ? 7.194   -0.145  -10.726 1.00 105.89 ? 208 EDO A C2  1 
HETATM 1049 O  O2  . EDO I 3 .   ? 8.595   -0.316  -10.591 1.00 101.65 ? 208 EDO A O2  1 
HETATM 1050 C  C1  . EDO J 3 .   ? 10.260  -3.494  2.679   1.00 85.07  ? 209 EDO A C1  1 
HETATM 1051 O  O1  . EDO J 3 .   ? 10.157  -3.732  1.282   1.00 86.70  ? 209 EDO A O1  1 
HETATM 1052 C  C2  . EDO J 3 .   ? 9.481   -4.463  3.497   1.00 85.96  ? 209 EDO A C2  1 
HETATM 1053 O  O2  . EDO J 3 .   ? 10.025  -4.780  4.773   1.00 81.75  ? 209 EDO A O2  1 
HETATM 1054 CL CL  . CL  K 4 .   ? -2.183  11.928  13.170  1.00 49.81  ? 210 CL  A CL  1 
HETATM 1055 O  O   . HOH L 5 .   ? 0.173   3.883   -12.543 1.00 76.82  ? 301 HOH A O   1 
HETATM 1056 O  O   . HOH L 5 .   ? 14.580  -2.071  8.901   1.00 74.03  ? 302 HOH A O   1 
HETATM 1057 O  O   . HOH L 5 .   ? -6.700  -7.883  -12.508 1.00 104.09 ? 303 HOH A O   1 
HETATM 1058 O  O   . HOH L 5 .   ? 12.812  -12.271 5.734   1.00 56.82  ? 304 HOH A O   1 
HETATM 1059 O  O   . HOH L 5 .   ? 5.424   3.344   -9.219  1.00 68.54  ? 305 HOH A O   1 
HETATM 1060 O  O   . HOH L 5 .   ? 5.977   -9.326  -0.542  1.00 55.25  ? 306 HOH A O   1 
HETATM 1061 O  O   . HOH L 5 .   ? -17.596 -11.419 6.582   1.00 71.13  ? 307 HOH A O   1 
HETATM 1062 O  O   . HOH L 5 .   ? -12.641 -3.279  0.181   1.00 56.54  ? 308 HOH A O   1 
HETATM 1063 O  O   . HOH L 5 .   ? 10.828  2.740   -7.119  1.00 54.25  ? 309 HOH A O   1 
HETATM 1064 O  O   . HOH L 5 .   ? 0.360   0.679   -5.900  1.00 56.96  ? 310 HOH A O   1 
HETATM 1065 O  O   . HOH L 5 .   ? 9.921   -11.700 8.361   1.00 74.85  ? 311 HOH A O   1 
HETATM 1066 O  O   . HOH L 5 .   ? 7.339   3.418   -5.639  1.00 50.43  ? 312 HOH A O   1 
HETATM 1067 O  O   . HOH L 5 .   ? -4.825  11.238  12.045  1.00 48.32  ? 313 HOH A O   1 
HETATM 1068 O  O   . HOH L 5 .   ? -6.260  -5.336  -11.046 1.00 77.07  ? 314 HOH A O   1 
HETATM 1069 O  O   . HOH L 5 .   ? -6.254  2.351   -7.370  1.00 97.91  ? 315 HOH A O   1 
HETATM 1070 O  O   . HOH L 5 .   ? -1.667  -15.904 10.713  1.00 89.69  ? 316 HOH A O   1 
HETATM 1071 O  O   . HOH L 5 .   ? -13.687 -6.628  -6.358  1.00 85.90  ? 317 HOH A O   1 
HETATM 1072 O  O   . HOH L 5 .   ? -8.590  7.657   1.870   1.00 63.80  ? 318 HOH A O   1 
HETATM 1073 O  O   . HOH L 5 .   ? 1.977   20.041  -12.943 1.00 96.38  ? 319 HOH A O   1 
HETATM 1074 O  O   . HOH L 5 .   ? 12.835  5.433   -1.456  1.00 51.90  ? 320 HOH A O   1 
HETATM 1075 O  O   . HOH L 5 .   ? -0.199  3.847   -9.140  1.00 53.95  ? 321 HOH A O   1 
HETATM 1076 O  O   . HOH L 5 .   ? 1.525   11.880  7.428   1.00 42.66  ? 322 HOH A O   1 
HETATM 1077 O  O   . HOH L 5 .   ? -7.246  18.471  -6.386  1.00 74.40  ? 323 HOH A O   1 
HETATM 1078 O  O   . HOH L 5 .   ? 0.942   -9.166  12.997  1.00 49.80  ? 324 HOH A O   1 
HETATM 1079 O  O   . HOH L 5 .   ? 5.814   3.596   -11.767 1.00 75.03  ? 325 HOH A O   1 
HETATM 1080 O  O   . HOH L 5 .   ? -0.726  -15.697 0.725   1.00 61.99  ? 326 HOH A O   1 
HETATM 1081 O  O   . HOH L 5 .   ? 7.320   3.197   14.255  1.00 64.33  ? 327 HOH A O   1 
HETATM 1082 O  O   . HOH L 5 .   ? 14.450  2.793   7.389   1.00 74.94  ? 328 HOH A O   1 
HETATM 1083 O  O   . HOH L 5 .   ? -9.032  -3.754  7.815   1.00 51.87  ? 329 HOH A O   1 
HETATM 1084 O  O   . HOH L 5 .   ? -7.240  0.099   -4.248  1.00 57.27  ? 330 HOH A O   1 
HETATM 1085 O  O   . HOH L 5 .   ? 7.402   -13.993 -1.411  1.00 86.93  ? 331 HOH A O   1 
HETATM 1086 O  O   . HOH L 5 .   ? 4.135   12.699  8.670   1.00 42.56  ? 332 HOH A O   1 
HETATM 1087 O  O   . HOH L 5 .   ? 10.267  8.644   9.808   1.00 52.88  ? 333 HOH A O   1 
HETATM 1088 O  O   . HOH L 5 .   ? -10.295 3.774   -5.399  1.00 71.94  ? 334 HOH A O   1 
HETATM 1089 O  O   . HOH L 5 .   ? 8.634   1.041   -8.217  1.00 64.30  ? 335 HOH A O   1 
HETATM 1090 O  O   . HOH L 5 .   ? 14.070  7.946   -0.306  1.00 68.40  ? 336 HOH A O   1 
HETATM 1091 O  O   . HOH L 5 .   ? -7.412  5.347   5.759   1.00 52.45  ? 337 HOH A O   1 
HETATM 1092 O  O   . HOH L 5 .   ? -7.455  9.594   -6.169  1.00 77.19  ? 338 HOH A O   1 
HETATM 1093 O  O   . HOH L 5 .   ? 6.107   14.666  -0.305  1.00 62.77  ? 339 HOH A O   1 
HETATM 1094 O  O   . HOH L 5 .   ? -7.558  -10.972 10.876  1.00 36.84  ? 340 HOH A O   1 
HETATM 1095 O  O   . HOH L 5 .   ? 2.646   -17.985 -5.210  1.00 77.74  ? 341 HOH A O   1 
HETATM 1096 O  O   . HOH L 5 .   ? 1.451   5.801   15.042  1.00 55.14  ? 342 HOH A O   1 
HETATM 1097 O  O   . HOH L 5 .   ? -10.675 -11.813 7.073   1.00 64.80  ? 343 HOH A O   1 
HETATM 1098 O  O   . HOH L 5 .   ? 6.815   3.375   -2.974  1.00 41.36  ? 344 HOH A O   1 
HETATM 1099 O  O   . HOH L 5 .   ? 5.085   11.880  4.581   1.00 53.22  ? 345 HOH A O   1 
HETATM 1100 O  O   . HOH L 5 .   ? -5.684  -14.403 -10.254 1.00 84.03  ? 346 HOH A O   1 
HETATM 1101 O  O   . HOH L 5 .   ? 13.507  2.790   -4.548  1.00 55.09  ? 347 HOH A O   1 
HETATM 1102 O  O   . HOH L 5 .   ? 5.921   5.409   15.936  1.00 49.45  ? 348 HOH A O   1 
HETATM 1103 O  O   . HOH L 5 .   ? -9.807  16.345  -6.996  1.00 84.11  ? 349 HOH A O   1 
HETATM 1104 O  O   . HOH L 5 .   ? 2.305   12.423  4.552   1.00 45.21  ? 350 HOH A O   1 
HETATM 1105 O  O   . HOH L 5 .   ? 2.490   6.845   16.290  1.00 65.51  ? 351 HOH A O   1 
HETATM 1106 O  O   . HOH L 5 .   ? 2.159   -4.079  14.316  1.00 44.12  ? 352 HOH A O   1 
HETATM 1107 O  O   . HOH L 5 .   ? 6.657   19.510  3.981   1.00 71.70  ? 353 HOH A O   1 
HETATM 1108 O  O   . HOH L 5 .   ? -8.755  6.512   -2.349  1.00 47.87  ? 354 HOH A O   1 
HETATM 1109 O  O   . HOH L 5 .   ? -7.933  -2.167  -5.403  1.00 63.21  ? 355 HOH A O   1 
HETATM 1110 O  O   . HOH L 5 .   ? -0.686  6.472   14.139  1.00 48.82  ? 356 HOH A O   1 
HETATM 1111 O  O   . HOH L 5 .   ? 4.460   -2.284  -5.323  1.00 50.19  ? 357 HOH A O   1 
HETATM 1112 O  O   . HOH L 5 .   ? 10.469  7.432   -6.893  1.00 63.99  ? 358 HOH A O   1 
HETATM 1113 O  O   . HOH L 5 .   ? 15.009  4.735   8.750   1.00 75.39  ? 359 HOH A O   1 
HETATM 1114 O  O   . HOH L 5 .   ? 7.596   -17.487 -5.989  1.00 92.63  ? 360 HOH A O   1 
HETATM 1115 O  O   . HOH L 5 .   ? -5.491  16.692  -12.785 1.00 93.16  ? 361 HOH A O   1 
HETATM 1116 O  O   . HOH L 5 .   ? -6.874  -15.686 -3.421  1.00 77.10  ? 362 HOH A O   1 
HETATM 1117 O  O   . HOH L 5 .   ? 7.817   14.628  -0.663  1.00 71.41  ? 363 HOH A O   1 
HETATM 1118 O  O   . HOH L 5 .   ? 4.362   18.684  4.743   1.00 86.39  ? 364 HOH A O   1 
HETATM 1119 O  O   . HOH L 5 .   ? -11.205 1.648   -5.952  1.00 71.70  ? 365 HOH A O   1 
HETATM 1120 O  O   . HOH L 5 .   ? -1.345  -13.463 3.331   1.00 49.22  ? 366 HOH A O   1 
HETATM 1121 O  O   . HOH L 5 .   ? 7.825   -3.416  -10.434 1.00 76.30  ? 367 HOH A O   1 
HETATM 1122 O  O   . HOH L 5 .   ? -7.321  17.785  -4.067  1.00 81.73  ? 368 HOH A O   1 
HETATM 1123 O  O   . HOH L 5 .   ? 2.060   -11.648 2.142   1.00 71.22  ? 369 HOH A O   1 
HETATM 1124 O  O   . HOH L 5 .   ? -12.872 -5.330  -0.934  1.00 77.29  ? 370 HOH A O   1 
HETATM 1125 O  O   . HOH L 5 .   ? 3.459   -10.768 1.075   1.00 63.04  ? 371 HOH A O   1 
HETATM 1126 O  O   . HOH L 5 .   ? 11.791  14.830  -6.238  1.00 72.89  ? 372 HOH A O   1 
HETATM 1127 O  O   . HOH L 5 .   ? -6.765  -1.019  -7.690  1.00 65.47  ? 373 HOH A O   1 
HETATM 1128 O  O   . HOH L 5 .   ? -15.152 -15.035 3.755   1.00 91.59  ? 374 HOH A O   1 
HETATM 1129 O  O   . HOH L 5 .   ? -3.722  -13.957 -10.461 1.00 72.21  ? 375 HOH A O   1 
HETATM 1130 O  O   . HOH L 5 .   ? -7.279  8.644   3.110   1.00 73.19  ? 376 HOH A O   1 
HETATM 1131 O  O   . HOH L 5 .   ? -0.639  -1.636  17.319  1.00 94.52  ? 377 HOH A O   1 
HETATM 1132 O  O   . HOH L 5 .   ? 5.765   -11.243 12.112  1.00 93.84  ? 378 HOH A O   1 
HETATM 1133 O  O   . HOH L 5 .   ? -5.739  -18.202 -4.071  1.00 68.74  ? 379 HOH A O   1 
HETATM 1134 O  O   . HOH L 5 .   ? 11.610  4.975   -5.225  1.00 69.61  ? 380 HOH A O   1 
HETATM 1135 O  O   . HOH L 5 .   ? 2.094   0.392   -7.811  1.00 58.79  ? 381 HOH A O   1 
HETATM 1136 O  O   . HOH L 5 .   ? -3.615  1.972   15.368  1.00 54.66  ? 382 HOH A O   1 
HETATM 1137 O  O   . HOH L 5 .   ? -3.623  16.092  14.025  1.00 57.69  ? 383 HOH A O   1 
HETATM 1138 O  O   . HOH L 5 .   ? 6.268   1.692   -7.094  1.00 59.43  ? 384 HOH A O   1 
HETATM 1139 O  O   . HOH L 5 .   ? -9.223  20.023  3.782   1.00 60.33  ? 385 HOH A O   1 
HETATM 1140 O  O   . HOH L 5 .   ? -8.112  8.038   -4.182  1.00 83.16  ? 386 HOH A O   1 
HETATM 1141 O  O   . HOH L 5 .   ? 4.348   -0.296  -7.451  1.00 54.09  ? 387 HOH A O   1 
HETATM 1142 O  O   . HOH L 5 .   ? -10.173 6.734   -4.372  1.00 84.61  ? 388 HOH A O   1 
HETATM 1143 O  O   . HOH L 5 .   ? 9.053   16.807  -4.100  1.00 69.93  ? 389 HOH A O   1 
HETATM 1144 O  O   . HOH L 5 .   ? -9.316  16.104  -4.412  1.00 79.54  ? 390 HOH A O   1 
HETATM 1145 O  O   . HOH L 5 .   ? -9.543  7.991   -0.799  1.00 76.72  ? 391 HOH A O   1 
HETATM 1146 O  O   . HOH L 5 .   ? 1.971   3.405   -9.531  1.00 73.14  ? 392 HOH A O   1 
HETATM 1147 O  O   . HOH L 5 .   ? 4.666   -1.720  -9.678  1.00 88.13  ? 393 HOH A O   1 
# 
